data_1XVR
# 
_entry.id   1XVR 
# 
_audit_conform.dict_name       mmcif_pdbx.dic 
_audit_conform.dict_version    5.403 
_audit_conform.dict_location   http://mmcif.pdb.org/dictionaries/ascii/mmcif_pdbx.dic 
# 
loop_
_database_2.database_id 
_database_2.database_code 
_database_2.pdbx_database_accession 
_database_2.pdbx_DOI 
PDB   1XVR         pdb_00001xvr 10.2210/pdb1xvr/pdb 
NDB   DD0068       ?            ?                   
RCSB  RCSB030820   ?            ?                   
WWPDB D_1000030820 ?            ?                   
# 
loop_
_pdbx_audit_revision_history.ordinal 
_pdbx_audit_revision_history.data_content_type 
_pdbx_audit_revision_history.major_revision 
_pdbx_audit_revision_history.minor_revision 
_pdbx_audit_revision_history.revision_date 
_pdbx_audit_revision_history.part_number 
1 'Structure model' 1 0 2005-04-12 ? 
2 'Structure model' 1 1 2011-06-14 ? 
3 'Structure model' 1 2 2011-07-13 ? 
4 'Structure model' 1 3 2011-07-27 ? 
5 'Structure model' 1 4 2012-12-12 ? 
6 'Structure model' 1 5 2025-03-26 ? 
# 
_pdbx_audit_revision_details.ordinal             1 
_pdbx_audit_revision_details.revision_ordinal    1 
_pdbx_audit_revision_details.data_content_type   'Structure model' 
_pdbx_audit_revision_details.provider            repository 
_pdbx_audit_revision_details.type                'Initial release' 
_pdbx_audit_revision_details.description         ? 
_pdbx_audit_revision_details.details             ? 
# 
loop_
_pdbx_audit_revision_group.ordinal 
_pdbx_audit_revision_group.revision_ordinal 
_pdbx_audit_revision_group.data_content_type 
_pdbx_audit_revision_group.group 
1  2 'Structure model' 'Version format compliance' 
2  3 'Structure model' 'Version format compliance' 
3  4 'Structure model' 'Atomic model'              
4  4 'Structure model' 'Database references'       
5  4 'Structure model' 'Derived calculations'      
6  4 'Structure model' 'Non-polymer description'   
7  4 'Structure model' 'Structure summary'         
8  5 'Structure model' Other                       
9  6 'Structure model' Advisory                    
10 6 'Structure model' 'Data collection'           
11 6 'Structure model' 'Database references'       
12 6 'Structure model' 'Derived calculations'      
13 6 'Structure model' 'Structure summary'         
# 
loop_
_pdbx_audit_revision_category.ordinal 
_pdbx_audit_revision_category.revision_ordinal 
_pdbx_audit_revision_category.data_content_type 
_pdbx_audit_revision_category.category 
1  6 'Structure model' chem_comp_atom                
2  6 'Structure model' chem_comp_bond                
3  6 'Structure model' database_2                    
4  6 'Structure model' pdbx_entry_details            
5  6 'Structure model' pdbx_modification_feature     
6  6 'Structure model' pdbx_struct_conn_angle        
7  6 'Structure model' pdbx_validate_polymer_linkage 
8  6 'Structure model' struct_conn                   
9  6 'Structure model' struct_conn_type              
10 6 'Structure model' struct_site                   
# 
loop_
_pdbx_audit_revision_item.ordinal 
_pdbx_audit_revision_item.revision_ordinal 
_pdbx_audit_revision_item.data_content_type 
_pdbx_audit_revision_item.item 
1  6 'Structure model' '_database_2.pdbx_DOI'                         
2  6 'Structure model' '_database_2.pdbx_database_accession'          
3  6 'Structure model' '_pdbx_entry_details.has_protein_modification' 
4  6 'Structure model' '_pdbx_struct_conn_angle.ptnr1_auth_asym_id'   
5  6 'Structure model' '_pdbx_struct_conn_angle.ptnr1_auth_seq_id'    
6  6 'Structure model' '_pdbx_struct_conn_angle.ptnr1_label_asym_id'  
7  6 'Structure model' '_pdbx_struct_conn_angle.ptnr3_auth_asym_id'   
8  6 'Structure model' '_pdbx_struct_conn_angle.ptnr3_auth_seq_id'    
9  6 'Structure model' '_pdbx_struct_conn_angle.ptnr3_label_asym_id'  
10 6 'Structure model' '_pdbx_struct_conn_angle.value'                
11 6 'Structure model' '_struct_conn.conn_type_id'                    
12 6 'Structure model' '_struct_conn.id'                              
13 6 'Structure model' '_struct_conn.pdbx_dist_value'                 
14 6 'Structure model' '_struct_conn.pdbx_leaving_atom_flag'          
15 6 'Structure model' '_struct_conn.ptnr1_auth_asym_id'              
16 6 'Structure model' '_struct_conn.ptnr1_auth_comp_id'              
17 6 'Structure model' '_struct_conn.ptnr1_auth_seq_id'               
18 6 'Structure model' '_struct_conn.ptnr1_label_asym_id'             
19 6 'Structure model' '_struct_conn.ptnr1_label_atom_id'             
20 6 'Structure model' '_struct_conn.ptnr1_label_comp_id'             
21 6 'Structure model' '_struct_conn.ptnr1_label_seq_id'              
22 6 'Structure model' '_struct_conn.ptnr2_auth_asym_id'              
23 6 'Structure model' '_struct_conn.ptnr2_auth_comp_id'              
24 6 'Structure model' '_struct_conn.ptnr2_auth_seq_id'               
25 6 'Structure model' '_struct_conn.ptnr2_label_asym_id'             
26 6 'Structure model' '_struct_conn.ptnr2_label_atom_id'             
27 6 'Structure model' '_struct_conn.ptnr2_label_comp_id'             
28 6 'Structure model' '_struct_conn.ptnr2_label_seq_id'              
29 6 'Structure model' '_struct_conn.ptnr2_symmetry'                  
30 6 'Structure model' '_struct_conn_type.id'                         
31 6 'Structure model' '_struct_site.pdbx_auth_asym_id'               
32 6 'Structure model' '_struct_site.pdbx_auth_comp_id'               
33 6 'Structure model' '_struct_site.pdbx_auth_seq_id'                
# 
_pdbx_database_status.status_code                     REL 
_pdbx_database_status.entry_id                        1XVR 
_pdbx_database_status.recvd_initial_deposition_date   2004-10-28 
_pdbx_database_status.deposit_site                    RCSB 
_pdbx_database_status.process_site                    RCSB 
_pdbx_database_status.status_code_sf                  REL 
_pdbx_database_status.status_code_mr                  ? 
_pdbx_database_status.SG_entry                        ? 
_pdbx_database_status.status_code_cs                  ? 
_pdbx_database_status.methods_development_category    ? 
_pdbx_database_status.pdb_format_compatible           Y 
_pdbx_database_status.status_code_nmr_data            ? 
# 
loop_
_pdbx_database_related.db_name 
_pdbx_database_related.db_id 
_pdbx_database_related.content_type 
_pdbx_database_related.details 
PDB 185D unspecified 'SOLUTION STRUCTURE OF D(GACGTC) COMPLEXED WITH TRIOSTIN A'                                 
PDB 193D unspecified 'SOLUTION STRUCTURE OF D(ACACGTGT) COMPLEXED WITH QUINOMYCIN UK-6305'                       
PDB 1PFE unspecified 'CRYSTAL STRUCTURE OF D(GCGTACG) COMPLEXED WITH ECHINOMYCIN - SPACE GROUP P6322'            
PDB 1VS2 unspecified 'CRYSTAL STRUCTURE OF D(GCGTACGC) COMPLEXED WITH TRIOSIN A'                                 
PDB 1XVK unspecified 'CRYSTAL STRUCTURE OF D(GCGTACGC) COMPLEXED WITH ECHINOMYCIN - SPACE GROUP P632'            
PDB 1XVN unspecified 'CRYSTAL STRUCTURE OF D(ACGTACGT) COMPLEXED WITH ECHINOMYCIN - SPACE GROUP P632'            
PDB 2ADW unspecified 'CRYSTAL STRUCTURE OF D(ACGTACGT) COMPLEXED WITH ECHINOMYCIN - SPACE GROUP P42212'          
PDB 2DA8 unspecified 'SOLUTION STRUCTURE OF D(GATATC) COMPLEXED WITH A MODIFIED TRIOSTIN A AT POSITIONS 4 AND 8' 
PDB 3GO3 unspecified 'CRYSTAL STRUCTURE OF D(ACGTACGT) COMPLEXED WITH ECHINOMYCIN - SPACE GROUP P41212'          
# 
loop_
_audit_author.name 
_audit_author.pdbx_ordinal 
'Cuesta-Seijo, J.A.' 1 
'Sheldrick, G.M.'    2 
# 
_citation.id                        primary 
_citation.title                     'Structures of Complexes between Echinomycin and Duplex DNA.' 
_citation.journal_abbrev            'Acta Crystallogr.,Sect.D' 
_citation.journal_volume            61 
_citation.page_first                442 
_citation.page_last                 ? 
_citation.year                      2005 
_citation.journal_id_ASTM           ABCRE6 
_citation.country                   DK 
_citation.journal_id_ISSN           0907-4449 
_citation.journal_id_CSD            0766 
_citation.book_publisher            ? 
_citation.pdbx_database_id_PubMed   15805599 
_citation.pdbx_database_id_DOI      10.1107/S090744490500137X 
# 
loop_
_citation_author.citation_id 
_citation_author.name 
_citation_author.ordinal 
_citation_author.identifier_ORCID 
primary 'Cuesta-Seijo, J.A.' 1 ? 
primary 'Sheldrick, G.M.'    2 ? 
# 
loop_
_entity.id 
_entity.type 
_entity.src_method 
_entity.pdbx_description 
_entity.formula_weight 
_entity.pdbx_number_of_molecules 
_entity.pdbx_ec 
_entity.pdbx_mutation 
_entity.pdbx_fragment 
_entity.details 
1 polymer     syn "5'-D(*CP*GP*TP*AP*CP*G)-3'" 1809.217 2  ? ? ? ? 
2 polymer     nat ECHINOMYCIN                  809.008  2  ? ? ? ? 
3 non-polymer syn 'MAGNESIUM ION'              24.305   2  ? ? ? ? 
4 non-polymer syn 2-CARBOXYQUINOXALINE         174.156  4  ? ? ? ? 
5 water       nat water                        18.015   43 ? ? ? ? 
# 
_entity_name_com.entity_id   2 
_entity_name_com.name        'QUINOMYCIN A' 
# 
loop_
_entity_poly.entity_id 
_entity_poly.type 
_entity_poly.nstd_linkage 
_entity_poly.nstd_monomer 
_entity_poly.pdbx_seq_one_letter_code 
_entity_poly.pdbx_seq_one_letter_code_can 
_entity_poly.pdbx_strand_id 
_entity_poly.pdbx_target_identifier 
1 polydeoxyribonucleotide no no  '(DC)(DG)(DT)(DA)(DC)(DG)'         CGTACG   A,C ? 
2 'polypeptide(L)'        no yes '(DSN)A(N2C)(MVA)(DSN)A(NCY)(MVA)' SAXVSAXV D,E ? 
# 
loop_
_pdbx_entity_nonpoly.entity_id 
_pdbx_entity_nonpoly.name 
_pdbx_entity_nonpoly.comp_id 
3 'MAGNESIUM ION'      MG  
4 2-CARBOXYQUINOXALINE QUI 
5 water                HOH 
# 
loop_
_entity_poly_seq.entity_id 
_entity_poly_seq.num 
_entity_poly_seq.mon_id 
_entity_poly_seq.hetero 
1 1 DC  n 
1 2 DG  n 
1 3 DT  n 
1 4 DA  n 
1 5 DC  n 
1 6 DG  n 
2 1 DSN n 
2 2 ALA n 
2 3 N2C n 
2 4 MVA n 
2 5 DSN n 
2 6 ALA n 
2 7 NCY n 
2 8 MVA n 
# 
_entity_src_nat.entity_id                  2 
_entity_src_nat.pdbx_src_id                1 
_entity_src_nat.pdbx_alt_source_flag       sample 
_entity_src_nat.pdbx_beg_seq_num           ? 
_entity_src_nat.pdbx_end_seq_num           ? 
_entity_src_nat.common_name                ? 
_entity_src_nat.pdbx_organism_scientific   'STREPTOMYCES ECHINATUS' 
_entity_src_nat.pdbx_ncbi_taxonomy_id      67293 
_entity_src_nat.genus                      ? 
_entity_src_nat.species                    ? 
_entity_src_nat.strain                     ? 
_entity_src_nat.tissue                     ? 
_entity_src_nat.tissue_fraction            ? 
_entity_src_nat.pdbx_secretion             ? 
_entity_src_nat.pdbx_fragment              ? 
_entity_src_nat.pdbx_variant               ? 
_entity_src_nat.pdbx_cell_line             ? 
_entity_src_nat.pdbx_atcc                  ? 
_entity_src_nat.pdbx_cellular_location     ? 
_entity_src_nat.pdbx_organ                 ? 
_entity_src_nat.pdbx_organelle             ? 
_entity_src_nat.pdbx_cell                  ? 
_entity_src_nat.pdbx_plasmid_name          ? 
_entity_src_nat.pdbx_plasmid_details       ? 
_entity_src_nat.details                    ? 
# 
loop_
_chem_comp.id 
_chem_comp.type 
_chem_comp.mon_nstd_flag 
_chem_comp.name 
_chem_comp.pdbx_synonyms 
_chem_comp.formula 
_chem_comp.formula_weight 
ALA 'L-peptide linking' y ALANINE                              ? 'C3 H7 N O2'      89.093  
DA  'DNA linking'       y "2'-DEOXYADENOSINE-5'-MONOPHOSPHATE" ? 'C10 H14 N5 O6 P' 331.222 
DC  'DNA linking'       y "2'-DEOXYCYTIDINE-5'-MONOPHOSPHATE"  ? 'C9 H14 N3 O7 P'  307.197 
DG  'DNA linking'       y "2'-DEOXYGUANOSINE-5'-MONOPHOSPHATE" ? 'C10 H14 N5 O7 P' 347.221 
DSN 'D-peptide linking' . D-SERINE                             ? 'C3 H7 N O3'      105.093 
DT  'DNA linking'       y "THYMIDINE-5'-MONOPHOSPHATE"         ? 'C10 H15 N2 O8 P' 322.208 
HOH non-polymer         . WATER                                ? 'H2 O'            18.015  
MG  non-polymer         . 'MAGNESIUM ION'                      ? 'Mg 2'            24.305  
MVA 'L-peptide linking' n N-METHYLVALINE                       ? 'C6 H13 N O2'     131.173 
N2C 'L-peptide linking' . N,S-DIMETHYLCYSTEINE                 ? 'C5 H11 N O2 S'   149.211 
NCY 'L-peptide linking' . N-METHYLCYSTEINE                     ? 'C4 H9 N O2 S'    135.185 
QUI non-polymer         . 2-CARBOXYQUINOXALINE                 ? 'C9 H6 N2 O2'     174.156 
# 
loop_
_pdbx_poly_seq_scheme.asym_id 
_pdbx_poly_seq_scheme.entity_id 
_pdbx_poly_seq_scheme.seq_id 
_pdbx_poly_seq_scheme.mon_id 
_pdbx_poly_seq_scheme.ndb_seq_num 
_pdbx_poly_seq_scheme.pdb_seq_num 
_pdbx_poly_seq_scheme.auth_seq_num 
_pdbx_poly_seq_scheme.pdb_mon_id 
_pdbx_poly_seq_scheme.auth_mon_id 
_pdbx_poly_seq_scheme.pdb_strand_id 
_pdbx_poly_seq_scheme.pdb_ins_code 
_pdbx_poly_seq_scheme.hetero 
A 1 1 DC  1 2   2   DC  DC  A . n 
A 1 2 DG  2 3   3   DG  DG  A . n 
A 1 3 DT  3 4   4   DT  DT  A . n 
A 1 4 DA  4 5   5   DA  DA  A . n 
A 1 5 DC  5 6   6   DC  DC  A . n 
A 1 6 DG  6 7   7   DG  DG  A . n 
B 1 1 DC  1 102 102 DC  DC  C . n 
B 1 2 DG  2 103 103 DG  DG  C . n 
B 1 3 DT  3 104 104 DT  DT  C . n 
B 1 4 DA  4 105 105 DA  DA  C . n 
B 1 5 DC  5 106 106 DC  DC  C . n 
B 1 6 DG  6 107 107 DG  DG  C . n 
C 2 1 DSN 1 1   1   DSN DSN D . n 
C 2 2 ALA 2 2   2   ALA ALA D . n 
C 2 3 N2C 3 3   3   N2C N2C D . n 
C 2 4 MVA 4 4   4   MVA MVA D . n 
C 2 5 DSN 5 5   5   DSN DSN D . n 
C 2 6 ALA 6 6   6   ALA ALA D . n 
C 2 7 NCY 7 7   7   NCY NCY D . n 
C 2 8 MVA 8 8   8   MVA MVA D . n 
D 2 1 DSN 1 1   1   DSN DSN E . n 
D 2 2 ALA 2 2   2   ALA ALA E . n 
D 2 3 N2C 3 3   3   N2C N2C E . n 
D 2 4 MVA 4 4   4   MVA MVA E . n 
D 2 5 DSN 5 5   5   DSN DSN E . n 
D 2 6 ALA 6 6   6   ALA ALA E . n 
D 2 7 NCY 7 7   7   NCY NCY E . n 
D 2 8 MVA 8 8   8   MVA MVA E . n 
# 
loop_
_pdbx_nonpoly_scheme.asym_id 
_pdbx_nonpoly_scheme.entity_id 
_pdbx_nonpoly_scheme.mon_id 
_pdbx_nonpoly_scheme.ndb_seq_num 
_pdbx_nonpoly_scheme.pdb_seq_num 
_pdbx_nonpoly_scheme.auth_seq_num 
_pdbx_nonpoly_scheme.pdb_mon_id 
_pdbx_nonpoly_scheme.auth_mon_id 
_pdbx_nonpoly_scheme.pdb_strand_id 
_pdbx_nonpoly_scheme.pdb_ins_code 
E 3 MG  1  201  201  MG  MG  A . 
F 3 MG  1  211  211  MG  MG  C . 
G 4 QUI 1  0    0    QUI QUI D . 
H 4 QUI 1  9    9    QUI QUI D . 
I 4 QUI 1  0    0    QUI QUI E . 
J 4 QUI 1  9    9    QUI QUI E . 
K 5 HOH 1  2001 2001 HOH HOH A . 
K 5 HOH 2  2002 2002 HOH HOH A . 
K 5 HOH 3  2003 2003 HOH HOH A . 
K 5 HOH 4  2004 2004 HOH HOH A . 
K 5 HOH 5  2005 2005 HOH HOH A . 
K 5 HOH 6  2006 2006 HOH HOH A . 
K 5 HOH 7  2007 2007 HOH HOH A . 
K 5 HOH 8  2008 2008 HOH HOH A . 
K 5 HOH 9  2009 2009 HOH HOH A . 
K 5 HOH 10 2010 2010 HOH HOH A . 
K 5 HOH 11 2011 2011 HOH HOH A . 
K 5 HOH 12 2012 2012 HOH HOH A . 
K 5 HOH 13 2013 2013 HOH HOH A . 
K 5 HOH 14 2014 2014 HOH HOH A . 
K 5 HOH 15 2015 2015 HOH HOH A . 
K 5 HOH 16 2016 2016 HOH HOH A . 
K 5 HOH 17 2017 2017 HOH HOH A . 
L 5 HOH 1  2001 2001 HOH HOH C . 
L 5 HOH 2  2002 2002 HOH HOH C . 
L 5 HOH 3  2003 2003 HOH HOH C . 
L 5 HOH 4  2004 2004 HOH HOH C . 
L 5 HOH 5  2005 2005 HOH HOH C . 
L 5 HOH 6  2006 2006 HOH HOH C . 
L 5 HOH 7  2007 2007 HOH HOH C . 
L 5 HOH 8  2008 2008 HOH HOH C . 
L 5 HOH 9  2009 2009 HOH HOH C . 
L 5 HOH 10 2010 2010 HOH HOH C . 
L 5 HOH 11 2011 2011 HOH HOH C . 
L 5 HOH 12 2012 2012 HOH HOH C . 
L 5 HOH 13 2013 2013 HOH HOH C . 
L 5 HOH 14 2014 2014 HOH HOH C . 
M 5 HOH 1  2001 2001 HOH HOH D . 
M 5 HOH 2  2002 2002 HOH HOH D . 
M 5 HOH 3  2003 2003 HOH HOH D . 
M 5 HOH 4  2004 2004 HOH HOH D . 
M 5 HOH 5  2005 2005 HOH HOH D . 
N 5 HOH 1  2001 2001 HOH HOH E . 
N 5 HOH 2  2002 2002 HOH HOH E . 
N 5 HOH 3  2003 2003 HOH HOH E . 
N 5 HOH 4  2004 2004 HOH HOH E . 
N 5 HOH 5  2005 2005 HOH HOH E . 
N 5 HOH 6  2006 2006 HOH HOH E . 
N 5 HOH 7  2007 2007 HOH HOH E . 
# 
loop_
_software.name 
_software.classification 
_software.version 
_software.citation_id 
_software.pdbx_ordinal 
EPMR      phasing          . ? 1 
SHELXL-97 refinement       . ? 2 
HKL-2000  'data reduction' . ? 3 
XDS       'data scaling'   . ? 4 
# 
_cell.entry_id           1XVR 
_cell.length_a           29.512 
_cell.length_b           62.616 
_cell.length_c           34.143 
_cell.angle_alpha        90.00 
_cell.angle_beta         114.99 
_cell.angle_gamma        90.00 
_cell.Z_PDB              8 
_cell.pdbx_unique_axis   ? 
_cell.length_a_esd       ? 
_cell.length_b_esd       ? 
_cell.length_c_esd       ? 
_cell.angle_alpha_esd    ? 
_cell.angle_beta_esd     ? 
_cell.angle_gamma_esd    ? 
# 
_symmetry.entry_id                         1XVR 
_symmetry.space_group_name_H-M             'C 1 2 1' 
_symmetry.pdbx_full_space_group_name_H-M   ? 
_symmetry.cell_setting                     ? 
_symmetry.Int_Tables_number                5 
_symmetry.space_group_name_Hall            ? 
# 
_exptl.entry_id          1XVR 
_exptl.method            'X-RAY DIFFRACTION' 
_exptl.crystals_number   1 
# 
_exptl_crystal.id                    1 
_exptl_crystal.density_meas          ? 
_exptl_crystal.density_Matthews      2.35 
_exptl_crystal.density_percent_sol   47.32 
_exptl_crystal.description           ? 
_exptl_crystal.F_000                 ? 
_exptl_crystal.preparation           ? 
# 
_exptl_crystal_grow.crystal_id      1 
_exptl_crystal_grow.method          ? 
_exptl_crystal_grow.temp            ? 
_exptl_crystal_grow.temp_details    ? 
_exptl_crystal_grow.pH              6 
_exptl_crystal_grow.pdbx_pH_range   ? 
_exptl_crystal_grow.pdbx_details    'MPD, MGCL2, MES, SPERMINE-HCL, PH 6, VAPOR DIFFUSION, HANGING DROP, TEMPERATURE 285K' 
# 
loop_
_exptl_crystal_grow_comp.crystal_id 
_exptl_crystal_grow_comp.id 
_exptl_crystal_grow_comp.sol_id 
_exptl_crystal_grow_comp.name 
_exptl_crystal_grow_comp.volume 
_exptl_crystal_grow_comp.conc 
_exptl_crystal_grow_comp.details 
1 1 1 MPD          ? ? ? 
1 2 1 MgCl2        ? ? ? 
1 3 1 MES          ? ? ? 
1 4 1 spermine-HCl ? ? ? 
1 5 1 H2O          ? ? ? 
1 6 2 MPD          ? ? ? 
1 7 2 MgCl2        ? ? ? 
# 
_diffrn.id                     1 
_diffrn.ambient_temp           100 
_diffrn.ambient_temp_details   ? 
_diffrn.crystal_id             1 
# 
_diffrn_detector.diffrn_id              1 
_diffrn_detector.detector               CCD 
_diffrn_detector.type                   'MAR CCD 165 mm' 
_diffrn_detector.pdbx_collection_date   2003-12-11 
_diffrn_detector.details                ? 
# 
_diffrn_radiation.diffrn_id                        1 
_diffrn_radiation.wavelength_id                    1 
_diffrn_radiation.pdbx_monochromatic_or_laue_m_l   M 
_diffrn_radiation.monochromator                    'SI-111 CRYSTAL' 
_diffrn_radiation.pdbx_diffrn_protocol             'SINGLE WAVELENGTH' 
_diffrn_radiation.pdbx_scattering_type             x-ray 
# 
_diffrn_radiation_wavelength.id           1 
_diffrn_radiation_wavelength.wavelength   0.9 
_diffrn_radiation_wavelength.wt           1.0 
# 
_diffrn_source.diffrn_id                   1 
_diffrn_source.source                      SYNCHROTRON 
_diffrn_source.type                        'BESSY BEAMLINE 14.1' 
_diffrn_source.pdbx_synchrotron_site       BESSY 
_diffrn_source.pdbx_synchrotron_beamline   14.1 
_diffrn_source.pdbx_wavelength             0.9 
_diffrn_source.pdbx_wavelength_list        ? 
# 
_reflns.pdbx_diffrn_id               1 
_reflns.pdbx_ordinal                 1 
_reflns.entry_id                     1XVR 
_reflns.observed_criterion_sigma_I   0.000 
_reflns.observed_criterion_sigma_F   ? 
_reflns.d_resolution_low             16.500 
_reflns.d_resolution_high            1.400 
_reflns.number_obs                   10857 
_reflns.number_all                   ? 
_reflns.percent_possible_obs         97.8 
_reflns.pdbx_Rmerge_I_obs            0.05460 
_reflns.pdbx_Rsym_value              0.05460 
_reflns.pdbx_netI_over_sigmaI        12.7200 
_reflns.B_iso_Wilson_estimate        ? 
_reflns.pdbx_redundancy              3.820 
_reflns.R_free_details               ? 
_reflns.pdbx_chi_squared             ? 
_reflns.pdbx_scaling_rejects         ? 
# 
_reflns_shell.pdbx_diffrn_id         1 
_reflns_shell.pdbx_ordinal           1 
_reflns_shell.d_res_high             1.40 
_reflns_shell.d_res_low              1.50 
_reflns_shell.percent_possible_all   94.3 
_reflns_shell.Rmerge_I_obs           0.27500 
_reflns_shell.pdbx_Rsym_value        0.27500 
_reflns_shell.meanI_over_sigI_obs    4.870 
_reflns_shell.pdbx_redundancy        3.53 
_reflns_shell.percent_possible_obs   ? 
_reflns_shell.number_unique_all      ? 
_reflns_shell.number_measured_all    ? 
_reflns_shell.number_measured_obs    ? 
_reflns_shell.number_unique_obs      ? 
_reflns_shell.pdbx_chi_squared       ? 
# 
_refine.pdbx_refine_id                           'X-RAY DIFFRACTION' 
_refine.entry_id                                 1XVR 
_refine.pdbx_diffrn_id                           1 
_refine.pdbx_TLS_residual_ADP_flag               ? 
_refine.ls_number_reflns_obs                     ? 
_refine.ls_number_reflns_all                     10857 
_refine.pdbx_ls_sigma_I                          ? 
_refine.pdbx_ls_sigma_F                          0.000 
_refine.pdbx_data_cutoff_high_absF               ? 
_refine.pdbx_data_cutoff_low_absF                ? 
_refine.pdbx_data_cutoff_high_rms_absF           ? 
_refine.ls_d_res_low                             16.50 
_refine.ls_d_res_high                            1.40 
_refine.ls_percent_reflns_obs                    97.8 
_refine.ls_R_factor_obs                          0.189 
_refine.ls_R_factor_all                          0.189 
_refine.ls_R_factor_R_work                       ? 
_refine.ls_R_factor_R_free                       0.235 
_refine.ls_R_factor_R_free_error                 ? 
_refine.ls_R_factor_R_free_error_details         ? 
_refine.ls_percent_reflns_R_free                 ? 
_refine.ls_number_reflns_R_free                  1089 
_refine.ls_number_parameters                     ? 
_refine.ls_number_restraints                     ? 
_refine.occupancy_min                            ? 
_refine.occupancy_max                            ? 
_refine.correlation_coeff_Fo_to_Fc               ? 
_refine.correlation_coeff_Fo_to_Fc_free          ? 
_refine.B_iso_mean                               ? 
_refine.aniso_B[1][1]                            ? 
_refine.aniso_B[2][2]                            ? 
_refine.aniso_B[3][3]                            ? 
_refine.aniso_B[1][2]                            ? 
_refine.aniso_B[1][3]                            ? 
_refine.aniso_B[2][3]                            ? 
_refine.solvent_model_details                    ? 
_refine.solvent_model_param_ksol                 ? 
_refine.solvent_model_param_bsol                 ? 
_refine.pdbx_solvent_vdw_probe_radii             ? 
_refine.pdbx_solvent_ion_probe_radii             ? 
_refine.pdbx_solvent_shrinkage_radii             ? 
_refine.pdbx_ls_cross_valid_method               'FREE R' 
_refine.details                                  ? 
_refine.pdbx_starting_model                      ? 
_refine.pdbx_method_to_determine_struct          MR 
_refine.pdbx_isotropic_thermal_model             ? 
_refine.pdbx_stereochemistry_target_values       'ENGH AND HUBER' 
_refine.pdbx_stereochem_target_val_spec_case     ? 
_refine.pdbx_R_Free_selection_details            RANDOM 
_refine.pdbx_overall_ESU_R                       ? 
_refine.pdbx_overall_ESU_R_Free                  ? 
_refine.overall_SU_ML                            ? 
_refine.pdbx_overall_phase_error                 ? 
_refine.overall_SU_B                             ? 
_refine.overall_SU_R_Cruickshank_DPI             ? 
_refine.pdbx_overall_SU_R_free_Cruickshank_DPI   ? 
_refine.pdbx_overall_SU_R_Blow_DPI               ? 
_refine.pdbx_overall_SU_R_free_Blow_DPI          ? 
_refine.ls_redundancy_reflns_obs                 ? 
_refine.overall_SU_R_free                        ? 
_refine.ls_wR_factor_R_free                      ? 
_refine.ls_wR_factor_R_work                      ? 
_refine.overall_FOM_free_R_set                   ? 
_refine.overall_FOM_work_R_set                   ? 
# 
_refine_analyze.pdbx_refine_id                  'X-RAY DIFFRACTION' 
_refine_analyze.entry_id                        1XVR 
_refine_analyze.Luzzati_coordinate_error_obs    ? 
_refine_analyze.Luzzati_sigma_a_obs             ? 
_refine_analyze.Luzzati_d_res_low_obs           ? 
_refine_analyze.Luzzati_coordinate_error_free   ? 
_refine_analyze.Luzzati_sigma_a_free            ? 
_refine_analyze.Luzzati_d_res_low_free          ? 
_refine_analyze.number_disordered_residues      4 
_refine_analyze.occupancy_sum_hydrogen          ? 
_refine_analyze.occupancy_sum_non_hydrogen      ? 
# 
_refine_hist.pdbx_refine_id                   'X-RAY DIFFRACTION' 
_refine_hist.cycle_id                         LAST 
_refine_hist.pdbx_number_atoms_protein        106 
_refine_hist.pdbx_number_atoms_nucleic_acid   240 
_refine_hist.pdbx_number_atoms_ligand         50 
_refine_hist.number_atoms_solvent             43 
_refine_hist.number_atoms_total               439 
_refine_hist.d_res_high                       1.40 
_refine_hist.d_res_low                        16.50 
# 
_pdbx_refine.pdbx_refine_id                              'X-RAY DIFFRACTION' 
_pdbx_refine.entry_id                                    1XVR 
_pdbx_refine.R_factor_all_no_cutoff                      0.189 
_pdbx_refine.R_factor_obs_no_cutoff                      0.189 
_pdbx_refine.free_R_factor_no_cutoff                     0.235 
_pdbx_refine.free_R_error_no_cutoff                      ? 
_pdbx_refine.free_R_val_test_set_size_perc_no_cutoff     ? 
_pdbx_refine.free_R_val_test_set_ct_no_cutoff            1089 
_pdbx_refine.R_factor_all_4sig_cutoff                    ? 
_pdbx_refine.R_factor_obs_4sig_cutoff                    ? 
_pdbx_refine.free_R_factor_4sig_cutoff                   ? 
_pdbx_refine.free_R_val_test_set_size_perc_4sig_cutoff   ? 
_pdbx_refine.free_R_val_test_set_ct_4sig_cutoff          ? 
_pdbx_refine.number_reflns_obs_4sig_cutoff               ? 
# 
_struct.entry_id                  1XVR 
_struct.title                     'echinomycin (CGTACG)2 complex' 
_struct.pdbx_model_details        ? 
_struct.pdbx_CASP_flag            ? 
_struct.pdbx_model_type_details   ? 
# 
_struct_keywords.entry_id        1XVR 
_struct_keywords.pdbx_keywords   DNA/ANTIBIOTIC 
_struct_keywords.text            
'BISINTERCALATOR, HOOGSTEEN BASEPAIR, DEPSIPEPTIDE, QUINOXALINE, THIOACETAL, ANTIBIOTIC, ANTITUMOR, DNA-ANTIBIOTIC COMPLEX' 
# 
loop_
_struct_asym.id 
_struct_asym.pdbx_blank_PDB_chainid_flag 
_struct_asym.pdbx_modified 
_struct_asym.entity_id 
_struct_asym.details 
A N N 1 ? 
B N N 1 ? 
C N N 2 ? 
D N N 2 ? 
E N N 3 ? 
F N N 3 ? 
G N N 4 ? 
H N N 4 ? 
I N N 4 ? 
J N N 4 ? 
K N N 5 ? 
L N N 5 ? 
M N N 5 ? 
N N N 5 ? 
# 
loop_
_struct_ref.id 
_struct_ref.db_name 
_struct_ref.db_code 
_struct_ref.entity_id 
_struct_ref.pdbx_seq_one_letter_code 
_struct_ref.pdbx_align_begin 
_struct_ref.pdbx_db_accession 
_struct_ref.pdbx_db_isoform 
1 PDB 1XVR     1 ? ? 1XVR     ? 
2 NOR NOR01126 2 ? ? NOR01126 ? 
# 
loop_
_struct_ref_seq.align_id 
_struct_ref_seq.ref_id 
_struct_ref_seq.pdbx_PDB_id_code 
_struct_ref_seq.pdbx_strand_id 
_struct_ref_seq.seq_align_beg 
_struct_ref_seq.pdbx_seq_align_beg_ins_code 
_struct_ref_seq.seq_align_end 
_struct_ref_seq.pdbx_seq_align_end_ins_code 
_struct_ref_seq.pdbx_db_accession 
_struct_ref_seq.db_align_beg 
_struct_ref_seq.pdbx_db_align_beg_ins_code 
_struct_ref_seq.db_align_end 
_struct_ref_seq.pdbx_db_align_end_ins_code 
_struct_ref_seq.pdbx_auth_seq_align_beg 
_struct_ref_seq.pdbx_auth_seq_align_end 
1 1 1XVR A 1 ? 6 ? 1XVR     2   ? 7   ? 2   7   
2 1 1XVR C 1 ? 6 ? 1XVR     102 ? 107 ? 102 107 
3 2 1XVR D 1 ? 8 ? NOR01126 1   ? 8   ? 1   8   
4 2 1XVR E 1 ? 8 ? NOR01126 1   ? 8   ? 1   8   
# 
_pdbx_struct_assembly.id                   1 
_pdbx_struct_assembly.details              software_defined_assembly 
_pdbx_struct_assembly.method_details       PISA 
_pdbx_struct_assembly.oligomeric_details   tetrameric 
_pdbx_struct_assembly.oligomeric_count     4 
# 
loop_
_pdbx_struct_assembly_prop.biol_id 
_pdbx_struct_assembly_prop.type 
_pdbx_struct_assembly_prop.value 
_pdbx_struct_assembly_prop.details 
1 'ABSA (A^2)' 560  ? 
1 MORE         -3.8 ? 
1 'SSA (A^2)'  2840 ? 
# 
_pdbx_struct_assembly_gen.assembly_id       1 
_pdbx_struct_assembly_gen.oper_expression   1 
_pdbx_struct_assembly_gen.asym_id_list      A,B,C,D,E,F,G,H,I,J,K,L,M,N 
# 
_pdbx_struct_oper_list.id                   1 
_pdbx_struct_oper_list.type                 'identity operation' 
_pdbx_struct_oper_list.name                 1_555 
_pdbx_struct_oper_list.symmetry_operation   x,y,z 
_pdbx_struct_oper_list.matrix[1][1]         1.0000000000 
_pdbx_struct_oper_list.matrix[1][2]         0.0000000000 
_pdbx_struct_oper_list.matrix[1][3]         0.0000000000 
_pdbx_struct_oper_list.vector[1]            0.0000000000 
_pdbx_struct_oper_list.matrix[2][1]         0.0000000000 
_pdbx_struct_oper_list.matrix[2][2]         1.0000000000 
_pdbx_struct_oper_list.matrix[2][3]         0.0000000000 
_pdbx_struct_oper_list.vector[2]            0.0000000000 
_pdbx_struct_oper_list.matrix[3][1]         0.0000000000 
_pdbx_struct_oper_list.matrix[3][2]         0.0000000000 
_pdbx_struct_oper_list.matrix[3][3]         1.0000000000 
_pdbx_struct_oper_list.vector[3]            0.0000000000 
# 
_struct_biol.id        1 
_struct_biol.details   ? 
# 
loop_
_struct_conn.id 
_struct_conn.conn_type_id 
_struct_conn.pdbx_leaving_atom_flag 
_struct_conn.pdbx_PDB_id 
_struct_conn.ptnr1_label_asym_id 
_struct_conn.ptnr1_label_comp_id 
_struct_conn.ptnr1_label_seq_id 
_struct_conn.ptnr1_label_atom_id 
_struct_conn.pdbx_ptnr1_label_alt_id 
_struct_conn.pdbx_ptnr1_PDB_ins_code 
_struct_conn.pdbx_ptnr1_standard_comp_id 
_struct_conn.ptnr1_symmetry 
_struct_conn.ptnr2_label_asym_id 
_struct_conn.ptnr2_label_comp_id 
_struct_conn.ptnr2_label_seq_id 
_struct_conn.ptnr2_label_atom_id 
_struct_conn.pdbx_ptnr2_label_alt_id 
_struct_conn.pdbx_ptnr2_PDB_ins_code 
_struct_conn.ptnr1_auth_asym_id 
_struct_conn.ptnr1_auth_comp_id 
_struct_conn.ptnr1_auth_seq_id 
_struct_conn.ptnr2_auth_asym_id 
_struct_conn.ptnr2_auth_comp_id 
_struct_conn.ptnr2_auth_seq_id 
_struct_conn.ptnr2_symmetry 
_struct_conn.pdbx_ptnr3_label_atom_id 
_struct_conn.pdbx_ptnr3_label_seq_id 
_struct_conn.pdbx_ptnr3_label_comp_id 
_struct_conn.pdbx_ptnr3_label_asym_id 
_struct_conn.pdbx_ptnr3_label_alt_id 
_struct_conn.pdbx_ptnr3_PDB_ins_code 
_struct_conn.details 
_struct_conn.pdbx_dist_value 
_struct_conn.pdbx_value_order 
_struct_conn.pdbx_role 
covale1  covale both ? G QUI . C  ? ? ? 1_555 C DSN 1 N  ? ? D QUI 0   D DSN 1    1_555 ? ? ? ? ? ? ?            1.361 ? ? 
covale2  covale both ? C DSN 1 C  ? ? ? 1_555 C ALA 2 N  ? ? D DSN 1   D ALA 2    1_555 ? ? ? ? ? ? ?            1.330 ? ? 
covale3  covale one  ? C DSN 1 OG ? ? ? 1_555 C MVA 8 C  ? ? D DSN 1   D MVA 8    1_555 ? ? ? ? ? ? ?            1.331 ? ? 
covale4  covale both ? C ALA 2 C  ? ? ? 1_555 C N2C 3 N  ? ? D ALA 2   D N2C 3    1_555 ? ? ? ? ? ? ?            1.337 ? ? 
covale5  covale both ? C N2C 3 C  ? ? ? 1_555 C MVA 4 N  ? ? D N2C 3   D MVA 4    1_555 ? ? ? ? ? ? ?            1.354 ? ? 
covale6  covale both ? C N2C 3 CB ? ? ? 1_555 C NCY 7 SG ? ? D N2C 3   D NCY 7    1_555 ? ? ? ? ? ? ?            1.797 ? ? 
covale7  covale one  ? C MVA 4 C  ? ? ? 1_555 C DSN 5 OG ? ? D MVA 4   D DSN 5    1_555 ? ? ? ? ? ? ?            1.313 ? ? 
covale8  covale both ? C DSN 5 C  ? ? ? 1_555 C ALA 6 N  ? ? D DSN 5   D ALA 6    1_555 ? ? ? ? ? ? ?            1.322 ? ? 
covale9  covale both ? C DSN 5 N  ? ? ? 1_555 H QUI . C  ? ? D DSN 5   D QUI 9    1_555 ? ? ? ? ? ? ?            1.360 ? ? 
covale10 covale both ? C ALA 6 C  ? ? ? 1_555 C NCY 7 N  ? ? D ALA 6   D NCY 7    1_555 ? ? ? ? ? ? ?            1.327 ? ? 
covale11 covale both ? C NCY 7 C  ? ? ? 1_555 C MVA 8 N  ? ? D NCY 7   D MVA 8    1_555 ? ? ? ? ? ? ?            1.334 ? ? 
covale12 covale both ? I QUI . C  ? ? ? 1_555 D DSN 1 N  ? ? E QUI 0   E DSN 1    1_555 ? ? ? ? ? ? ?            1.366 ? ? 
covale13 covale both ? D DSN 1 C  ? ? ? 1_555 D ALA 2 N  ? ? E DSN 1   E ALA 2    1_555 ? ? ? ? ? ? ?            1.333 ? ? 
covale14 covale one  ? D DSN 1 OG ? ? ? 1_555 D MVA 8 C  ? ? E DSN 1   E MVA 8    1_555 ? ? ? ? ? ? ?            1.330 ? ? 
covale15 covale both ? D ALA 2 C  ? ? ? 1_555 D N2C 3 N  ? ? E ALA 2   E N2C 3    1_555 ? ? ? ? ? ? ?            1.342 ? ? 
covale16 covale both ? D N2C 3 C  ? ? ? 1_555 D MVA 4 N  ? ? E N2C 3   E MVA 4    1_555 ? ? ? ? ? ? ?            1.340 ? ? 
covale17 covale both ? D N2C 3 CB ? ? ? 1_555 D NCY 7 SG ? ? E N2C 3   E NCY 7    1_555 ? ? ? ? ? ? ?            1.802 ? ? 
covale18 covale one  ? D MVA 4 C  ? ? ? 1_555 D DSN 5 OG ? ? E MVA 4   E DSN 5    1_555 ? ? ? ? ? ? ?            1.308 ? ? 
covale19 covale both ? D DSN 5 C  ? ? ? 1_555 D ALA 6 N  ? ? E DSN 5   E ALA 6    1_555 ? ? ? ? ? ? ?            1.326 ? ? 
covale20 covale both ? D DSN 5 N  ? ? ? 1_555 J QUI . C  ? ? E DSN 5   E QUI 9    1_555 ? ? ? ? ? ? ?            1.377 ? ? 
covale21 covale both ? D ALA 6 C  ? ? ? 1_555 D NCY 7 N  ? ? E ALA 6   E NCY 7    1_555 ? ? ? ? ? ? ?            1.320 ? ? 
covale22 covale both ? D NCY 7 C  ? ? ? 1_555 D MVA 8 N  ? ? E NCY 7   E MVA 8    1_555 ? ? ? ? ? ? ?            1.327 ? ? 
metalc1  metalc ?    ? E MG  . MG ? ? ? 1_555 K HOH . O  ? ? A MG  201 A HOH 2005 1_555 ? ? ? ? ? ? ?            2.048 ? ? 
metalc2  metalc ?    ? E MG  . MG ? ? ? 1_555 K HOH . O  ? ? A MG  201 A HOH 2005 2_657 ? ? ? ? ? ? ?            2.048 ? ? 
metalc3  metalc ?    ? E MG  . MG ? ? ? 1_555 K HOH . O  ? ? A MG  201 A HOH 2006 1_555 ? ? ? ? ? ? ?            1.985 ? ? 
metalc4  metalc ?    ? E MG  . MG ? ? ? 1_555 K HOH . O  ? ? A MG  201 A HOH 2006 2_657 ? ? ? ? ? ? ?            1.981 ? ? 
metalc5  metalc ?    ? E MG  . MG ? ? ? 1_555 M HOH . O  ? ? A MG  201 D HOH 2001 1_555 ? ? ? ? ? ? ?            2.141 ? ? 
metalc6  metalc ?    ? E MG  . MG ? ? ? 1_555 M HOH . O  ? ? A MG  201 D HOH 2001 2_657 ? ? ? ? ? ? ?            2.142 ? ? 
metalc7  metalc ?    ? F MG  . MG ? ? ? 1_555 L HOH . O  ? ? C MG  211 C HOH 2002 1_555 ? ? ? ? ? ? ?            1.999 ? ? 
metalc8  metalc ?    ? F MG  . MG ? ? ? 1_555 L HOH . O  ? ? C MG  211 C HOH 2002 2_657 ? ? ? ? ? ? ?            2.001 ? ? 
metalc9  metalc ?    ? F MG  . MG ? ? ? 1_555 L HOH . O  ? ? C MG  211 C HOH 2003 1_555 ? ? ? ? ? ? ?            2.092 ? ? 
metalc10 metalc ?    ? F MG  . MG ? ? ? 1_555 L HOH . O  ? ? C MG  211 C HOH 2003 2_657 ? ? ? ? ? ? ?            2.096 ? ? 
metalc11 metalc ?    ? F MG  . MG ? ? ? 1_555 N HOH . O  ? ? C MG  211 E HOH 2001 1_555 ? ? ? ? ? ? ?            2.179 ? ? 
metalc12 metalc ?    ? F MG  . MG ? ? ? 1_555 N HOH . O  ? ? C MG  211 E HOH 2001 2_657 ? ? ? ? ? ? ?            2.180 ? ? 
hydrog1  hydrog ?    ? A DC  1 N3 ? ? ? 1_555 B DG  6 N1 ? ? A DC  2   C DG  107  1_555 ? ? ? ? ? ? WATSON-CRICK ?     ? ? 
hydrog2  hydrog ?    ? A DC  1 N4 ? ? ? 1_555 B DG  6 O6 ? ? A DC  2   C DG  107  1_555 ? ? ? ? ? ? WATSON-CRICK ?     ? ? 
hydrog3  hydrog ?    ? A DC  1 O2 ? ? ? 1_555 B DG  6 N2 ? ? A DC  2   C DG  107  1_555 ? ? ? ? ? ? WATSON-CRICK ?     ? ? 
hydrog4  hydrog ?    ? A DG  2 N1 ? ? ? 1_555 B DC  5 N3 ? ? A DG  3   C DC  106  1_555 ? ? ? ? ? ? WATSON-CRICK ?     ? ? 
hydrog5  hydrog ?    ? A DG  2 N2 ? ? ? 1_555 B DC  5 O2 ? ? A DG  3   C DC  106  1_555 ? ? ? ? ? ? WATSON-CRICK ?     ? ? 
hydrog6  hydrog ?    ? A DG  2 O6 ? ? ? 1_555 B DC  5 N4 ? ? A DG  3   C DC  106  1_555 ? ? ? ? ? ? WATSON-CRICK ?     ? ? 
hydrog7  hydrog ?    ? A DT  3 N3 ? ? ? 1_555 B DA  4 N7 ? ? A DT  4   C DA  105  1_555 ? ? ? ? ? ? HOOGSTEEN    ?     ? ? 
hydrog8  hydrog ?    ? A DT  3 O4 ? ? ? 1_555 B DA  4 N6 ? ? A DT  4   C DA  105  1_555 ? ? ? ? ? ? HOOGSTEEN    ?     ? ? 
hydrog9  hydrog ?    ? A DA  4 N6 ? ? ? 1_555 B DT  3 O4 ? ? A DA  5   C DT  104  1_555 ? ? ? ? ? ? HOOGSTEEN    ?     ? ? 
hydrog10 hydrog ?    ? A DA  4 N7 ? ? ? 1_555 B DT  3 N3 ? ? A DA  5   C DT  104  1_555 ? ? ? ? ? ? HOOGSTEEN    ?     ? ? 
hydrog11 hydrog ?    ? A DC  5 N3 ? ? ? 1_555 B DG  2 N1 ? ? A DC  6   C DG  103  1_555 ? ? ? ? ? ? WATSON-CRICK ?     ? ? 
hydrog12 hydrog ?    ? A DC  5 N4 ? ? ? 1_555 B DG  2 O6 ? ? A DC  6   C DG  103  1_555 ? ? ? ? ? ? WATSON-CRICK ?     ? ? 
hydrog13 hydrog ?    ? A DC  5 O2 ? ? ? 1_555 B DG  2 N2 ? ? A DC  6   C DG  103  1_555 ? ? ? ? ? ? WATSON-CRICK ?     ? ? 
hydrog14 hydrog ?    ? A DG  6 N1 ? ? ? 1_555 B DC  1 N3 ? ? A DG  7   C DC  102  1_555 ? ? ? ? ? ? WATSON-CRICK ?     ? ? 
hydrog15 hydrog ?    ? A DG  6 N2 ? ? ? 1_555 B DC  1 O2 ? ? A DG  7   C DC  102  1_555 ? ? ? ? ? ? WATSON-CRICK ?     ? ? 
hydrog16 hydrog ?    ? A DG  6 O6 ? ? ? 1_555 B DC  1 N4 ? ? A DG  7   C DC  102  1_555 ? ? ? ? ? ? WATSON-CRICK ?     ? ? 
# 
loop_
_struct_conn_type.id 
_struct_conn_type.criteria 
_struct_conn_type.reference 
covale ? ? 
metalc ? ? 
hydrog ? ? 
# 
loop_
_pdbx_struct_conn_angle.id 
_pdbx_struct_conn_angle.ptnr1_label_atom_id 
_pdbx_struct_conn_angle.ptnr1_label_alt_id 
_pdbx_struct_conn_angle.ptnr1_label_asym_id 
_pdbx_struct_conn_angle.ptnr1_label_comp_id 
_pdbx_struct_conn_angle.ptnr1_label_seq_id 
_pdbx_struct_conn_angle.ptnr1_auth_atom_id 
_pdbx_struct_conn_angle.ptnr1_auth_asym_id 
_pdbx_struct_conn_angle.ptnr1_auth_comp_id 
_pdbx_struct_conn_angle.ptnr1_auth_seq_id 
_pdbx_struct_conn_angle.ptnr1_PDB_ins_code 
_pdbx_struct_conn_angle.ptnr1_symmetry 
_pdbx_struct_conn_angle.ptnr2_label_atom_id 
_pdbx_struct_conn_angle.ptnr2_label_alt_id 
_pdbx_struct_conn_angle.ptnr2_label_asym_id 
_pdbx_struct_conn_angle.ptnr2_label_comp_id 
_pdbx_struct_conn_angle.ptnr2_label_seq_id 
_pdbx_struct_conn_angle.ptnr2_auth_atom_id 
_pdbx_struct_conn_angle.ptnr2_auth_asym_id 
_pdbx_struct_conn_angle.ptnr2_auth_comp_id 
_pdbx_struct_conn_angle.ptnr2_auth_seq_id 
_pdbx_struct_conn_angle.ptnr2_PDB_ins_code 
_pdbx_struct_conn_angle.ptnr2_symmetry 
_pdbx_struct_conn_angle.ptnr3_label_atom_id 
_pdbx_struct_conn_angle.ptnr3_label_alt_id 
_pdbx_struct_conn_angle.ptnr3_label_asym_id 
_pdbx_struct_conn_angle.ptnr3_label_comp_id 
_pdbx_struct_conn_angle.ptnr3_label_seq_id 
_pdbx_struct_conn_angle.ptnr3_auth_atom_id 
_pdbx_struct_conn_angle.ptnr3_auth_asym_id 
_pdbx_struct_conn_angle.ptnr3_auth_comp_id 
_pdbx_struct_conn_angle.ptnr3_auth_seq_id 
_pdbx_struct_conn_angle.ptnr3_PDB_ins_code 
_pdbx_struct_conn_angle.ptnr3_symmetry 
_pdbx_struct_conn_angle.value 
_pdbx_struct_conn_angle.value_esd 
1  O ? K HOH . ? A HOH 2005 ? 1_555 MG ? E MG . ? A MG 201 ? 1_555 O ? K HOH . ? A HOH 2005 ? 2_657 94.2  ? 
2  O ? K HOH . ? A HOH 2005 ? 1_555 MG ? E MG . ? A MG 201 ? 1_555 O ? K HOH . ? A HOH 2006 ? 1_555 91.9  ? 
3  O ? K HOH . ? A HOH 2005 ? 2_657 MG ? E MG . ? A MG 201 ? 1_555 O ? K HOH . ? A HOH 2006 ? 1_555 91.2  ? 
4  O ? K HOH . ? A HOH 2005 ? 1_555 MG ? E MG . ? A MG 201 ? 1_555 O ? K HOH . ? A HOH 2006 ? 2_657 91.4  ? 
5  O ? K HOH . ? A HOH 2005 ? 2_657 MG ? E MG . ? A MG 201 ? 1_555 O ? K HOH . ? A HOH 2006 ? 2_657 92.0  ? 
6  O ? K HOH . ? A HOH 2006 ? 1_555 MG ? E MG . ? A MG 201 ? 1_555 O ? K HOH . ? A HOH 2006 ? 2_657 175.3 ? 
7  O ? K HOH . ? A HOH 2005 ? 1_555 MG ? E MG . ? A MG 201 ? 1_555 O ? M HOH . ? D HOH 2001 ? 1_555 88.0  ? 
8  O ? K HOH . ? A HOH 2005 ? 2_657 MG ? E MG . ? A MG 201 ? 1_555 O ? M HOH . ? D HOH 2001 ? 1_555 177.8 ? 
9  O ? K HOH . ? A HOH 2006 ? 1_555 MG ? E MG . ? A MG 201 ? 1_555 O ? M HOH . ? D HOH 2001 ? 1_555 88.9  ? 
10 O ? K HOH . ? A HOH 2006 ? 2_657 MG ? E MG . ? A MG 201 ? 1_555 O ? M HOH . ? D HOH 2001 ? 1_555 87.8  ? 
11 O ? K HOH . ? A HOH 2005 ? 1_555 MG ? E MG . ? A MG 201 ? 1_555 O ? M HOH . ? D HOH 2001 ? 2_657 177.8 ? 
12 O ? K HOH . ? A HOH 2005 ? 2_657 MG ? E MG . ? A MG 201 ? 1_555 O ? M HOH . ? D HOH 2001 ? 2_657 88.0  ? 
13 O ? K HOH . ? A HOH 2006 ? 1_555 MG ? E MG . ? A MG 201 ? 1_555 O ? M HOH . ? D HOH 2001 ? 2_657 87.7  ? 
14 O ? K HOH . ? A HOH 2006 ? 2_657 MG ? E MG . ? A MG 201 ? 1_555 O ? M HOH . ? D HOH 2001 ? 2_657 89.0  ? 
15 O ? M HOH . ? D HOH 2001 ? 1_555 MG ? E MG . ? A MG 201 ? 1_555 O ? M HOH . ? D HOH 2001 ? 2_657 89.8  ? 
16 O ? L HOH . ? C HOH 2002 ? 1_555 MG ? F MG . ? C MG 211 ? 1_555 O ? L HOH . ? C HOH 2002 ? 2_657 95.2  ? 
17 O ? L HOH . ? C HOH 2002 ? 1_555 MG ? F MG . ? C MG 211 ? 1_555 O ? L HOH . ? C HOH 2003 ? 1_555 89.8  ? 
18 O ? L HOH . ? C HOH 2002 ? 2_657 MG ? F MG . ? C MG 211 ? 1_555 O ? L HOH . ? C HOH 2003 ? 1_555 92.0  ? 
19 O ? L HOH . ? C HOH 2002 ? 1_555 MG ? F MG . ? C MG 211 ? 1_555 O ? L HOH . ? C HOH 2003 ? 2_657 92.0  ? 
20 O ? L HOH . ? C HOH 2002 ? 2_657 MG ? F MG . ? C MG 211 ? 1_555 O ? L HOH . ? C HOH 2003 ? 2_657 89.6  ? 
21 O ? L HOH . ? C HOH 2003 ? 1_555 MG ? F MG . ? C MG 211 ? 1_555 O ? L HOH . ? C HOH 2003 ? 2_657 177.5 ? 
22 O ? L HOH . ? C HOH 2002 ? 1_555 MG ? F MG . ? C MG 211 ? 1_555 O ? N HOH . ? E HOH 2001 ? 1_555 89.1  ? 
23 O ? L HOH . ? C HOH 2002 ? 2_657 MG ? F MG . ? C MG 211 ? 1_555 O ? N HOH . ? E HOH 2001 ? 1_555 175.7 ? 
24 O ? L HOH . ? C HOH 2003 ? 1_555 MG ? F MG . ? C MG 211 ? 1_555 O ? N HOH . ? E HOH 2001 ? 1_555 88.4  ? 
25 O ? L HOH . ? C HOH 2003 ? 2_657 MG ? F MG . ? C MG 211 ? 1_555 O ? N HOH . ? E HOH 2001 ? 1_555 89.8  ? 
26 O ? L HOH . ? C HOH 2002 ? 1_555 MG ? F MG . ? C MG 211 ? 1_555 O ? N HOH . ? E HOH 2001 ? 2_657 175.7 ? 
27 O ? L HOH . ? C HOH 2002 ? 2_657 MG ? F MG . ? C MG 211 ? 1_555 O ? N HOH . ? E HOH 2001 ? 2_657 89.1  ? 
28 O ? L HOH . ? C HOH 2003 ? 1_555 MG ? F MG . ? C MG 211 ? 1_555 O ? N HOH . ? E HOH 2001 ? 2_657 89.8  ? 
29 O ? L HOH . ? C HOH 2003 ? 2_657 MG ? F MG . ? C MG 211 ? 1_555 O ? N HOH . ? E HOH 2001 ? 2_657 88.3  ? 
30 O ? N HOH . ? E HOH 2001 ? 1_555 MG ? F MG . ? C MG 211 ? 1_555 O ? N HOH . ? E HOH 2001 ? 2_657 86.6  ? 
# 
loop_
_pdbx_modification_feature.ordinal 
_pdbx_modification_feature.label_comp_id 
_pdbx_modification_feature.label_asym_id 
_pdbx_modification_feature.label_seq_id 
_pdbx_modification_feature.label_alt_id 
_pdbx_modification_feature.modified_residue_label_comp_id 
_pdbx_modification_feature.modified_residue_label_asym_id 
_pdbx_modification_feature.modified_residue_label_seq_id 
_pdbx_modification_feature.modified_residue_label_alt_id 
_pdbx_modification_feature.auth_comp_id 
_pdbx_modification_feature.auth_asym_id 
_pdbx_modification_feature.auth_seq_id 
_pdbx_modification_feature.PDB_ins_code 
_pdbx_modification_feature.symmetry 
_pdbx_modification_feature.modified_residue_auth_comp_id 
_pdbx_modification_feature.modified_residue_auth_asym_id 
_pdbx_modification_feature.modified_residue_auth_seq_id 
_pdbx_modification_feature.modified_residue_PDB_ins_code 
_pdbx_modification_feature.modified_residue_symmetry 
_pdbx_modification_feature.comp_id_linking_atom 
_pdbx_modification_feature.modified_residue_id_linking_atom 
_pdbx_modification_feature.modified_residue_id 
_pdbx_modification_feature.ref_pcm_id 
_pdbx_modification_feature.ref_comp_id 
_pdbx_modification_feature.type 
_pdbx_modification_feature.category 
1  N2C C 3 ? .   . . . N2C D 3 ? 1_555 .   . . . .     .  .  CYS 1 N2C Methylation 'Named protein modification'     
2  MVA C 4 ? .   . . . MVA D 4 ? 1_555 .   . . . .     .  .  VAL 1 MVA Methylation 'Named protein modification'     
3  NCY C 7 ? .   . . . NCY D 7 ? 1_555 .   . . . .     .  .  CYS 1 NCY Methylation 'Named protein modification'     
4  MVA C 8 ? .   . . . MVA D 8 ? 1_555 .   . . . .     .  .  VAL 1 MVA Methylation 'Named protein modification'     
5  N2C D 3 ? .   . . . N2C E 3 ? 1_555 .   . . . .     .  .  CYS 1 N2C Methylation 'Named protein modification'     
6  MVA D 4 ? .   . . . MVA E 4 ? 1_555 .   . . . .     .  .  VAL 1 MVA Methylation 'Named protein modification'     
7  NCY D 7 ? .   . . . NCY E 7 ? 1_555 .   . . . .     .  .  CYS 1 NCY Methylation 'Named protein modification'     
8  MVA D 8 ? .   . . . MVA E 8 ? 1_555 .   . . . .     .  .  VAL 1 MVA Methylation 'Named protein modification'     
9  QUI G . ? DSN C 1 ? QUI D 0 ? 1_555 DSN D 1 ? 1_555 C  N  DSN 1 QUI None        'Covalent chemical modification' 
10 QUI H . ? DSN C 5 ? QUI D 9 ? 1_555 DSN D 5 ? 1_555 C  N  DSN 1 QUI None        'Covalent chemical modification' 
11 QUI I . ? DSN D 1 ? QUI E 0 ? 1_555 DSN E 1 ? 1_555 C  N  DSN 1 QUI None        'Covalent chemical modification' 
12 QUI J . ? DSN D 5 ? QUI E 9 ? 1_555 DSN E 5 ? 1_555 C  N  DSN 1 QUI None        'Covalent chemical modification' 
13 DSN C 1 ? MVA C 8 ? DSN D 1 ? 1_555 MVA D 8 ? 1_555 OG C  .   . .   None        'Non-standard linkage'           
14 N2C C 3 ? NCY C 7 ? N2C D 3 ? 1_555 NCY D 7 ? 1_555 CB SG .   . .   None        'Non-standard linkage'           
15 MVA C 4 ? DSN C 5 ? MVA D 4 ? 1_555 DSN D 5 ? 1_555 C  OG .   . .   None        'Non-standard linkage'           
16 DSN D 1 ? MVA D 8 ? DSN E 1 ? 1_555 MVA E 8 ? 1_555 OG C  .   . .   None        'Non-standard linkage'           
17 N2C D 3 ? NCY D 7 ? N2C E 3 ? 1_555 NCY E 7 ? 1_555 CB SG .   . .   None        'Non-standard linkage'           
18 MVA D 4 ? DSN D 5 ? MVA E 4 ? 1_555 DSN E 5 ? 1_555 C  OG .   . .   None        'Non-standard linkage'           
# 
loop_
_struct_site.id 
_struct_site.pdbx_evidence_code 
_struct_site.pdbx_auth_asym_id 
_struct_site.pdbx_auth_comp_id 
_struct_site.pdbx_auth_seq_id 
_struct_site.pdbx_auth_ins_code 
_struct_site.pdbx_num_residues 
_struct_site.details 
AC1 Software A MG 201 ? 3  'BINDING SITE FOR RESIDUE MG A 201'       
AC2 Software C MG 211 ? 3  'BINDING SITE FOR RESIDUE MG C 211'       
AC3 Software ? ?  ?   ? 13 'BINDING SITE FOR CHAIN D OF ECHINOMYCIN' 
AC4 Software ? ?  ?   ? 14 'BINDING SITE FOR CHAIN E OF ECHINOMYCIN' 
# 
loop_
_struct_site_gen.id 
_struct_site_gen.site_id 
_struct_site_gen.pdbx_num_res 
_struct_site_gen.label_comp_id 
_struct_site_gen.label_asym_id 
_struct_site_gen.label_seq_id 
_struct_site_gen.pdbx_auth_ins_code 
_struct_site_gen.auth_comp_id 
_struct_site_gen.auth_asym_id 
_struct_site_gen.auth_seq_id 
_struct_site_gen.label_atom_id 
_struct_site_gen.label_alt_id 
_struct_site_gen.symmetry 
_struct_site_gen.details 
1  AC1 3  HOH K . ? HOH A 2005 . ? 1_555 ? 
2  AC1 3  HOH K . ? HOH A 2006 . ? 1_555 ? 
3  AC1 3  HOH M . ? HOH D 2001 . ? 1_555 ? 
4  AC2 3  HOH L . ? HOH C 2002 . ? 1_555 ? 
5  AC2 3  HOH L . ? HOH C 2003 . ? 1_555 ? 
6  AC2 3  HOH N . ? HOH E 2001 . ? 1_555 ? 
7  AC3 13 DC  A 1 ? DC  A 2    . ? 1_555 ? 
8  AC3 13 DG  A 2 ? DG  A 3    . ? 1_555 ? 
9  AC3 13 DT  A 3 ? DT  A 4    . ? 1_555 ? 
10 AC3 13 DG  A 6 ? DG  A 7    . ? 1_555 ? 
11 AC3 13 DA  B 4 ? DA  C 105  . ? 1_555 ? 
12 AC3 13 DC  B 5 ? DC  C 106  . ? 1_555 ? 
13 AC3 13 DG  B 6 ? DG  C 107  . ? 1_555 ? 
14 AC3 13 HOH M . ? HOH D 2001 . ? 1_555 ? 
15 AC3 13 HOH M . ? HOH D 2002 . ? 1_555 ? 
16 AC3 13 HOH M . ? HOH D 2004 . ? 1_555 ? 
17 AC3 13 HOH M . ? HOH D 2005 . ? 1_555 ? 
18 AC3 13 DSN D 5 ? DSN E 5    . ? 1_555 ? 
19 AC3 13 QUI J . ? QUI E 9    . ? 1_555 ? 
20 AC4 14 DA  A 4 ? DA  A 5    . ? 1_555 ? 
21 AC4 14 DC  A 5 ? DC  A 6    . ? 1_555 ? 
22 AC4 14 DG  A 6 ? DG  A 7    . ? 1_555 ? 
23 AC4 14 DC  B 1 ? DC  C 102  . ? 1_555 ? 
24 AC4 14 DG  B 2 ? DG  C 103  . ? 1_555 ? 
25 AC4 14 DT  B 3 ? DT  C 104  . ? 1_555 ? 
26 AC4 14 DG  B 6 ? DG  C 107  . ? 1_555 ? 
27 AC4 14 DSN C 5 ? DSN D 5    . ? 1_555 ? 
28 AC4 14 QUI H . ? QUI D 9    . ? 1_555 ? 
29 AC4 14 HOH N . ? HOH E 2001 . ? 1_555 ? 
30 AC4 14 HOH N . ? HOH E 2002 . ? 1_555 ? 
31 AC4 14 HOH N . ? HOH E 2005 . ? 1_555 ? 
32 AC4 14 HOH N . ? HOH E 2006 . ? 1_555 ? 
33 AC4 14 HOH N . ? HOH E 2007 . ? 1_555 ? 
# 
_pdbx_entry_details.entry_id                   1XVR 
_pdbx_entry_details.compound_details           
;THE ECHINOMYCIN IS A BICYCLIC OCTADEPSIPEPTIDE, A MEMBER             
 OF THE QUINOXALINE CLASS OF ANTIBIOTICS.                             
 HERE, ECHINOMYCIN IS REPRESENTED BY GROUPING TOGETHER THE             
 SEQUENCE (SEQRES) AND TWO LIGANDS (HET) QUI.
;
_pdbx_entry_details.source_details             ? 
_pdbx_entry_details.nonpolymer_details         ? 
_pdbx_entry_details.sequence_details           ? 
_pdbx_entry_details.has_ligand_of_interest     ? 
_pdbx_entry_details.has_protein_modification   Y 
# 
loop_
_pdbx_validate_rmsd_angle.id 
_pdbx_validate_rmsd_angle.PDB_model_num 
_pdbx_validate_rmsd_angle.auth_atom_id_1 
_pdbx_validate_rmsd_angle.auth_asym_id_1 
_pdbx_validate_rmsd_angle.auth_comp_id_1 
_pdbx_validate_rmsd_angle.auth_seq_id_1 
_pdbx_validate_rmsd_angle.PDB_ins_code_1 
_pdbx_validate_rmsd_angle.label_alt_id_1 
_pdbx_validate_rmsd_angle.auth_atom_id_2 
_pdbx_validate_rmsd_angle.auth_asym_id_2 
_pdbx_validate_rmsd_angle.auth_comp_id_2 
_pdbx_validate_rmsd_angle.auth_seq_id_2 
_pdbx_validate_rmsd_angle.PDB_ins_code_2 
_pdbx_validate_rmsd_angle.label_alt_id_2 
_pdbx_validate_rmsd_angle.auth_atom_id_3 
_pdbx_validate_rmsd_angle.auth_asym_id_3 
_pdbx_validate_rmsd_angle.auth_comp_id_3 
_pdbx_validate_rmsd_angle.auth_seq_id_3 
_pdbx_validate_rmsd_angle.PDB_ins_code_3 
_pdbx_validate_rmsd_angle.label_alt_id_3 
_pdbx_validate_rmsd_angle.angle_value 
_pdbx_validate_rmsd_angle.angle_target_value 
_pdbx_validate_rmsd_angle.angle_deviation 
_pdbx_validate_rmsd_angle.angle_standard_deviation 
_pdbx_validate_rmsd_angle.linker_flag 
1  1 "O4'" A DC 2   ? A "C4'" A DC 2   ? A "C3'" A DC 2   ? A 100.78 104.50 -3.72 0.40 N 
2  1 "C1'" A DC 2   ? A "O4'" A DC 2   ? A "C4'" A DC 2   ? A 103.03 110.10 -7.07 1.00 N 
3  1 "O4'" A DC 2   ? A "C1'" A DC 2   ? A N1    A DC 2   ? ? 112.14 108.30 3.84  0.30 N 
4  1 P     A DG 3   ? A "O5'" A DG 3   ? A "C5'" A DG 3   ? A 130.93 120.90 10.03 1.60 N 
5  1 "O4'" A DT 4   ? ? "C1'" A DT 4   ? ? N1    A DT 4   ? ? 100.24 108.00 -7.76 0.70 N 
6  1 "O4'" A DA 5   ? ? "C1'" A DA 5   ? ? N9    A DA 5   ? ? 103.30 108.00 -4.70 0.70 N 
7  1 "O4'" A DC 6   ? ? "C1'" A DC 6   ? ? N1    A DC 6   ? ? 101.46 108.00 -6.54 0.70 N 
8  1 "O5'" A DG 7   ? ? "C5'" A DG 7   ? ? "C4'" A DG 7   ? ? 103.75 109.40 -5.65 0.80 N 
9  1 "O4'" A DG 7   ? ? "C1'" A DG 7   ? ? N9    A DG 7   ? ? 111.10 108.30 2.80  0.30 N 
10 1 "O4'" C DT 104 ? ? "C1'" C DT 104 ? ? N1    C DT 104 ? ? 101.59 108.00 -6.41 0.70 N 
11 1 C6    C DT 104 ? ? N1    C DT 104 ? ? C2    C DT 104 ? ? 117.40 121.30 -3.90 0.50 N 
12 1 C5    C DT 104 ? ? C6    C DT 104 ? ? N1    C DT 104 ? ? 127.91 123.70 4.21  0.60 N 
13 1 N3    C DT 104 ? ? C2    C DT 104 ? ? O2    C DT 104 ? ? 118.05 122.30 -4.25 0.60 N 
14 1 N3    C DT 104 ? ? C4    C DT 104 ? ? O4    C DT 104 ? ? 124.29 119.90 4.39  0.60 N 
15 1 C4    C DT 104 ? ? C5    C DT 104 ? ? C7    C DT 104 ? ? 115.23 119.00 -3.77 0.60 N 
16 1 C6    C DT 104 ? ? C5    C DT 104 ? ? C7    C DT 104 ? ? 128.40 122.90 5.50  0.60 N 
17 1 N1    C DA 105 ? ? C6    C DA 105 ? ? N6    C DA 105 ? ? 122.77 118.60 4.17  0.60 N 
18 1 "O4'" C DC 106 ? ? "C1'" C DC 106 ? ? N1    C DC 106 ? ? 103.02 108.00 -4.98 0.70 N 
19 1 "O4'" C DG 107 ? ? "C1'" C DG 107 ? ? N9    C DG 107 ? ? 112.48 108.30 4.18  0.30 N 
# 
_pdbx_molecule_features.prd_id    PRD_000491 
_pdbx_molecule_features.name      Echinomycin 
_pdbx_molecule_features.type      'Cyclic depsipeptide' 
_pdbx_molecule_features.class     Antibiotic 
_pdbx_molecule_features.details   
;ECHINOMYCIN IS A BICYCLIC OCTADEPSIPEPTIDE.      
 BICYCLIZATION IS ACHIEVED BY LINKING THE N- AND       
 THE C- TERMINI, AND A THIOACETAL BOND BETWEEN     
 RESIDUES 3 AND 7.                                     
 THE TWO QUINOXALINE CHROMOPHORES ARE LINKED           
 TO THE D-SERINE RESIDUES, RESIDUES 1 AND 5.
;
# 
loop_
_pdbx_molecule.instance_id 
_pdbx_molecule.prd_id 
_pdbx_molecule.asym_id 
1 PRD_000491 C 
1 PRD_000491 G 
1 PRD_000491 H 
2 PRD_000491 D 
2 PRD_000491 I 
2 PRD_000491 J 
# 
loop_
_pdbx_struct_special_symmetry.id 
_pdbx_struct_special_symmetry.PDB_model_num 
_pdbx_struct_special_symmetry.auth_asym_id 
_pdbx_struct_special_symmetry.auth_comp_id 
_pdbx_struct_special_symmetry.auth_seq_id 
_pdbx_struct_special_symmetry.PDB_ins_code 
_pdbx_struct_special_symmetry.label_asym_id 
_pdbx_struct_special_symmetry.label_comp_id 
_pdbx_struct_special_symmetry.label_seq_id 
1 1 A MG  201  ? E MG  . 
2 1 C MG  211  ? F MG  . 
3 1 E HOH 2005 ? N HOH . 
# 
loop_
_chem_comp_atom.comp_id 
_chem_comp_atom.atom_id 
_chem_comp_atom.type_symbol 
_chem_comp_atom.pdbx_aromatic_flag 
_chem_comp_atom.pdbx_stereo_config 
_chem_comp_atom.pdbx_ordinal 
ALA N      N  N N 1   
ALA CA     C  N S 2   
ALA C      C  N N 3   
ALA O      O  N N 4   
ALA CB     C  N N 5   
ALA OXT    O  N N 6   
ALA H      H  N N 7   
ALA H2     H  N N 8   
ALA HA     H  N N 9   
ALA HB1    H  N N 10  
ALA HB2    H  N N 11  
ALA HB3    H  N N 12  
ALA HXT    H  N N 13  
DA  OP3    O  N N 14  
DA  P      P  N N 15  
DA  OP1    O  N N 16  
DA  OP2    O  N N 17  
DA  "O5'"  O  N N 18  
DA  "C5'"  C  N N 19  
DA  "C4'"  C  N R 20  
DA  "O4'"  O  N N 21  
DA  "C3'"  C  N S 22  
DA  "O3'"  O  N N 23  
DA  "C2'"  C  N N 24  
DA  "C1'"  C  N R 25  
DA  N9     N  Y N 26  
DA  C8     C  Y N 27  
DA  N7     N  Y N 28  
DA  C5     C  Y N 29  
DA  C6     C  Y N 30  
DA  N6     N  N N 31  
DA  N1     N  Y N 32  
DA  C2     C  Y N 33  
DA  N3     N  Y N 34  
DA  C4     C  Y N 35  
DA  HOP3   H  N N 36  
DA  HOP2   H  N N 37  
DA  "H5'"  H  N N 38  
DA  "H5''" H  N N 39  
DA  "H4'"  H  N N 40  
DA  "H3'"  H  N N 41  
DA  "HO3'" H  N N 42  
DA  "H2'"  H  N N 43  
DA  "H2''" H  N N 44  
DA  "H1'"  H  N N 45  
DA  H8     H  N N 46  
DA  H61    H  N N 47  
DA  H62    H  N N 48  
DA  H2     H  N N 49  
DC  OP3    O  N N 50  
DC  P      P  N N 51  
DC  OP1    O  N N 52  
DC  OP2    O  N N 53  
DC  "O5'"  O  N N 54  
DC  "C5'"  C  N N 55  
DC  "C4'"  C  N R 56  
DC  "O4'"  O  N N 57  
DC  "C3'"  C  N S 58  
DC  "O3'"  O  N N 59  
DC  "C2'"  C  N N 60  
DC  "C1'"  C  N R 61  
DC  N1     N  N N 62  
DC  C2     C  N N 63  
DC  O2     O  N N 64  
DC  N3     N  N N 65  
DC  C4     C  N N 66  
DC  N4     N  N N 67  
DC  C5     C  N N 68  
DC  C6     C  N N 69  
DC  HOP3   H  N N 70  
DC  HOP2   H  N N 71  
DC  "H5'"  H  N N 72  
DC  "H5''" H  N N 73  
DC  "H4'"  H  N N 74  
DC  "H3'"  H  N N 75  
DC  "HO3'" H  N N 76  
DC  "H2'"  H  N N 77  
DC  "H2''" H  N N 78  
DC  "H1'"  H  N N 79  
DC  H41    H  N N 80  
DC  H42    H  N N 81  
DC  H5     H  N N 82  
DC  H6     H  N N 83  
DG  OP3    O  N N 84  
DG  P      P  N N 85  
DG  OP1    O  N N 86  
DG  OP2    O  N N 87  
DG  "O5'"  O  N N 88  
DG  "C5'"  C  N N 89  
DG  "C4'"  C  N R 90  
DG  "O4'"  O  N N 91  
DG  "C3'"  C  N S 92  
DG  "O3'"  O  N N 93  
DG  "C2'"  C  N N 94  
DG  "C1'"  C  N R 95  
DG  N9     N  Y N 96  
DG  C8     C  Y N 97  
DG  N7     N  Y N 98  
DG  C5     C  Y N 99  
DG  C6     C  N N 100 
DG  O6     O  N N 101 
DG  N1     N  N N 102 
DG  C2     C  N N 103 
DG  N2     N  N N 104 
DG  N3     N  N N 105 
DG  C4     C  Y N 106 
DG  HOP3   H  N N 107 
DG  HOP2   H  N N 108 
DG  "H5'"  H  N N 109 
DG  "H5''" H  N N 110 
DG  "H4'"  H  N N 111 
DG  "H3'"  H  N N 112 
DG  "HO3'" H  N N 113 
DG  "H2'"  H  N N 114 
DG  "H2''" H  N N 115 
DG  "H1'"  H  N N 116 
DG  H8     H  N N 117 
DG  H1     H  N N 118 
DG  H21    H  N N 119 
DG  H22    H  N N 120 
DSN N      N  N N 121 
DSN CA     C  N R 122 
DSN C      C  N N 123 
DSN O      O  N N 124 
DSN OXT    O  N N 125 
DSN CB     C  N N 126 
DSN OG     O  N N 127 
DSN H      H  N N 128 
DSN H2     H  N N 129 
DSN HA     H  N N 130 
DSN HXT    H  N N 131 
DSN HB2    H  N N 132 
DSN HB3    H  N N 133 
DSN HG     H  N N 134 
DT  OP3    O  N N 135 
DT  P      P  N N 136 
DT  OP1    O  N N 137 
DT  OP2    O  N N 138 
DT  "O5'"  O  N N 139 
DT  "C5'"  C  N N 140 
DT  "C4'"  C  N R 141 
DT  "O4'"  O  N N 142 
DT  "C3'"  C  N S 143 
DT  "O3'"  O  N N 144 
DT  "C2'"  C  N N 145 
DT  "C1'"  C  N R 146 
DT  N1     N  N N 147 
DT  C2     C  N N 148 
DT  O2     O  N N 149 
DT  N3     N  N N 150 
DT  C4     C  N N 151 
DT  O4     O  N N 152 
DT  C5     C  N N 153 
DT  C7     C  N N 154 
DT  C6     C  N N 155 
DT  HOP3   H  N N 156 
DT  HOP2   H  N N 157 
DT  "H5'"  H  N N 158 
DT  "H5''" H  N N 159 
DT  "H4'"  H  N N 160 
DT  "H3'"  H  N N 161 
DT  "HO3'" H  N N 162 
DT  "H2'"  H  N N 163 
DT  "H2''" H  N N 164 
DT  "H1'"  H  N N 165 
DT  H3     H  N N 166 
DT  H71    H  N N 167 
DT  H72    H  N N 168 
DT  H73    H  N N 169 
DT  H6     H  N N 170 
HOH O      O  N N 171 
HOH H1     H  N N 172 
HOH H2     H  N N 173 
MG  MG     MG N N 174 
MVA N      N  N N 175 
MVA CN     C  N N 176 
MVA CA     C  N S 177 
MVA CB     C  N N 178 
MVA CG1    C  N N 179 
MVA CG2    C  N N 180 
MVA C      C  N N 181 
MVA O      O  N N 182 
MVA OXT    O  N N 183 
MVA H      H  N N 184 
MVA HN1    H  N N 185 
MVA HN2    H  N N 186 
MVA HN3    H  N N 187 
MVA HA     H  N N 188 
MVA HB     H  N N 189 
MVA HG11   H  N N 190 
MVA HG12   H  N N 191 
MVA HG13   H  N N 192 
MVA HG21   H  N N 193 
MVA HG22   H  N N 194 
MVA HG23   H  N N 195 
MVA HXT    H  N N 196 
N2C N      N  N N 197 
N2C CA     C  N R 198 
N2C CB     C  N N 199 
N2C SG     S  N N 200 
N2C CD     C  N N 201 
N2C CN     C  N N 202 
N2C C      C  N N 203 
N2C O      O  N N 204 
N2C OXT    O  N N 205 
N2C H      H  N N 206 
N2C HA     H  N N 207 
N2C HB2    H  N N 208 
N2C HB3    H  N N 209 
N2C HD1    H  N N 210 
N2C HD2    H  N N 211 
N2C HD3    H  N N 212 
N2C HN1    H  N N 213 
N2C HN2    H  N N 214 
N2C HN3    H  N N 215 
N2C HXT    H  N N 216 
NCY N      N  N N 217 
NCY CA     C  N R 218 
NCY CB     C  N N 219 
NCY SG     S  N N 220 
NCY CN     C  N N 221 
NCY C      C  N N 222 
NCY O      O  N N 223 
NCY OXT    O  N N 224 
NCY H      H  N N 225 
NCY HA     H  N N 226 
NCY HB2    H  N N 227 
NCY HB3    H  N N 228 
NCY HG     H  N N 229 
NCY HCN1   H  N N 230 
NCY HCN2   H  N N 231 
NCY HCN3   H  N N 232 
NCY HXT    H  N N 233 
QUI N1     N  Y N 234 
QUI C2     C  Y N 235 
QUI C3     C  Y N 236 
QUI N4     N  Y N 237 
QUI C5     C  Y N 238 
QUI C6     C  Y N 239 
QUI C7     C  Y N 240 
QUI C8     C  Y N 241 
QUI C9     C  Y N 242 
QUI C10    C  Y N 243 
QUI C      C  N N 244 
QUI O1     O  N N 245 
QUI O2     O  N N 246 
QUI H3     H  N N 247 
QUI H5     H  N N 248 
QUI H6     H  N N 249 
QUI H7     H  N N 250 
QUI H8     H  N N 251 
QUI HO2    H  N N 252 
# 
loop_
_chem_comp_bond.comp_id 
_chem_comp_bond.atom_id_1 
_chem_comp_bond.atom_id_2 
_chem_comp_bond.value_order 
_chem_comp_bond.pdbx_aromatic_flag 
_chem_comp_bond.pdbx_stereo_config 
_chem_comp_bond.pdbx_ordinal 
ALA N     CA     sing N N 1   
ALA N     H      sing N N 2   
ALA N     H2     sing N N 3   
ALA CA    C      sing N N 4   
ALA CA    CB     sing N N 5   
ALA CA    HA     sing N N 6   
ALA C     O      doub N N 7   
ALA C     OXT    sing N N 8   
ALA CB    HB1    sing N N 9   
ALA CB    HB2    sing N N 10  
ALA CB    HB3    sing N N 11  
ALA OXT   HXT    sing N N 12  
DA  OP3   P      sing N N 13  
DA  OP3   HOP3   sing N N 14  
DA  P     OP1    doub N N 15  
DA  P     OP2    sing N N 16  
DA  P     "O5'"  sing N N 17  
DA  OP2   HOP2   sing N N 18  
DA  "O5'" "C5'"  sing N N 19  
DA  "C5'" "C4'"  sing N N 20  
DA  "C5'" "H5'"  sing N N 21  
DA  "C5'" "H5''" sing N N 22  
DA  "C4'" "O4'"  sing N N 23  
DA  "C4'" "C3'"  sing N N 24  
DA  "C4'" "H4'"  sing N N 25  
DA  "O4'" "C1'"  sing N N 26  
DA  "C3'" "O3'"  sing N N 27  
DA  "C3'" "C2'"  sing N N 28  
DA  "C3'" "H3'"  sing N N 29  
DA  "O3'" "HO3'" sing N N 30  
DA  "C2'" "C1'"  sing N N 31  
DA  "C2'" "H2'"  sing N N 32  
DA  "C2'" "H2''" sing N N 33  
DA  "C1'" N9     sing N N 34  
DA  "C1'" "H1'"  sing N N 35  
DA  N9    C8     sing Y N 36  
DA  N9    C4     sing Y N 37  
DA  C8    N7     doub Y N 38  
DA  C8    H8     sing N N 39  
DA  N7    C5     sing Y N 40  
DA  C5    C6     sing Y N 41  
DA  C5    C4     doub Y N 42  
DA  C6    N6     sing N N 43  
DA  C6    N1     doub Y N 44  
DA  N6    H61    sing N N 45  
DA  N6    H62    sing N N 46  
DA  N1    C2     sing Y N 47  
DA  C2    N3     doub Y N 48  
DA  C2    H2     sing N N 49  
DA  N3    C4     sing Y N 50  
DC  OP3   P      sing N N 51  
DC  OP3   HOP3   sing N N 52  
DC  P     OP1    doub N N 53  
DC  P     OP2    sing N N 54  
DC  P     "O5'"  sing N N 55  
DC  OP2   HOP2   sing N N 56  
DC  "O5'" "C5'"  sing N N 57  
DC  "C5'" "C4'"  sing N N 58  
DC  "C5'" "H5'"  sing N N 59  
DC  "C5'" "H5''" sing N N 60  
DC  "C4'" "O4'"  sing N N 61  
DC  "C4'" "C3'"  sing N N 62  
DC  "C4'" "H4'"  sing N N 63  
DC  "O4'" "C1'"  sing N N 64  
DC  "C3'" "O3'"  sing N N 65  
DC  "C3'" "C2'"  sing N N 66  
DC  "C3'" "H3'"  sing N N 67  
DC  "O3'" "HO3'" sing N N 68  
DC  "C2'" "C1'"  sing N N 69  
DC  "C2'" "H2'"  sing N N 70  
DC  "C2'" "H2''" sing N N 71  
DC  "C1'" N1     sing N N 72  
DC  "C1'" "H1'"  sing N N 73  
DC  N1    C2     sing N N 74  
DC  N1    C6     sing N N 75  
DC  C2    O2     doub N N 76  
DC  C2    N3     sing N N 77  
DC  N3    C4     doub N N 78  
DC  C4    N4     sing N N 79  
DC  C4    C5     sing N N 80  
DC  N4    H41    sing N N 81  
DC  N4    H42    sing N N 82  
DC  C5    C6     doub N N 83  
DC  C5    H5     sing N N 84  
DC  C6    H6     sing N N 85  
DG  OP3   P      sing N N 86  
DG  OP3   HOP3   sing N N 87  
DG  P     OP1    doub N N 88  
DG  P     OP2    sing N N 89  
DG  P     "O5'"  sing N N 90  
DG  OP2   HOP2   sing N N 91  
DG  "O5'" "C5'"  sing N N 92  
DG  "C5'" "C4'"  sing N N 93  
DG  "C5'" "H5'"  sing N N 94  
DG  "C5'" "H5''" sing N N 95  
DG  "C4'" "O4'"  sing N N 96  
DG  "C4'" "C3'"  sing N N 97  
DG  "C4'" "H4'"  sing N N 98  
DG  "O4'" "C1'"  sing N N 99  
DG  "C3'" "O3'"  sing N N 100 
DG  "C3'" "C2'"  sing N N 101 
DG  "C3'" "H3'"  sing N N 102 
DG  "O3'" "HO3'" sing N N 103 
DG  "C2'" "C1'"  sing N N 104 
DG  "C2'" "H2'"  sing N N 105 
DG  "C2'" "H2''" sing N N 106 
DG  "C1'" N9     sing N N 107 
DG  "C1'" "H1'"  sing N N 108 
DG  N9    C8     sing Y N 109 
DG  N9    C4     sing Y N 110 
DG  C8    N7     doub Y N 111 
DG  C8    H8     sing N N 112 
DG  N7    C5     sing Y N 113 
DG  C5    C6     sing N N 114 
DG  C5    C4     doub Y N 115 
DG  C6    O6     doub N N 116 
DG  C6    N1     sing N N 117 
DG  N1    C2     sing N N 118 
DG  N1    H1     sing N N 119 
DG  C2    N2     sing N N 120 
DG  C2    N3     doub N N 121 
DG  N2    H21    sing N N 122 
DG  N2    H22    sing N N 123 
DG  N3    C4     sing N N 124 
DSN N     CA     sing N N 125 
DSN N     H      sing N N 126 
DSN N     H2     sing N N 127 
DSN CA    C      sing N N 128 
DSN CA    CB     sing N N 129 
DSN CA    HA     sing N N 130 
DSN C     O      doub N N 131 
DSN C     OXT    sing N N 132 
DSN OXT   HXT    sing N N 133 
DSN CB    OG     sing N N 134 
DSN CB    HB2    sing N N 135 
DSN CB    HB3    sing N N 136 
DSN OG    HG     sing N N 137 
DT  OP3   P      sing N N 138 
DT  OP3   HOP3   sing N N 139 
DT  P     OP1    doub N N 140 
DT  P     OP2    sing N N 141 
DT  P     "O5'"  sing N N 142 
DT  OP2   HOP2   sing N N 143 
DT  "O5'" "C5'"  sing N N 144 
DT  "C5'" "C4'"  sing N N 145 
DT  "C5'" "H5'"  sing N N 146 
DT  "C5'" "H5''" sing N N 147 
DT  "C4'" "O4'"  sing N N 148 
DT  "C4'" "C3'"  sing N N 149 
DT  "C4'" "H4'"  sing N N 150 
DT  "O4'" "C1'"  sing N N 151 
DT  "C3'" "O3'"  sing N N 152 
DT  "C3'" "C2'"  sing N N 153 
DT  "C3'" "H3'"  sing N N 154 
DT  "O3'" "HO3'" sing N N 155 
DT  "C2'" "C1'"  sing N N 156 
DT  "C2'" "H2'"  sing N N 157 
DT  "C2'" "H2''" sing N N 158 
DT  "C1'" N1     sing N N 159 
DT  "C1'" "H1'"  sing N N 160 
DT  N1    C2     sing N N 161 
DT  N1    C6     sing N N 162 
DT  C2    O2     doub N N 163 
DT  C2    N3     sing N N 164 
DT  N3    C4     sing N N 165 
DT  N3    H3     sing N N 166 
DT  C4    O4     doub N N 167 
DT  C4    C5     sing N N 168 
DT  C5    C7     sing N N 169 
DT  C5    C6     doub N N 170 
DT  C7    H71    sing N N 171 
DT  C7    H72    sing N N 172 
DT  C7    H73    sing N N 173 
DT  C6    H6     sing N N 174 
HOH O     H1     sing N N 175 
HOH O     H2     sing N N 176 
MVA N     CN     sing N N 177 
MVA N     CA     sing N N 178 
MVA N     H      sing N N 179 
MVA CN    HN1    sing N N 180 
MVA CN    HN2    sing N N 181 
MVA CN    HN3    sing N N 182 
MVA CA    CB     sing N N 183 
MVA CA    C      sing N N 184 
MVA CA    HA     sing N N 185 
MVA CB    CG1    sing N N 186 
MVA CB    CG2    sing N N 187 
MVA CB    HB     sing N N 188 
MVA CG1   HG11   sing N N 189 
MVA CG1   HG12   sing N N 190 
MVA CG1   HG13   sing N N 191 
MVA CG2   HG21   sing N N 192 
MVA CG2   HG22   sing N N 193 
MVA CG2   HG23   sing N N 194 
MVA C     O      doub N N 195 
MVA C     OXT    sing N N 196 
MVA OXT   HXT    sing N N 197 
N2C N     CA     sing N N 198 
N2C N     CN     sing N N 199 
N2C N     H      sing N N 200 
N2C CA    CB     sing N N 201 
N2C CA    C      sing N N 202 
N2C CA    HA     sing N N 203 
N2C CB    SG     sing N N 204 
N2C CB    HB2    sing N N 205 
N2C CB    HB3    sing N N 206 
N2C SG    CD     sing N N 207 
N2C CD    HD1    sing N N 208 
N2C CD    HD2    sing N N 209 
N2C CD    HD3    sing N N 210 
N2C CN    HN1    sing N N 211 
N2C CN    HN2    sing N N 212 
N2C CN    HN3    sing N N 213 
N2C C     O      doub N N 214 
N2C C     OXT    sing N N 215 
N2C OXT   HXT    sing N N 216 
NCY N     CA     sing N N 217 
NCY N     CN     sing N N 218 
NCY N     H      sing N N 219 
NCY CA    CB     sing N N 220 
NCY CA    C      sing N N 221 
NCY CA    HA     sing N N 222 
NCY CB    SG     sing N N 223 
NCY CB    HB2    sing N N 224 
NCY CB    HB3    sing N N 225 
NCY SG    HG     sing N N 226 
NCY CN    HCN1   sing N N 227 
NCY CN    HCN2   sing N N 228 
NCY CN    HCN3   sing N N 229 
NCY C     O      doub N N 230 
NCY C     OXT    sing N N 231 
NCY OXT   HXT    sing N N 232 
QUI N1    C2     doub Y N 233 
QUI N1    C9     sing Y N 234 
QUI C2    C3     sing Y N 235 
QUI C2    C      sing N N 236 
QUI C3    N4     doub Y N 237 
QUI C3    H3     sing N N 238 
QUI N4    C10    sing Y N 239 
QUI C5    C6     doub Y N 240 
QUI C5    C10    sing Y N 241 
QUI C5    H5     sing N N 242 
QUI C6    C7     sing Y N 243 
QUI C6    H6     sing N N 244 
QUI C7    C8     doub Y N 245 
QUI C7    H7     sing N N 246 
QUI C8    C9     sing Y N 247 
QUI C8    H8     sing N N 248 
QUI C9    C10    doub Y N 249 
QUI C     O1     doub N N 250 
QUI C     O2     sing N N 251 
QUI O2    HO2    sing N N 252 
# 
_ndb_struct_conf_na.entry_id   1XVR 
_ndb_struct_conf_na.feature    'double helix' 
# 
loop_
_ndb_struct_na_base_pair.model_number 
_ndb_struct_na_base_pair.i_label_asym_id 
_ndb_struct_na_base_pair.i_label_comp_id 
_ndb_struct_na_base_pair.i_label_seq_id 
_ndb_struct_na_base_pair.i_symmetry 
_ndb_struct_na_base_pair.j_label_asym_id 
_ndb_struct_na_base_pair.j_label_comp_id 
_ndb_struct_na_base_pair.j_label_seq_id 
_ndb_struct_na_base_pair.j_symmetry 
_ndb_struct_na_base_pair.shear 
_ndb_struct_na_base_pair.stretch 
_ndb_struct_na_base_pair.stagger 
_ndb_struct_na_base_pair.buckle 
_ndb_struct_na_base_pair.propeller 
_ndb_struct_na_base_pair.opening 
_ndb_struct_na_base_pair.pair_number 
_ndb_struct_na_base_pair.pair_name 
_ndb_struct_na_base_pair.i_auth_asym_id 
_ndb_struct_na_base_pair.i_auth_seq_id 
_ndb_struct_na_base_pair.i_PDB_ins_code 
_ndb_struct_na_base_pair.j_auth_asym_id 
_ndb_struct_na_base_pair.j_auth_seq_id 
_ndb_struct_na_base_pair.j_PDB_ins_code 
_ndb_struct_na_base_pair.hbond_type_28 
_ndb_struct_na_base_pair.hbond_type_12 
1 A DC 1 1_555 B DG 6 1_555 0.247  -0.149 0.305  -21.322 2.999   -2.409  1 A_DC2:DG107_C A 2 ? C 107 ? 19 1 
1 A DG 2 1_555 B DC 5 1_555 -0.364 -0.101 0.375  22.044  -0.009  -1.156  2 A_DG3:DC106_C A 3 ? C 106 ? 19 1 
1 A DT 3 1_555 B DA 4 1_555 -0.525 3.618  0.457  -6.349  10.239  -67.690 3 A_DT4:DA105_C A 4 ? C 105 ? 23 3 
1 A DA 4 1_555 B DT 3 1_555 0.603  -3.567 -0.565 6.514   -11.427 67.592  4 A_DA5:DT104_C A 5 ? C 104 ? 23 3 
1 A DC 5 1_555 B DG 2 1_555 0.373  -0.087 0.345  -19.748 0.134   -0.300  5 A_DC6:DG103_C A 6 ? C 103 ? 19 1 
1 A DG 6 1_555 B DC 1 1_555 -0.227 -0.157 0.319  21.896  2.879   -2.451  6 A_DG7:DC102_C A 7 ? C 102 ? 19 1 
# 
loop_
_ndb_struct_na_base_pair_step.model_number 
_ndb_struct_na_base_pair_step.i_label_asym_id_1 
_ndb_struct_na_base_pair_step.i_label_comp_id_1 
_ndb_struct_na_base_pair_step.i_label_seq_id_1 
_ndb_struct_na_base_pair_step.i_symmetry_1 
_ndb_struct_na_base_pair_step.j_label_asym_id_1 
_ndb_struct_na_base_pair_step.j_label_comp_id_1 
_ndb_struct_na_base_pair_step.j_label_seq_id_1 
_ndb_struct_na_base_pair_step.j_symmetry_1 
_ndb_struct_na_base_pair_step.i_label_asym_id_2 
_ndb_struct_na_base_pair_step.i_label_comp_id_2 
_ndb_struct_na_base_pair_step.i_label_seq_id_2 
_ndb_struct_na_base_pair_step.i_symmetry_2 
_ndb_struct_na_base_pair_step.j_label_asym_id_2 
_ndb_struct_na_base_pair_step.j_label_comp_id_2 
_ndb_struct_na_base_pair_step.j_label_seq_id_2 
_ndb_struct_na_base_pair_step.j_symmetry_2 
_ndb_struct_na_base_pair_step.shift 
_ndb_struct_na_base_pair_step.slide 
_ndb_struct_na_base_pair_step.rise 
_ndb_struct_na_base_pair_step.tilt 
_ndb_struct_na_base_pair_step.roll 
_ndb_struct_na_base_pair_step.twist 
_ndb_struct_na_base_pair_step.x_displacement 
_ndb_struct_na_base_pair_step.y_displacement 
_ndb_struct_na_base_pair_step.helical_rise 
_ndb_struct_na_base_pair_step.inclination 
_ndb_struct_na_base_pair_step.tip 
_ndb_struct_na_base_pair_step.helical_twist 
_ndb_struct_na_base_pair_step.step_number 
_ndb_struct_na_base_pair_step.step_name 
_ndb_struct_na_base_pair_step.i_auth_asym_id_1 
_ndb_struct_na_base_pair_step.i_auth_seq_id_1 
_ndb_struct_na_base_pair_step.i_PDB_ins_code_1 
_ndb_struct_na_base_pair_step.j_auth_asym_id_1 
_ndb_struct_na_base_pair_step.j_auth_seq_id_1 
_ndb_struct_na_base_pair_step.j_PDB_ins_code_1 
_ndb_struct_na_base_pair_step.i_auth_asym_id_2 
_ndb_struct_na_base_pair_step.i_auth_seq_id_2 
_ndb_struct_na_base_pair_step.i_PDB_ins_code_2 
_ndb_struct_na_base_pair_step.j_auth_asym_id_2 
_ndb_struct_na_base_pair_step.j_auth_seq_id_2 
_ndb_struct_na_base_pair_step.j_PDB_ins_code_2 
1 A DC 1 1_555 B DG 6 1_555 A DG 2 1_555 B DC 5 1_555 0.188  2.326 2.527  2.768    -0.176  6.209    20.161 7.112  2.324  -1.525  
-24.034 6.800    1 AA_DC2DG3:DC106DG107_CC A 2 ? C 107 ? A 3 ? C 106 ? 
1 A DG 2 1_555 B DC 5 1_555 A DT 3 1_555 B DA 4 1_555 0.529  0.599 7.402  -10.710  4.671   66.428   0.132  -1.415 7.277  4.230   
9.698   67.332   2 AA_DG3DT4:DA105DC106_CC A 3 ? C 106 ? A 4 ? C 105 ? 
1 A DT 3 1_555 B DA 4 1_555 A DA 4 1_555 B DT 3 1_555 -2.980 4.921 -1.297 157.138  -80.728 -150.293 -2.499 -1.565 0.001  40.390  
78.619  -179.144 3 AA_DT4DA5:DT104DA105_CC A 4 ? C 105 ? A 5 ? C 104 ? 
1 A DA 4 1_555 B DT 3 1_555 A DC 5 1_555 B DG 2 1_555 3.780  6.388 -0.710 -140.314 91.008  -39.939  -2.975 2.266  -0.530 -47.785 
-73.674 -168.013 4 AA_DA5DC6:DG103DT104_CC A 5 ? C 104 ? A 6 ? C 103 ? 
1 A DC 5 1_555 B DG 2 1_555 A DG 6 1_555 B DC 1 1_555 -0.251 2.405 2.579  -3.044   -0.247  6.783    19.201 -6.231 2.375  -1.965  
24.179  7.439    5 AA_DC6DG7:DC102DG103_CC A 6 ? C 103 ? A 7 ? C 102 ? 
# 
_atom_sites.entry_id                    1XVR 
_atom_sites.fract_transf_matrix[1][1]   -0.02906377 
_atom_sites.fract_transf_matrix[1][2]   0.02190067 
_atom_sites.fract_transf_matrix[1][3]   0.00855979 
_atom_sites.fract_transf_matrix[2][1]   -0.00972550 
_atom_sites.fract_transf_matrix[2][2]   -0.01265011 
_atom_sites.fract_transf_matrix[2][3]   -0.00065582 
_atom_sites.fract_transf_matrix[3][1]   -0.00600511 
_atom_sites.fract_transf_matrix[3][2]   0.00297795 
_atom_sites.fract_transf_matrix[3][3]   0.03161115 
_atom_sites.fract_transf_vector[1]      0.327805 
_atom_sites.fract_transf_vector[2]      0.891240 
_atom_sites.fract_transf_vector[3]      0.659329 
# 
loop_
_atom_type.symbol 
C  
MG 
N  
O  
P  
S  
# 
loop_
_atom_site.group_PDB 
_atom_site.id 
_atom_site.type_symbol 
_atom_site.label_atom_id 
_atom_site.label_alt_id 
_atom_site.label_comp_id 
_atom_site.label_asym_id 
_atom_site.label_entity_id 
_atom_site.label_seq_id 
_atom_site.pdbx_PDB_ins_code 
_atom_site.Cartn_x 
_atom_site.Cartn_y 
_atom_site.Cartn_z 
_atom_site.occupancy 
_atom_site.B_iso_or_equiv 
_atom_site.pdbx_formal_charge 
_atom_site.auth_seq_id 
_atom_site.auth_comp_id 
_atom_site.auth_asym_id 
_atom_site.auth_atom_id 
_atom_site.pdbx_PDB_model_num 
ATOM   1   O  "O5'" A DC  A 1 1 ? -3.535  15.779  5.787  0.41 30.81 ? 2    DC  A "O5'" 1 
ATOM   2   O  "O5'" B DC  A 1 1 ? -2.721  15.463  7.294  0.59 33.65 ? 2    DC  A "O5'" 1 
ATOM   3   C  "C5'" A DC  A 1 1 ? -4.445  14.777  5.340  0.41 28.68 ? 2    DC  A "C5'" 1 
ATOM   4   C  "C5'" B DC  A 1 1 ? -3.907  14.919  6.710  0.59 29.69 ? 2    DC  A "C5'" 1 
ATOM   5   C  "C4'" A DC  A 1 1 ? -3.709  13.486  5.151  0.41 27.95 ? 2    DC  A "C4'" 1 
ATOM   6   C  "C4'" B DC  A 1 1 ? -3.541  13.657  5.978  0.59 28.22 ? 2    DC  A "C4'" 1 
ATOM   7   O  "O4'" A DC  A 1 1 ? -2.261  13.717  5.213  0.41 26.01 ? 2    DC  A "O4'" 1 
ATOM   8   O  "O4'" B DC  A 1 1 ? -2.205  13.736  5.433  0.59 26.13 ? 2    DC  A "O4'" 1 
ATOM   9   C  "C3'" A DC  A 1 1 ? -3.868  12.391  6.196  0.41 29.06 ? 2    DC  A "C3'" 1 
ATOM   10  C  "C3'" B DC  A 1 1 ? -3.474  12.388  6.825  0.59 28.85 ? 2    DC  A "C3'" 1 
ATOM   11  O  "O3'" A DC  A 1 1 ? -5.062  11.622  6.064  0.41 31.57 ? 2    DC  A "O3'" 1 
ATOM   12  O  "O3'" B DC  A 1 1 ? -4.765  11.884  7.136  0.59 31.61 ? 2    DC  A "O3'" 1 
ATOM   13  C  "C2'" A DC  A 1 1 ? -2.646  11.532  5.949  0.41 27.47 ? 2    DC  A "C2'" 1 
ATOM   14  C  "C2'" B DC  A 1 1 ? -2.672  11.484  5.920  0.59 27.65 ? 2    DC  A "C2'" 1 
ATOM   15  C  "C1'" A DC  A 1 1 ? -1.722  12.407  5.102  0.41 25.45 ? 2    DC  A "C1'" 1 
ATOM   16  C  "C1'" B DC  A 1 1 ? -1.744  12.419  5.160  0.59 25.62 ? 2    DC  A "C1'" 1 
ATOM   17  N  N1    . DC  A 1 1 ? -0.335  12.340  5.567  1.00 22.26 ? 2    DC  A N1    1 
ATOM   18  C  C2    . DC  A 1 1 ? 0.695   12.107  4.655  1.00 19.72 ? 2    DC  A C2    1 
ATOM   19  O  O2    . DC  A 1 1 ? 0.436   11.960  3.440  1.00 20.39 ? 2    DC  A O2    1 
ATOM   20  N  N3    . DC  A 1 1 ? 1.975   12.048  5.108  1.00 20.02 ? 2    DC  A N3    1 
ATOM   21  C  C4    . DC  A 1 1 ? 2.254   12.204  6.395  1.00 20.63 ? 2    DC  A C4    1 
ATOM   22  N  N4    . DC  A 1 1 ? 3.509   12.147  6.852  1.00 24.52 ? 2    DC  A N4    1 
ATOM   23  C  C5    . DC  A 1 1 ? 1.230   12.441  7.349  1.00 23.32 ? 2    DC  A C5    1 
ATOM   24  C  C6    . DC  A 1 1 ? -0.022  12.498  6.892  1.00 23.39 ? 2    DC  A C6    1 
ATOM   25  P  P     A DG  A 1 2 ? -6.104  11.552  7.302  0.41 30.98 ? 3    DG  A P     1 
ATOM   26  P  P     B DG  A 1 2 ? -5.043  10.775  8.260  0.59 30.96 ? 3    DG  A P     1 
ATOM   27  O  OP1   A DG  A 1 2 ? -7.259  12.428  6.923  0.41 34.85 ? 3    DG  A OP1   1 
ATOM   28  O  OP1   B DG  A 1 2 ? -6.241  11.179  9.057  0.59 33.37 ? 3    DG  A OP1   1 
ATOM   29  O  OP2   A DG  A 1 2 ? -5.442  11.884  8.588  0.41 30.49 ? 3    DG  A OP2   1 
ATOM   30  O  OP2   B DG  A 1 2 ? -3.782  10.507  9.021  0.59 35.44 ? 3    DG  A OP2   1 
ATOM   31  O  "O5'" A DG  A 1 2 ? -6.640  10.065  7.310  0.41 30.20 ? 3    DG  A "O5'" 1 
ATOM   32  O  "O5'" B DG  A 1 2 ? -5.411  9.463   7.460  0.59 29.50 ? 3    DG  A "O5'" 1 
ATOM   33  C  "C5'" A DG  A 1 2 ? -5.951  8.834   7.363  0.41 29.16 ? 3    DG  A "C5'" 1 
ATOM   34  C  "C5'" B DG  A 1 2 ? -6.210  9.503   6.265  0.59 27.89 ? 3    DG  A "C5'" 1 
ATOM   35  C  "C4'" A DG  A 1 2 ? -5.677  8.242   5.998  0.41 25.03 ? 3    DG  A "C4'" 1 
ATOM   36  C  "C4'" B DG  A 1 2 ? -5.626  8.469   5.327  0.59 24.58 ? 3    DG  A "C4'" 1 
ATOM   37  O  "O4'" A DG  A 1 2 ? -4.332  8.628   5.620  0.41 22.79 ? 3    DG  A "O4'" 1 
ATOM   38  O  "O4'" B DG  A 1 2 ? -4.195  8.711   5.304  0.59 22.56 ? 3    DG  A "O4'" 1 
ATOM   39  C  "C3'" A DG  A 1 2 ? -5.692  6.728   5.867  0.41 25.24 ? 3    DG  A "C3'" 1 
ATOM   40  C  "C3'" B DG  A 1 2 ? -5.772  7.009   5.691  0.59 25.09 ? 3    DG  A "C3'" 1 
ATOM   41  O  "O3'" A DG  A 1 2 ? -6.051  6.245   4.593  0.41 26.59 ? 3    DG  A "O3'" 1 
ATOM   42  O  "O3'" B DG  A 1 2 ? -6.031  6.172   4.587  0.59 26.67 ? 3    DG  A "O3'" 1 
ATOM   43  C  "C2'" A DG  A 1 2 ? -4.247  6.334   6.123  0.41 23.48 ? 3    DG  A "C2'" 1 
ATOM   44  C  "C2'" B DG  A 1 2 ? -4.424  6.589   6.237  0.59 23.62 ? 3    DG  A "C2'" 1 
ATOM   45  C  "C1'" A DG  A 1 2 ? -3.497  7.490   5.481  0.41 21.56 ? 3    DG  A "C1'" 1 
ATOM   46  C  "C1'" B DG  A 1 2 ? -3.483  7.497   5.452  0.59 21.57 ? 3    DG  A "C1'" 1 
ATOM   47  N  N9    . DG  A 1 2 ? -2.228  7.756   6.138  1.00 19.59 ? 3    DG  A N9    1 
ATOM   48  C  C8    . DG  A 1 2 ? -1.984  7.684   7.501  1.00 20.11 ? 3    DG  A C8    1 
ATOM   49  N  N7    . DG  A 1 2 ? -0.754  7.976   7.797  1.00 19.07 ? 3    DG  A N7    1 
ATOM   50  C  C5    . DG  A 1 2 ? -0.153  8.257   6.578  1.00 17.55 ? 3    DG  A C5    1 
ATOM   51  C  C6    . DG  A 1 2 ? 1.171   8.634   6.264  1.00 16.08 ? 3    DG  A C6    1 
ATOM   52  O  O6    . DG  A 1 2 ? 2.129   8.808   7.027  1.00 18.34 ? 3    DG  A O6    1 
ATOM   53  N  N1    . DG  A 1 2 ? 1.328   8.813   4.887  1.00 16.51 ? 3    DG  A N1    1 
ATOM   54  C  C2    . DG  A 1 2 ? 0.352   8.653   3.941  1.00 16.84 ? 3    DG  A C2    1 
ATOM   55  N  N2    . DG  A 1 2 ? 0.761   8.888   2.671  1.00 17.41 ? 3    DG  A N2    1 
ATOM   56  N  N3    . DG  A 1 2 ? -0.892  8.301   4.203  1.00 17.27 ? 3    DG  A N3    1 
ATOM   57  C  C4    . DG  A 1 2 ? -1.056  8.123   5.537  1.00 17.39 ? 3    DG  A C4    1 
ATOM   58  P  P     . DT  A 1 3 ? -7.505  5.747   4.131  1.00 29.71 ? 4    DT  A P     1 
ATOM   59  O  OP1   . DT  A 1 3 ? -8.305  6.966   3.824  1.00 35.23 ? 4    DT  A OP1   1 
ATOM   60  O  OP2   . DT  A 1 3 ? -8.071  4.815   5.138  1.00 36.36 ? 4    DT  A OP2   1 
ATOM   61  O  "O5'" . DT  A 1 3 ? -7.169  4.941   2.792  1.00 29.52 ? 4    DT  A "O5'" 1 
ATOM   62  C  "C5'" . DT  A 1 3 ? -6.335  5.463   1.789  1.00 29.00 ? 4    DT  A "C5'" 1 
ATOM   63  C  "C4'" . DT  A 1 3 ? -5.826  4.412   0.837  1.00 28.53 ? 4    DT  A "C4'" 1 
ATOM   64  O  "O4'" . DT  A 1 3 ? -4.600  3.840   1.327  1.00 27.07 ? 4    DT  A "O4'" 1 
ATOM   65  C  "C3'" . DT  A 1 3 ? -6.745  3.205   0.629  1.00 29.76 ? 4    DT  A "C3'" 1 
ATOM   66  O  "O3'" . DT  A 1 3 ? -6.716  2.876   -0.747 1.00 32.01 ? 4    DT  A "O3'" 1 
ATOM   67  C  "C2'" . DT  A 1 3 ? -6.189  2.137   1.546  1.00 28.02 ? 4    DT  A "C2'" 1 
ATOM   68  C  "C1'" . DT  A 1 3 ? -4.718  2.453   1.631  1.00 25.35 ? 4    DT  A "C1'" 1 
ATOM   69  N  N1    . DT  A 1 3 ? -4.041  2.412   2.931  1.00 24.72 ? 4    DT  A N1    1 
ATOM   70  C  C2    . DT  A 1 3 ? -2.701  2.132   2.904  1.00 23.65 ? 4    DT  A C2    1 
ATOM   71  O  O2    . DT  A 1 3 ? -2.109  1.914   1.853  1.00 23.41 ? 4    DT  A O2    1 
ATOM   72  N  N3    . DT  A 1 3 ? -2.114  2.107   4.139  1.00 23.52 ? 4    DT  A N3    1 
ATOM   73  C  C4    . DT  A 1 3 ? -2.677  2.340   5.368  1.00 24.57 ? 4    DT  A C4    1 
ATOM   74  O  O4    . DT  A 1 3 ? -1.987  2.277   6.380  1.00 25.75 ? 4    DT  A O4    1 
ATOM   75  C  C5    . DT  A 1 3 ? -4.085  2.635   5.340  1.00 25.43 ? 4    DT  A C5    1 
ATOM   76  C  C7    . DT  A 1 3 ? -4.791  2.898   6.633  1.00 27.61 ? 4    DT  A C7    1 
ATOM   77  C  C6    . DT  A 1 3 ? -4.658  2.655   4.135  1.00 25.64 ? 4    DT  A C6    1 
ATOM   78  P  P     . DA  A 1 4 ? -7.750  1.854   -1.446 1.00 35.39 ? 5    DA  A P     1 
ATOM   79  O  OP1   . DA  A 1 4 ? -7.861  2.224   -2.876 1.00 40.18 ? 5    DA  A OP1   1 
ATOM   80  O  OP2   . DA  A 1 4 ? -8.956  1.689   -0.612 1.00 41.84 ? 5    DA  A OP2   1 
ATOM   81  O  "O5'" . DA  A 1 4 ? -6.923  0.485   -1.350 1.00 34.02 ? 5    DA  A "O5'" 1 
ATOM   82  C  "C5'" . DA  A 1 4 ? -5.637  0.420   -1.943 1.00 29.26 ? 5    DA  A "C5'" 1 
ATOM   83  C  "C4'" . DA  A 1 4 ? -4.825  -0.746  -1.462 1.00 28.61 ? 5    DA  A "C4'" 1 
ATOM   84  O  "O4'" . DA  A 1 4 ? -4.280  -0.478  -0.143 1.00 26.77 ? 5    DA  A "O4'" 1 
ATOM   85  C  "C3'" . DA  A 1 4 ? -5.574  -2.070  -1.272 1.00 28.41 ? 5    DA  A "C3'" 1 
ATOM   86  O  "O3'" . DA  A 1 4 ? -5.448  -2.827  -2.471 1.00 31.36 ? 5    DA  A "O3'" 1 
ATOM   87  C  "C2'" . DA  A 1 4 ? -4.942  -2.718  -0.064 1.00 26.27 ? 5    DA  A "C2'" 1 
ATOM   88  C  "C1'" . DA  A 1 4 ? -3.835  -1.756  0.331  1.00 24.80 ? 5    DA  A "C1'" 1 
ATOM   89  N  N9    . DA  A 1 4 ? -3.549  -1.507  1.757  1.00 22.72 ? 5    DA  A N9    1 
ATOM   90  C  C8    . DA  A 1 4 ? -2.286  -1.469  2.326  1.00 22.62 ? 5    DA  A C8    1 
ATOM   91  N  N7    . DA  A 1 4 ? -2.272  -1.227  3.623  1.00 22.11 ? 5    DA  A N7    1 
ATOM   92  C  C5    . DA  A 1 4 ? -3.631  -1.096  3.924  1.00 22.19 ? 5    DA  A C5    1 
ATOM   93  C  C6    . DA  A 1 4 ? -4.284  -0.834  5.126  1.00 23.39 ? 5    DA  A C6    1 
ATOM   94  N  N6    . DA  A 1 4 ? -3.599  -0.661  6.259  1.00 23.31 ? 5    DA  A N6    1 
ATOM   95  N  N1    . DA  A 1 4 ? -5.628  -0.758  5.136  1.00 22.96 ? 5    DA  A N1    1 
ATOM   96  C  C2    . DA  A 1 4 ? -6.271  -0.940  3.978  1.00 23.19 ? 5    DA  A C2    1 
ATOM   97  N  N3    . DA  A 1 4 ? -5.770  -1.196  2.764  1.00 23.23 ? 5    DA  A N3    1 
ATOM   98  C  C4    . DA  A 1 4 ? -4.427  -1.263  2.795  1.00 22.90 ? 5    DA  A C4    1 
ATOM   99  P  P     . DC  A 1 5 ? -6.615  -3.795  -2.958 1.00 32.75 ? 6    DC  A P     1 
ATOM   100 O  OP1   . DC  A 1 5 ? -6.193  -4.375  -4.261 1.00 37.72 ? 6    DC  A OP1   1 
ATOM   101 O  OP2   . DC  A 1 5 ? -7.956  -3.171  -2.833 1.00 37.89 ? 6    DC  A OP2   1 
ATOM   102 O  "O5'" . DC  A 1 5 ? -6.564  -4.962  -1.854 1.00 30.85 ? 6    DC  A "O5'" 1 
ATOM   103 C  "C5'" . DC  A 1 5 ? -7.598  -5.920  -1.697 1.00 28.26 ? 6    DC  A "C5'" 1 
ATOM   104 C  "C4'" . DC  A 1 5 ? -6.977  -7.258  -1.445 1.00 26.12 ? 6    DC  A "C4'" 1 
ATOM   105 O  "O4'" . DC  A 1 5 ? -6.289  -7.293  -0.177 1.00 24.45 ? 6    DC  A "O4'" 1 
ATOM   106 C  "C3'" . DC  A 1 5 ? -7.993  -8.401  -1.361 1.00 26.19 ? 6    DC  A "C3'" 1 
ATOM   107 O  "O3'" . DC  A 1 5 ? -8.326  -8.809  -2.684 1.00 26.81 ? 6    DC  A "O3'" 1 
ATOM   108 C  "C2'" . DC  A 1 5 ? -7.285  -9.441  -0.554 1.00 24.36 ? 6    DC  A "C2'" 1 
ATOM   109 C  "C1'" . DC  A 1 5 ? -6.292  -8.666  0.283  1.00 23.27 ? 6    DC  A "C1'" 1 
ATOM   110 N  N1    . DC  A 1 5 ? -6.585  -8.496  1.700  1.00 21.03 ? 6    DC  A N1    1 
ATOM   111 C  C2    . DC  A 1 5 ? -5.540  -8.469  2.629  1.00 18.11 ? 6    DC  A C2    1 
ATOM   112 O  O2    . DC  A 1 5 ? -4.366  -8.591  2.241  1.00 19.44 ? 6    DC  A O2    1 
ATOM   113 N  N3    . DC  A 1 5 ? -5.853  -8.305  3.925  1.00 18.30 ? 6    DC  A N3    1 
ATOM   114 C  C4    . DC  A 1 5 ? -7.122  -8.177  4.298  1.00 19.05 ? 6    DC  A C4    1 
ATOM   115 N  N4    . DC  A 1 5 ? -7.368  -8.017  5.605  1.00 19.63 ? 6    DC  A N4    1 
ATOM   116 C  C5    . DC  A 1 5 ? -8.207  -8.199  3.375  1.00 21.60 ? 6    DC  A C5    1 
ATOM   117 C  C6    . DC  A 1 5 ? -7.895  -8.361  2.082  1.00 22.17 ? 6    DC  A C6    1 
ATOM   118 P  P     . DG  A 1 6 ? -9.630  -9.716  -2.904 1.00 27.86 ? 7    DG  A P     1 
ATOM   119 O  OP1   . DG  A 1 6 ? -10.014 -9.503  -4.333 1.00 32.35 ? 7    DG  A OP1   1 
ATOM   120 O  OP2   . DG  A 1 6 ? -10.610 -9.538  -1.821 1.00 32.90 ? 7    DG  A OP2   1 
ATOM   121 O  "O5'" . DG  A 1 6 ? -9.032  -11.185 -2.793 1.00 24.98 ? 7    DG  A "O5'" 1 
ATOM   122 C  "C5'" . DG  A 1 6 ? -8.151  -11.653 -3.836 1.00 25.63 ? 7    DG  A "C5'" 1 
ATOM   123 C  "C4'" . DG  A 1 6 ? -7.441  -12.828 -3.206 1.00 24.22 ? 7    DG  A "C4'" 1 
ATOM   124 O  "O4'" . DG  A 1 6 ? -6.668  -12.366 -2.069 1.00 23.63 ? 7    DG  A "O4'" 1 
ATOM   125 C  "C3'" . DG  A 1 6 ? -8.345  -13.919 -2.660 1.00 23.25 ? 7    DG  A "C3'" 1 
ATOM   126 O  "O3'" . DG  A 1 6 ? -8.764  -14.796 -3.708 1.00 24.25 ? 7    DG  A "O3'" 1 
ATOM   127 C  "C2'" . DG  A 1 6 ? -7.465  -14.571 -1.629 1.00 22.18 ? 7    DG  A "C2'" 1 
ATOM   128 C  "C1'" . DG  A 1 6 ? -6.588  -13.400 -1.114 1.00 21.43 ? 7    DG  A "C1'" 1 
ATOM   129 N  N9    . DG  A 1 6 ? -7.045  -12.941 0.197  1.00 21.46 ? 7    DG  A N9    1 
ATOM   130 C  C8    . DG  A 1 6 ? -8.342  -12.911 0.628  1.00 22.45 ? 7    DG  A C8    1 
ATOM   131 N  N7    . DG  A 1 6 ? -8.479  -12.454 1.843  1.00 21.78 ? 7    DG  A N7    1 
ATOM   132 C  C5    . DG  A 1 6 ? -7.184  -12.164 2.245  1.00 19.72 ? 7    DG  A C5    1 
ATOM   133 C  C6    . DG  A 1 6 ? -6.721  -11.643 3.474  1.00 20.07 ? 7    DG  A C6    1 
ATOM   134 O  O6    . DG  A 1 6 ? -7.405  -11.329 4.471  1.00 19.59 ? 7    DG  A O6    1 
ATOM   135 N  N1    . DG  A 1 6 ? -5.341  -11.493 3.495  1.00 18.15 ? 7    DG  A N1    1 
ATOM   136 C  C2    . DG  A 1 6 ? -4.523  -11.815 2.434  1.00 18.82 ? 7    DG  A C2    1 
ATOM   137 N  N2    . DG  A 1 6 ? -3.215  -11.608 2.617  1.00 17.77 ? 7    DG  A N2    1 
ATOM   138 N  N3    . DG  A 1 6 ? -4.965  -12.301 1.293  1.00 19.63 ? 7    DG  A N3    1 
ATOM   139 C  C4    . DG  A 1 6 ? -6.299  -12.461 1.239  1.00 20.16 ? 7    DG  A C4    1 
ATOM   140 O  "O5'" A DC  B 1 1 ? 0.865   -14.326 10.007 0.50 33.16 ? 102  DC  C "O5'" 1 
ATOM   141 O  "O5'" B DC  B 1 1 ? -0.954  -14.755 8.844  0.50 34.27 ? 102  DC  C "O5'" 1 
ATOM   142 C  "C5'" A DC  B 1 1 ? 0.696   -12.935 10.310 0.50 29.65 ? 102  DC  C "C5'" 1 
ATOM   143 C  "C5'" B DC  B 1 1 ? -0.462  -13.797 9.803  0.50 29.44 ? 102  DC  C "C5'" 1 
ATOM   144 C  "C4'" A DC  B 1 1 ? 0.651   -12.194 8.996  0.50 29.81 ? 102  DC  C "C4'" 1 
ATOM   145 C  "C4'" B DC  B 1 1 ? 0.196   -12.674 9.013  0.50 29.64 ? 102  DC  C "C4'" 1 
ATOM   146 O  "O4'" A DC  B 1 1 ? -0.655  -12.352 8.382  0.50 28.47 ? 102  DC  C "O4'" 1 
ATOM   147 O  "O4'" B DC  B 1 1 ? -0.587  -12.517 7.813  0.50 28.23 ? 102  DC  C "O4'" 1 
ATOM   148 C  "C3'" A DC  B 1 1 ? 0.845   -10.691 9.071  0.50 30.09 ? 102  DC  C "C3'" 1 
ATOM   149 C  "C3'" B DC  B 1 1 ? 0.260   -11.299 9.656  0.50 29.52 ? 102  DC  C "C3'" 1 
ATOM   150 O  "O3'" A DC  B 1 1 ? 1.929   -10.347 8.233  0.50 32.50 ? 102  DC  C "O3'" 1 
ATOM   151 O  "O3'" B DC  B 1 1 ? 1.599   -10.974 10.005 0.50 31.51 ? 102  DC  C "O3'" 1 
ATOM   152 C  "C2'" A DC  B 1 1 ? -0.399  -10.036 8.561  0.50 28.63 ? 102  DC  C "C2'" 1 
ATOM   153 C  "C2'" B DC  B 1 1 ? -0.251  -10.325 8.629  0.50 28.86 ? 102  DC  C "C2'" 1 
ATOM   154 C  "C1'" A DC  B 1 1 ? -0.932  -11.154 7.678  0.50 27.74 ? 102  DC  C "C1'" 1 
ATOM   155 C  "C1'" B DC  B 1 1 ? -0.888  -11.161 7.537  0.50 27.79 ? 102  DC  C "C1'" 1 
ATOM   156 N  N1    . DC  B 1 1 ? -2.365  -11.058 7.462  1.00 24.06 ? 102  DC  C N1    1 
ATOM   157 C  C2    . DC  B 1 1 ? -2.931  -11.044 6.191  1.00 20.64 ? 102  DC  C C2    1 
ATOM   158 O  O2    . DC  B 1 1 ? -2.165  -11.119 5.208  1.00 22.30 ? 102  DC  C O2    1 
ATOM   159 N  N3    . DC  B 1 1 ? -4.273  -10.951 6.072  1.00 21.98 ? 102  DC  C N3    1 
ATOM   160 C  C4    . DC  B 1 1 ? -5.044  -10.875 7.164  1.00 23.08 ? 102  DC  C C4    1 
ATOM   161 N  N4    . DC  B 1 1 ? -6.368  -10.784 7.043  1.00 26.01 ? 102  DC  C N4    1 
ATOM   162 C  C5    . DC  B 1 1 ? -4.488  -10.888 8.472  1.00 25.61 ? 102  DC  C C5    1 
ATOM   163 C  C6    . DC  B 1 1 ? -3.158  -10.979 8.577  1.00 25.63 ? 102  DC  C C6    1 
ATOM   164 P  P     A DG  B 1 2 ? 3.408   -10.757 8.713  0.50 33.38 ? 103  DG  C P     1 
ATOM   165 P  P     B DG  B 1 2 ? 2.040   -9.872  11.088 0.50 31.82 ? 103  DG  C P     1 
ATOM   166 O  OP1   A DG  B 1 2 ? 4.005   -11.680 7.718  0.50 33.10 ? 103  DG  C OP1   1 
ATOM   167 O  OP1   B DG  B 1 2 ? 3.534   -9.947  11.155 0.50 34.30 ? 103  DG  C OP1   1 
ATOM   168 O  OP2   A DG  B 1 2 ? 3.400   -11.104 10.162 0.50 34.51 ? 103  DG  C OP2   1 
ATOM   169 O  OP2   B DG  B 1 2 ? 1.267   -10.070 12.350 0.50 35.48 ? 103  DG  C OP2   1 
ATOM   170 O  "O5'" A DG  B 1 2 ? 4.081   -9.292  8.595  0.50 32.23 ? 103  DG  C "O5'" 1 
ATOM   171 O  "O5'" B DG  B 1 2 ? 1.626   -8.460  10.511 0.50 31.39 ? 103  DG  C "O5'" 1 
ATOM   172 C  "C5'" A DG  B 1 2 ? 3.379   -8.220  9.253  0.50 29.93 ? 103  DG  C "C5'" 1 
ATOM   173 C  "C5'" B DG  B 1 2 ? 2.450   -7.299  10.472 0.50 30.12 ? 103  DG  C "C5'" 1 
ATOM   174 C  "C4'" A DG  B 1 2 ? 2.856   -7.210  8.260  0.50 27.63 ? 103  DG  C "C4'" 1 
ATOM   175 C  "C4'" B DG  B 1 2 ? 2.661   -6.852  9.043  0.50 28.09 ? 103  DG  C "C4'" 1 
ATOM   176 O  "O4'" A DG  B 1 2 ? 1.427   -7.436  8.065  0.50 26.30 ? 103  DG  C "O4'" 1 
ATOM   177 O  "O4'" B DG  B 1 2 ? 1.502   -7.302  8.283  0.50 26.32 ? 103  DG  C "O4'" 1 
ATOM   178 C  "C3'" A DG  B 1 2 ? 2.916   -5.737  8.622  0.50 28.47 ? 103  DG  C "C3'" 1 
ATOM   179 C  "C3'" B DG  B 1 2 ? 2.751   -5.365  8.748  0.50 28.36 ? 103  DG  C "C3'" 1 
ATOM   180 O  "O3'" A DG  B 1 2 ? 3.522   -4.996  7.578  0.50 30.44 ? 103  DG  C "O3'" 1 
ATOM   181 O  "O3'" B DG  B 1 2 ? 3.539   -5.066  7.607  0.50 30.54 ? 103  DG  C "O3'" 1 
ATOM   182 C  "C2'" A DG  B 1 2 ? 1.502   -5.250  8.785  0.50 27.21 ? 103  DG  C "C2'" 1 
ATOM   183 C  "C2'" B DG  B 1 2 ? 1.332   -4.953  8.468  0.50 26.74 ? 103  DG  C "C2'" 1 
ATOM   184 C  "C1'" A DG  B 1 2 ? 0.819   -6.178  7.777  0.50 25.58 ? 103  DG  C "C1'" 1 
ATOM   185 C  "C1'" B DG  B 1 2 ? 0.823   -6.195  7.728  0.50 25.52 ? 103  DG  C "C1'" 1 
ATOM   186 N  N9    . DG  B 1 2 ? -0.610  -6.367  7.898  1.00 23.68 ? 103  DG  C N9    1 
ATOM   187 C  C8    . DG  B 1 2 ? -1.354  -6.051  9.025  1.00 22.60 ? 103  DG  C C8    1 
ATOM   188 N  N7    . DG  B 1 2 ? -2.619  -6.322  8.868  1.00 19.70 ? 103  DG  C N7    1 
ATOM   189 C  C5    . DG  B 1 2 ? -2.709  -6.835  7.593  1.00 17.82 ? 103  DG  C C5    1 
ATOM   190 C  C6    . DG  B 1 2 ? -3.826  -7.300  6.871  1.00 17.23 ? 103  DG  C C6    1 
ATOM   191 O  O6    . DG  B 1 2 ? -4.993  -7.336  7.274  1.00 18.18 ? 103  DG  C O6    1 
ATOM   192 N  N1    . DG  B 1 2 ? -3.484  -7.742  5.588  1.00 18.07 ? 103  DG  C N1    1 
ATOM   193 C  C2    . DG  B 1 2 ? -2.222  -7.736  5.069  1.00 18.71 ? 103  DG  C C2    1 
ATOM   194 N  N2    . DG  B 1 2 ? -2.099  -8.207  3.806  1.00 20.14 ? 103  DG  C N2    1 
ATOM   195 N  N3    . DG  B 1 2 ? -1.169  -7.301  5.738  1.00 19.81 ? 103  DG  C N3    1 
ATOM   196 C  C4    . DG  B 1 2 ? -1.483  -6.870  6.977  1.00 19.15 ? 103  DG  C C4    1 
ATOM   197 P  P     . DT  B 1 3 ? 5.041   -4.514  7.699  1.00 32.13 ? 104  DT  C P     1 
ATOM   198 O  OP1   . DT  B 1 3 ? 5.882   -5.656  8.169  1.00 39.25 ? 104  DT  C OP1   1 
ATOM   199 O  OP2   . DT  B 1 3 ? 5.107   -3.261  8.483  1.00 36.79 ? 104  DT  C OP2   1 
ATOM   200 O  "O5'" . DT  B 1 3 ? 5.422   -4.179  6.192  1.00 33.24 ? 104  DT  C "O5'" 1 
ATOM   201 C  "C5'" . DT  B 1 3 ? 5.024   -4.897  5.044  1.00 31.59 ? 104  DT  C "C5'" 1 
ATOM   202 C  "C4'" . DT  B 1 3 ? 4.877   -3.994  3.844  1.00 31.29 ? 104  DT  C "C4'" 1 
ATOM   203 O  "O4'" . DT  B 1 3 ? 3.574   -3.388  3.731  1.00 30.93 ? 104  DT  C "O4'" 1 
ATOM   204 C  "C3'" . DT  B 1 3 ? 5.857   -2.802  3.869  1.00 32.27 ? 104  DT  C "C3'" 1 
ATOM   205 O  "O3'" . DT  B 1 3 ? 6.460   -2.733  2.595  1.00 35.38 ? 104  DT  C "O3'" 1 
ATOM   206 C  "C2'" . DT  B 1 3 ? 4.998   -1.617  4.266  1.00 29.07 ? 104  DT  C "C2'" 1 
ATOM   207 C  "C1'" . DT  B 1 3 ? 3.607   -1.947  3.799  1.00 27.89 ? 104  DT  C "C1'" 1 
ATOM   208 N  N1    . DT  B 1 3 ? 2.439   -1.664  4.653  1.00 26.40 ? 104  DT  C N1    1 
ATOM   209 C  C2    . DT  B 1 3 ? 1.229   -1.414  4.070  1.00 24.42 ? 104  DT  C C2    1 
ATOM   210 O  O2    . DT  B 1 3 ? 0.999   -1.392  2.888  1.00 24.62 ? 104  DT  C O2    1 
ATOM   211 N  N3    . DT  B 1 3 ? 0.192   -1.162  4.934  1.00 24.24 ? 104  DT  C N3    1 
ATOM   212 C  C4    . DT  B 1 3 ? 0.209   -1.139  6.306  1.00 25.56 ? 104  DT  C C4    1 
ATOM   213 O  O4    . DT  B 1 3 ? -0.766  -0.907  7.002  1.00 25.97 ? 104  DT  C O4    1 
ATOM   214 C  C5    . DT  B 1 3 ? 1.505   -1.409  6.883  1.00 26.41 ? 104  DT  C C5    1 
ATOM   215 C  C7    . DT  B 1 3 ? 1.554   -1.387  8.380  1.00 29.10 ? 104  DT  C C7    1 
ATOM   216 C  C6    . DT  B 1 3 ? 2.494   -1.649  6.028  1.00 26.88 ? 104  DT  C C6    1 
ATOM   217 P  P     . DA  B 1 4 ? 7.686   -1.770  2.176  1.00 37.23 ? 105  DA  C P     1 
ATOM   218 O  OP1   . DA  B 1 4 ? 8.271   -2.326  0.944  1.00 42.70 ? 105  DA  C OP1   1 
ATOM   219 O  OP2   . DA  B 1 4 ? 8.479   -1.395  3.368  1.00 44.83 ? 105  DA  C OP2   1 
ATOM   220 O  "O5'" . DA  B 1 4 ? 6.873   -0.436  1.763  1.00 34.25 ? 105  DA  C "O5'" 1 
ATOM   221 C  "C5'" . DA  B 1 4 ? 6.033   -0.581  0.612  1.00 31.82 ? 105  DA  C "C5'" 1 
ATOM   222 C  "C4'" . DA  B 1 4 ? 5.101   0.577   0.476  1.00 30.21 ? 105  DA  C "C4'" 1 
ATOM   223 O  "O4'" . DA  B 1 4 ? 4.020   0.537   1.432  1.00 26.85 ? 105  DA  C "O4'" 1 
ATOM   224 C  "C3'" . DA  B 1 4 ? 5.767   1.935   0.745  1.00 29.16 ? 105  DA  C "C3'" 1 
ATOM   225 O  "O3'" . DA  B 1 4 ? 6.180   2.440   -0.502 1.00 32.19 ? 105  DA  C "O3'" 1 
ATOM   226 C  "C2'" . DA  B 1 4 ? 4.721   2.776   1.421  1.00 27.26 ? 105  DA  C "C2'" 1 
ATOM   227 C  "C1'" . DA  B 1 4 ? 3.502   1.867   1.476  1.00 24.61 ? 105  DA  C "C1'" 1 
ATOM   228 N  N9    . DA  B 1 4 ? 2.674   1.900   2.684  1.00 22.08 ? 105  DA  C N9    1 
ATOM   229 C  C8    . DA  B 1 4 ? 1.291   1.913   2.702  1.00 22.18 ? 105  DA  C C8    1 
ATOM   230 N  N7    . DA  B 1 4 ? 0.758   1.940   3.894  1.00 20.76 ? 105  DA  C N7    1 
ATOM   231 C  C5    . DA  B 1 4 ? 1.881   1.941   4.716  1.00 21.58 ? 105  DA  C C5    1 
ATOM   232 C  C6    . DA  B 1 4 ? 1.975   1.967   6.109  1.00 21.74 ? 105  DA  C C6    1 
ATOM   233 N  N6    . DA  B 1 4 ? 0.857   1.992   6.858  1.00 22.40 ? 105  DA  C N6    1 
ATOM   234 N  N1    . DA  B 1 4 ? 3.217   1.965   6.646  1.00 22.07 ? 105  DA  C N1    1 
ATOM   235 C  C2    . DA  B 1 4 ? 4.280   1.938   5.828  1.00 22.61 ? 105  DA  C C2    1 
ATOM   236 N  N3    . DA  B 1 4 ? 4.319   1.912   4.488  1.00 21.79 ? 105  DA  C N3    1 
ATOM   237 C  C4    . DA  B 1 4 ? 3.059   1.916   4.003  1.00 21.53 ? 105  DA  C C4    1 
ATOM   238 P  P     . DC  B 1 5 ? 7.488   3.312   -0.697 1.00 32.08 ? 106  DC  C P     1 
ATOM   239 O  OP1   . DC  B 1 5 ? 7.727   3.437   -2.163 1.00 37.00 ? 106  DC  C OP1   1 
ATOM   240 O  OP2   . DC  B 1 5 ? 8.610   2.856   0.185  1.00 37.66 ? 106  DC  C OP2   1 
ATOM   241 O  "O5'" . DC  B 1 5 ? 7.002   4.703   -0.077 1.00 28.70 ? 106  DC  C "O5'" 1 
ATOM   242 C  "C5'" . DC  B 1 5 ? 7.934   5.726   0.202  1.00 25.42 ? 106  DC  C "C5'" 1 
ATOM   243 C  "C4'" . DC  B 1 5 ? 7.268   7.045   -0.066 1.00 22.92 ? 106  DC  C "C4'" 1 
ATOM   244 O  "O4'" . DC  B 1 5 ? 6.125   7.274   0.797  1.00 22.00 ? 106  DC  C "O4'" 1 
ATOM   245 C  "C3'" . DC  B 1 5 ? 8.178   8.242   0.187  1.00 23.84 ? 106  DC  C "C3'" 1 
ATOM   246 O  "O3'" . DC  B 1 5 ? 9.069   8.383   -0.909 1.00 25.20 ? 106  DC  C "O3'" 1 
ATOM   247 C  "C2'" . DC  B 1 5 ? 7.190   9.363   0.357  1.00 22.34 ? 106  DC  C "C2'" 1 
ATOM   248 C  "C1'" . DC  B 1 5 ? 5.963   8.701   0.968  1.00 20.59 ? 106  DC  C "C1'" 1 
ATOM   249 N  N1    . DC  B 1 5 ? 5.737   8.838   2.409  1.00 18.49 ? 106  DC  C N1    1 
ATOM   250 C  C2    . DC  B 1 5 ? 4.427   8.987   2.883  1.00 17.87 ? 106  DC  C C2    1 
ATOM   251 O  O2    . DC  B 1 5 ? 3.514   8.999   2.042  1.00 18.09 ? 106  DC  C O2    1 
ATOM   252 N  N3    . DC  B 1 5 ? 4.173   9.115   4.212  1.00 17.82 ? 106  DC  C N3    1 
ATOM   253 C  C4    . DC  B 1 5 ? 5.184   9.096   5.077  1.00 19.43 ? 106  DC  C C4    1 
ATOM   254 N  N4    . DC  B 1 5 ? 4.889   9.222   6.378  1.00 19.61 ? 106  DC  C N4    1 
ATOM   255 C  C5    . DC  B 1 5 ? 6.516   8.943   4.628  1.00 20.86 ? 106  DC  C C5    1 
ATOM   256 C  C6    . DC  B 1 5 ? 6.753   8.820   3.325  1.00 19.86 ? 106  DC  C C6    1 
ATOM   257 P  P     . DG  B 1 6 ? 10.401  9.286   -0.827 1.00 27.10 ? 107  DG  C P     1 
ATOM   258 O  OP1   . DG  B 1 6 ? 11.304  8.865   -1.940 1.00 32.52 ? 107  DG  C OP1   1 
ATOM   259 O  OP2   . DG  B 1 6 ? 10.939  9.274   0.550  1.00 30.37 ? 107  DG  C OP2   1 
ATOM   260 O  "O5'" . DG  B 1 6 ? 9.810   10.729  -1.144 1.00 23.78 ? 107  DG  C "O5'" 1 
ATOM   261 C  "C5'" . DG  B 1 6 ? 9.398   10.994  -2.497 1.00 23.22 ? 107  DG  C "C5'" 1 
ATOM   262 C  "C4'" . DG  B 1 6 ? 8.562   12.250  -2.442 1.00 19.96 ? 107  DG  C "C4'" 1 
ATOM   263 O  "O4'" . DG  B 1 6 ? 7.397   11.953  -1.612 1.00 20.53 ? 107  DG  C "O4'" 1 
ATOM   264 C  "C3'" . DG  B 1 6 ? 9.229   13.464  -1.846 1.00 20.96 ? 107  DG  C "C3'" 1 
ATOM   265 O  "O3'" . DG  B 1 6 ? 9.985   14.193  -2.851 1.00 24.95 ? 107  DG  C "O3'" 1 
ATOM   266 C  "C2'" . DG  B 1 6 ? 8.061   14.224  -1.273 1.00 19.70 ? 107  DG  C "C2'" 1 
ATOM   267 C  "C1'" . DG  B 1 6 ? 7.004   13.119  -0.955 1.00 18.44 ? 107  DG  C "C1'" 1 
ATOM   268 N  N9    . DG  B 1 6 ? 6.922   12.943  0.495  1.00 18.55 ? 107  DG  C N9    1 
ATOM   269 C  C8    . DG  B 1 6 ? 7.947   13.038  1.398  1.00 20.79 ? 107  DG  C C8    1 
ATOM   270 N  N7    . DG  B 1 6 ? 7.576   12.833  2.643  1.00 20.67 ? 107  DG  C N7    1 
ATOM   271 C  C5    . DG  B 1 6 ? 6.210   12.585  2.554  1.00 18.76 ? 107  DG  C C5    1 
ATOM   272 C  C6    . DG  B 1 6 ? 5.263   12.297  3.571  1.00 17.65 ? 107  DG  C C6    1 
ATOM   273 O  O6    . DG  B 1 6 ? 5.457   12.200  4.796  1.00 19.42 ? 107  DG  C O6    1 
ATOM   274 N  N1    . DG  B 1 6 ? 4.001   12.116  3.066  1.00 17.50 ? 107  DG  C N1    1 
ATOM   275 C  C2    . DG  B 1 6 ? 3.670   12.199  1.735  1.00 17.22 ? 107  DG  C C2    1 
ATOM   276 N  N2    . DG  B 1 6 ? 2.388   11.990  1.433  1.00 17.04 ? 107  DG  C N2    1 
ATOM   277 N  N3    . DG  B 1 6 ? 4.541   12.464  0.788  1.00 18.50 ? 107  DG  C N3    1 
ATOM   278 C  C4    . DG  B 1 6 ? 5.799   12.653  1.242  1.00 17.95 ? 107  DG  C C4    1 
HETATM 279 N  N     . DSN C 2 1 ? -0.816  5.663   2.270  1.00 18.26 ? 1    DSN D N     1 
HETATM 280 C  CA    . DSN C 2 1 ? -1.935  5.425   1.390  1.00 20.08 ? 1    DSN D CA    1 
HETATM 281 C  C     . DSN C 2 1 ? -2.588  6.727   0.987  1.00 18.54 ? 1    DSN D C     1 
HETATM 282 O  O     . DSN C 2 1 ? -3.189  6.732   -0.085 1.00 22.25 ? 1    DSN D O     1 
HETATM 283 C  CB    . DSN C 2 1 ? -1.502  4.612   0.161  1.00 21.31 ? 1    DSN D CB    1 
HETATM 284 O  OG    . DSN C 2 1 ? -0.508  5.278   -0.639 1.00 21.89 ? 1    DSN D OG    1 
ATOM   285 N  N     . ALA C 2 2 ? -2.530  7.775   1.804  1.00 20.29 ? 2    ALA D N     1 
ATOM   286 C  CA    . ALA C 2 2 ? -3.111  9.060   1.387  1.00 20.54 ? 2    ALA D CA    1 
ATOM   287 C  C     . ALA C 2 2 ? -2.298  9.649   0.258  1.00 19.65 ? 2    ALA D C     1 
ATOM   288 O  O     . ALA C 2 2 ? -1.114  9.299   0.135  1.00 19.61 ? 2    ALA D O     1 
ATOM   289 C  CB    . ALA C 2 2 ? -3.208  10.062  2.523  1.00 19.30 ? 2    ALA D CB    1 
HETATM 290 N  N     . N2C C 2 3 ? -2.839  10.533  -0.586 1.00 20.49 ? 3    N2C D N     1 
HETATM 291 C  CA    . N2C C 2 3 ? -2.030  11.165  -1.613 1.00 21.45 ? 3    N2C D CA    1 
HETATM 292 C  CB    . N2C C 2 3 ? -2.491  10.611  -3.003 1.00 23.37 ? 3    N2C D CB    1 
HETATM 293 S  SG    . N2C C 2 3 ? -3.279  8.981   -2.856 1.00 24.45 ? 3    N2C D SG    1 
HETATM 294 C  CD    . N2C C 2 3 ? -4.060  8.981   -4.476 1.00 26.86 ? 3    N2C D CD    1 
HETATM 295 C  CN    . N2C C 2 3 ? -4.242  11.005  -0.520 1.00 23.03 ? 3    N2C D CN    1 
HETATM 296 C  C     . N2C C 2 3 ? -2.167  12.663  -1.529 1.00 22.06 ? 3    N2C D C     1 
HETATM 297 O  O     . N2C C 2 3 ? -2.669  13.317  -2.448 1.00 25.31 ? 3    N2C D O     1 
HETATM 298 N  N     . MVA C 2 4 ? -1.734  13.287  -0.409 1.00 20.70 ? 4    MVA D N     1 
HETATM 299 C  CN    . MVA C 2 4 ? -0.823  12.570  0.500  1.00 20.29 ? 4    MVA D CN    1 
HETATM 300 C  CA    . MVA C 2 4 ? -1.941  14.735  -0.338 1.00 24.52 ? 4    MVA D CA    1 
HETATM 301 C  CB    . MVA C 2 4 ? -1.866  15.400  1.064  1.00 26.09 ? 4    MVA D CB    1 
HETATM 302 C  CG1   . MVA C 2 4 ? -1.846  16.905  0.923  1.00 29.67 ? 4    MVA D CG1   1 
HETATM 303 C  CG2   . MVA C 2 4 ? -3.020  14.851  1.908  1.00 30.67 ? 4    MVA D CG2   1 
HETATM 304 C  C     . MVA C 2 4 ? -0.951  15.479  -1.235 1.00 24.83 ? 4    MVA D C     1 
HETATM 305 O  O     . MVA C 2 4 ? -1.240  16.508  -1.777 1.00 30.87 ? 4    MVA D O     1 
HETATM 306 N  N     . DSN C 2 5 ? 2.864   14.890  -0.402 1.00 20.71 ? 5    DSN D N     1 
HETATM 307 C  CA    . DSN C 2 5 ? 2.603   14.974  -1.830 1.00 21.83 ? 5    DSN D CA    1 
HETATM 308 C  C     . DSN C 2 5 ? 2.600   13.608  -2.514 1.00 19.97 ? 5    DSN D C     1 
HETATM 309 O  O     . DSN C 2 5 ? 2.034   13.449  -3.602 1.00 23.16 ? 5    DSN D O     1 
HETATM 310 C  CB    . DSN C 2 5 ? 1.246   15.640  -2.044 1.00 22.25 ? 5    DSN D CB    1 
HETATM 311 O  OG    . DSN C 2 5 ? 0.229   14.911  -1.340 1.00 21.69 ? 5    DSN D OG    1 
ATOM   312 N  N     . ALA C 2 6 ? 3.254   12.643  -1.890 1.00 19.36 ? 6    ALA D N     1 
ATOM   313 C  CA    . ALA C 2 6 ? 3.367   11.296  -2.470 1.00 20.13 ? 6    ALA D CA    1 
ATOM   314 C  C     . ALA C 2 6 ? 2.037   10.580  -2.260 1.00 19.49 ? 6    ALA D C     1 
ATOM   315 O  O     . ALA C 2 6 ? 1.333   10.888  -1.309 1.00 20.50 ? 6    ALA D O     1 
ATOM   316 C  CB    . ALA C 2 6 ? 4.471   10.469  -1.848 1.00 21.68 ? 6    ALA D CB    1 
HETATM 317 N  N     . NCY C 2 7 ? 1.725   9.644   -3.147 1.00 20.46 ? 7    NCY D N     1 
HETATM 318 C  CA    . NCY C 2 7 ? 0.477   8.901   -3.024 1.00 20.20 ? 7    NCY D CA    1 
HETATM 319 C  CB    . NCY C 2 7 ? -0.406  9.111   -4.203 1.00 22.04 ? 7    NCY D CB    1 
HETATM 320 S  SG    . NCY C 2 7 ? -1.165  10.763  -4.207 1.00 21.58 ? 7    NCY D SG    1 
HETATM 321 C  CN    . NCY C 2 7 ? 2.553   9.431   -4.364 1.00 23.60 ? 7    NCY D CN    1 
HETATM 322 C  C     . NCY C 2 7 ? 0.794   7.415   -2.887 1.00 20.28 ? 7    NCY D C     1 
HETATM 323 O  O     . NCY C 2 7 ? 0.537   6.698   -3.863 1.00 25.78 ? 7    NCY D O     1 
HETATM 324 N  N     . MVA C 2 8 ? 1.318   6.951   -1.752 1.00 19.66 ? 8    MVA D N     1 
HETATM 325 C  CN    . MVA C 2 8 ? 1.530   7.774   -0.551 1.00 20.15 ? 8    MVA D CN    1 
HETATM 326 C  CA    . MVA C 2 8 ? 1.602   5.506   -1.692 1.00 22.08 ? 8    MVA D CA    1 
HETATM 327 C  CB    . MVA C 2 8 ? 3.082   5.146   -1.534 1.00 23.04 ? 8    MVA D CB    1 
HETATM 328 C  CG1   . MVA C 2 8 ? 3.357   3.721   -2.044 1.00 24.44 ? 8    MVA D CG1   1 
HETATM 329 C  CG2   . MVA C 2 8 ? 4.047   6.032   -2.305 1.00 24.38 ? 8    MVA D CG2   1 
HETATM 330 C  C     . MVA C 2 8 ? 0.758   4.870   -0.593 1.00 22.04 ? 8    MVA D C     1 
HETATM 331 O  O     . MVA C 2 8 ? 1.176   4.088   0.221  1.00 24.25 ? 8    MVA D O     1 
HETATM 332 N  N     . DSN D 2 1 ? -0.342  -5.157  3.481  1.00 20.59 ? 1    DSN E N     1 
HETATM 333 C  CA    . DSN D 2 1 ? 1.028   -4.981  3.040  1.00 22.98 ? 1    DSN E CA    1 
HETATM 334 C  C     . DSN D 2 1 ? 1.739   -6.322  3.135  1.00 22.44 ? 1    DSN E C     1 
HETATM 335 O  O     . DSN D 2 1 ? 2.711   -6.512  2.401  1.00 26.84 ? 1    DSN E O     1 
HETATM 336 C  CB    . DSN D 2 1 ? 1.095   -4.441  1.612  1.00 24.75 ? 1    DSN E CB    1 
HETATM 337 O  OG    . DSN D 2 1 ? 0.497   -5.320  0.635  1.00 25.22 ? 1    DSN E OG    1 
ATOM   338 N  N     . ALA D 2 2 ? 1.273   -7.205  4.018  1.00 22.11 ? 2    ALA E N     1 
ATOM   339 C  CA    . ALA D 2 2 ? 1.978   -8.488  4.150  1.00 22.70 ? 2    ALA E CA    1 
ATOM   340 C  C     . ALA D 2 2 ? 1.646   -9.357  2.969  1.00 22.76 ? 2    ALA E C     1 
ATOM   341 O  O     . ALA D 2 2 ? 0.565   -9.125  2.400  1.00 22.72 ? 2    ALA E O     1 
ATOM   342 C  CB    . ALA D 2 2 ? 1.560   -9.169  5.433  1.00 25.78 ? 2    ALA E CB    1 
HETATM 343 N  N     . N2C D 2 3 ? 2.452   -10.346 2.554  1.00 22.19 ? 3    N2C E N     1 
HETATM 344 C  CA    . N2C D 2 3 ? 2.045   -11.173 1.422  1.00 23.30 ? 3    N2C E CA    1 
HETATM 345 C  CB    . N2C D 2 3 ? 2.960   -10.899 0.206  1.00 25.45 ? 3    N2C E CB    1 
HETATM 346 S  SG    . N2C D 2 3 ? 3.710   -9.249  0.272  1.00 24.69 ? 3    N2C E SG    1 
HETATM 347 C  CD    . N2C D 2 3 ? 4.874   -9.467  -1.064 1.00 27.47 ? 3    N2C E CD    1 
HETATM 348 C  CN    . N2C D 2 3 ? 3.580   -10.814 3.402  1.00 26.79 ? 3    N2C E CN    1 
HETATM 349 C  C     . N2C D 2 3 ? 2.059   -12.629 1.828  1.00 26.10 ? 3    N2C E C     1 
HETATM 350 O  O     . N2C D 2 3 ? 2.804   -13.447 1.270  1.00 31.15 ? 3    N2C E O     1 
HETATM 351 N  N     . MVA D 2 4 ? 1.242   -13.024 2.814  1.00 25.02 ? 4    MVA E N     1 
HETATM 352 C  CN    . MVA D 2 4 ? 0.050   -12.213 3.157  1.00 21.86 ? 4    MVA E CN    1 
HETATM 353 C  CA    . MVA D 2 4 ? 1.384   -14.437 3.203  1.00 28.39 ? 4    MVA E CA    1 
HETATM 354 C  CB    . MVA D 2 4 ? 0.834   -14.792 4.613  1.00 28.67 ? 4    MVA E CB    1 
HETATM 355 C  CG1   . MVA D 2 4 ? 0.877   -16.287 4.864  1.00 35.75 ? 4    MVA E CG1   1 
HETATM 356 C  CG2   . MVA D 2 4 ? 1.615   -13.959 5.620  1.00 31.04 ? 4    MVA E CG2   1 
HETATM 357 C  C     . MVA D 2 4 ? 0.764   -15.383 2.192  1.00 27.88 ? 4    MVA E C     1 
HETATM 358 O  O     . MVA D 2 4 ? 1.170   -16.513 2.017  1.00 34.62 ? 4    MVA E O     1 
HETATM 359 N  N     . DSN D 2 5 ? -2.946  -14.857 1.376  1.00 20.23 ? 5    DSN E N     1 
HETATM 360 C  CA    . DSN D 2 5 ? -2.213  -15.159 0.143  1.00 23.80 ? 5    DSN E CA    1 
HETATM 361 C  C     . DSN D 2 5 ? -1.979  -13.967 -0.778 1.00 22.01 ? 5    DSN E C     1 
HETATM 362 O  O     . DSN D 2 5 ? -1.088  -13.958 -1.645 1.00 24.15 ? 5    DSN E O     1 
HETATM 363 C  CB    . DSN D 2 5 ? -0.864  -15.779 0.538  1.00 23.48 ? 5    DSN E CB    1 
HETATM 364 O  OG    . DSN D 2 5 ? -0.231  -14.900 1.494  1.00 24.69 ? 5    DSN E OG    1 
ATOM   365 N  N     . ALA D 2 6 ? -2.786  -12.928 -0.614 1.00 21.57 ? 6    ALA E N     1 
ATOM   366 C  CA    . ALA D 2 6 ? -2.596  -11.710 -1.385 1.00 22.74 ? 6    ALA E CA    1 
ATOM   367 C  C     . ALA D 2 6 ? -1.389  -10.939 -0.848 1.00 22.71 ? 6    ALA E C     1 
ATOM   368 O  O     . ALA D 2 6 ? -1.073  -11.073 0.339  1.00 23.24 ? 6    ALA E O     1 
ATOM   369 C  CB    . ALA D 2 6 ? -3.827  -10.815 -1.325 1.00 24.07 ? 6    ALA E CB    1 
HETATM 370 N  N     . NCY D 2 7 ? -0.757  -10.164 -1.710 1.00 24.18 ? 7    NCY E N     1 
HETATM 371 C  CA    . NCY D 2 7 ? 0.367   -9.335  -1.287 1.00 25.23 ? 7    NCY E CA    1 
HETATM 372 C  CB    . NCY D 2 7 ? 1.610   -9.736  -1.985 1.00 26.33 ? 7    NCY E CB    1 
HETATM 373 S  SG    . NCY D 2 7 ? 2.255   -11.327 -1.395 1.00 24.02 ? 7    NCY E SG    1 
HETATM 374 C  CN    . NCY D 2 7 ? -1.097  -10.055 -3.168 1.00 27.29 ? 7    NCY E CN    1 
HETATM 375 C  C     . NCY D 2 7 ? 0.041   -7.868  -1.582 1.00 26.02 ? 7    NCY E C     1 
HETATM 376 O  O     . NCY D 2 7 ? 0.563   -7.298  -2.556 1.00 29.46 ? 7    NCY E O     1 
HETATM 377 N  N     . MVA D 2 8 ? -0.777  -7.204  -0.774 1.00 24.54 ? 8    MVA E N     1 
HETATM 378 C  CN    . MVA D 2 8 ? -1.416  -7.763  0.430  1.00 24.60 ? 8    MVA E CN    1 
HETATM 379 C  CA    . MVA D 2 8 ? -1.025  -5.777  -1.097 1.00 25.50 ? 8    MVA E CA    1 
HETATM 380 C  CB    . MVA D 2 8 ? -2.439  -5.453  -1.571 1.00 26.10 ? 8    MVA E CB    1 
HETATM 381 C  CG1   . MVA D 2 8 ? -2.430  -4.106  -2.308 1.00 28.12 ? 8    MVA E CG1   1 
HETATM 382 C  CG2   . MVA D 2 8 ? -3.000  -6.501  -2.516 1.00 28.00 ? 8    MVA E CG2   1 
HETATM 383 C  C     . MVA D 2 8 ? -0.671  -4.938  0.125  1.00 25.41 ? 8    MVA E C     1 
HETATM 384 O  O     . MVA D 2 8 ? -1.368  -4.045  0.546  1.00 26.40 ? 8    MVA E O     1 
HETATM 385 MG MG    . MG  E 3 . ? 1.767   6.084   10.539 0.50 19.64 ? 201  MG  A MG    1 
HETATM 386 MG MG    . MG  F 3 . ? -5.998  -4.015  10.015 0.50 23.39 ? 211  MG  C MG    1 
HETATM 387 N  N1    . QUI G 4 . ? 1.551   5.560   3.463  1.00 17.98 ? 0    QUI D N1    1 
HETATM 388 C  C2    . QUI G 4 . ? 0.493   5.383   4.226  1.00 16.67 ? 0    QUI D C2    1 
HETATM 389 C  C3    . QUI G 4 . ? 0.582   5.214   5.634  1.00 17.62 ? 0    QUI D C3    1 
HETATM 390 N  N4    . QUI G 4 . ? 1.712   5.287   6.278  1.00 16.50 ? 0    QUI D N4    1 
HETATM 391 C  C5    . QUI G 4 . ? 4.119   5.427   6.121  1.00 17.88 ? 0    QUI D C5    1 
HETATM 392 C  C6    . QUI G 4 . ? 5.235   5.540   5.348  1.00 18.92 ? 0    QUI D C6    1 
HETATM 393 C  C7    . QUI G 4 . ? 5.099   5.807   3.949  1.00 18.81 ? 0    QUI D C7    1 
HETATM 394 C  C8    . QUI G 4 . ? 3.926   5.698   3.278  1.00 18.45 ? 0    QUI D C8    1 
HETATM 395 C  C9    . QUI G 4 . ? 2.753   5.576   4.087  1.00 17.27 ? 0    QUI D C9    1 
HETATM 396 C  C10   . QUI G 4 . ? 2.839   5.389   5.493  1.00 17.93 ? 0    QUI D C10   1 
HETATM 397 C  C     . QUI G 4 . ? -0.847  5.352   3.595  1.00 16.83 ? 0    QUI D C     1 
HETATM 398 O  O1    . QUI G 4 . ? -1.879  5.119   4.200  1.00 19.34 ? 0    QUI D O1    1 
HETATM 399 N  N1    . QUI H 4 . ? 2.591   15.408  2.227  1.00 23.47 ? 9    QUI D N1    1 
HETATM 400 C  C2    . QUI H 4 . ? 3.809   15.486  1.697  1.00 22.31 ? 9    QUI D C2    1 
HETATM 401 C  C3    . QUI H 4 . ? 4.974   15.643  2.485  1.00 22.35 ? 9    QUI D C3    1 
HETATM 402 N  N4    . QUI H 4 . ? 4.933   15.701  3.781  1.00 23.99 ? 9    QUI D N4    1 
HETATM 403 C  C5    . QUI H 4 . ? 3.570   15.728  5.780  1.00 25.47 ? 9    QUI D C5    1 
HETATM 404 C  C6    . QUI H 4 . ? 2.336   15.605  6.368  1.00 27.23 ? 9    QUI D C6    1 
HETATM 405 C  C7    . QUI H 4 . ? 1.165   15.524  5.574  1.00 27.73 ? 9    QUI D C7    1 
HETATM 406 C  C8    . QUI H 4 . ? 1.237   15.383  4.208  1.00 26.12 ? 9    QUI D C8    1 
HETATM 407 C  C9    . QUI H 4 . ? 2.510   15.505  3.582  1.00 24.68 ? 9    QUI D C9    1 
HETATM 408 C  C10   . QUI H 4 . ? 3.684   15.706  4.364  1.00 24.04 ? 9    QUI D C10   1 
HETATM 409 C  C     . QUI H 4 . ? 3.983   15.328  0.235  1.00 20.62 ? 9    QUI D C     1 
HETATM 410 O  O1    . QUI H 4 . ? 5.017   15.505  -0.381 1.00 21.39 ? 9    QUI D O1    1 
HETATM 411 N  N1    . QUI I 4 . ? -3.013  -4.844  3.569  1.00 18.31 ? 0    QUI E N1    1 
HETATM 412 C  C2    . QUI I 4 . ? -2.319  -4.489  4.646  1.00 17.74 ? 0    QUI E C2    1 
HETATM 413 C  C3    . QUI I 4 . ? -2.956  -4.084  5.840  1.00 18.14 ? 0    QUI E C3    1 
HETATM 414 N  N4    . QUI I 4 . ? -4.246  -4.099  6.021  1.00 17.72 ? 0    QUI E N4    1 
HETATM 415 C  C5    . QUI I 4 . ? -6.393  -4.340  4.976  1.00 19.77 ? 0    QUI E C5    1 
HETATM 416 C  C6    . QUI I 4 . ? -7.144  -4.625  3.872  1.00 18.97 ? 0    QUI E C6    1 
HETATM 417 C  C7    . QUI I 4 . ? -6.509  -5.074  2.699  1.00 20.10 ? 0    QUI E C7    1 
HETATM 418 C  C8    . QUI I 4 . ? -5.151  -5.169  2.575  1.00 20.18 ? 0    QUI E C8    1 
HETATM 419 C  C9    . QUI I 4 . ? -4.356  -4.868  3.713  1.00 17.62 ? 0    QUI E C9    1 
HETATM 420 C  C10   . QUI I 4 . ? -4.982  -4.415  4.909  1.00 18.65 ? 0    QUI E C10   1 
HETATM 421 C  C     . QUI I 4 . ? -0.848  -4.548  4.594  1.00 18.88 ? 0    QUI E C     1 
HETATM 422 O  O1    . QUI I 4 . ? -0.127  -4.166  5.489  1.00 20.43 ? 0    QUI E O1    1 
HETATM 423 N  N1    . QUI J 4 . ? -3.831  -14.799 3.864  1.00 20.35 ? 9    QUI E N1    1 
HETATM 424 C  C2    . QUI J 4 . ? -4.735  -15.053 2.931  1.00 20.97 ? 9    QUI E C2    1 
HETATM 425 C  C3    . QUI J 4 . ? -6.113  -15.147 3.267  1.00 20.63 ? 9    QUI E C3    1 
HETATM 426 N  N4    . QUI J 4 . ? -6.562  -14.900 4.471  1.00 21.03 ? 9    QUI E N4    1 
HETATM 427 C  C5    . QUI J 4 . ? -6.059  -14.557 6.803  1.00 23.04 ? 9    QUI E C5    1 
HETATM 428 C  C6    . QUI J 4 . ? -5.114  -14.283 7.751  1.00 22.74 ? 9    QUI E C6    1 
HETATM 429 C  C7    . QUI J 4 . ? -3.744  -14.282 7.427  1.00 23.91 ? 9    QUI E C7    1 
HETATM 430 C  C8    . QUI J 4 . ? -3.292  -14.401 6.147  1.00 22.96 ? 9    QUI E C8    1 
HETATM 431 C  C9    . QUI J 4 . ? -4.261  -14.593 5.122  1.00 21.74 ? 9    QUI E C9    1 
HETATM 432 C  C10   . QUI J 4 . ? -5.638  -14.720 5.455  1.00 20.87 ? 9    QUI E C10   1 
HETATM 433 C  C     . QUI J 4 . ? -4.274  -15.186 1.528  1.00 20.43 ? 9    QUI E C     1 
HETATM 434 O  O1    . QUI J 4 . ? -4.941  -15.555 0.552  1.00 20.73 ? 9    QUI E O1    1 
HETATM 435 O  O     . HOH K 5 . ? 5.311   7.022   9.366  1.00 36.39 ? 2001 HOH A O     1 
HETATM 436 O  O     . HOH K 5 . ? -8.956  1.159   7.463  1.00 45.38 ? 2002 HOH A O     1 
HETATM 437 O  O     . HOH K 5 . ? -4.120  5.732   9.453  1.00 30.68 ? 2003 HOH A O     1 
HETATM 438 O  O     . HOH K 5 . ? -6.745  4.796   8.992  1.00 37.58 ? 2004 HOH A O     1 
HETATM 439 O  O     . HOH K 5 . ? 2.784   7.136   9.107  1.00 22.34 ? 2005 HOH A O     1 
HETATM 440 O  O     . HOH K 5 . ? 0.159   7.229   10.330 1.00 22.61 ? 2006 HOH A O     1 
HETATM 441 O  O     . HOH K 5 . ? -8.381  2.148   4.251  1.00 34.99 ? 2007 HOH A O     1 
HETATM 442 O  O     . HOH K 5 . ? -1.629  4.411   8.423  1.00 35.07 ? 2008 HOH A O     1 
HETATM 443 O  O     . HOH K 5 . ? -7.032  9.208   2.036  1.00 38.29 ? 2009 HOH A O     1 
HETATM 444 O  O     . HOH K 5 . ? -7.318  -0.802  7.328  1.00 36.48 ? 2010 HOH A O     1 
HETATM 445 O  O     . HOH K 5 . ? -4.845  -0.146  8.858  1.00 45.71 ? 2011 HOH A O     1 
HETATM 446 O  O     . HOH K 5 . ? -8.380  -1.382  1.428  1.00 29.78 ? 2012 HOH A O     1 
HETATM 447 O  O     . HOH K 5 . ? -9.155  -3.525  0.413  1.00 44.32 ? 2013 HOH A O     1 
HETATM 448 O  O     . HOH K 5 . ? -10.889 -11.356 2.572  1.00 48.54 ? 2014 HOH A O     1 
HETATM 449 O  O     . HOH K 5 . ? -9.835  -11.634 5.221  1.00 44.59 ? 2015 HOH A O     1 
HETATM 450 O  O     . HOH K 5 . ? -11.038 -14.246 -4.450 1.00 40.11 ? 2016 HOH A O     1 
HETATM 451 O  O     . HOH K 5 . ? -8.419  -17.396 -4.422 1.00 41.18 ? 2017 HOH A O     1 
HETATM 452 O  O     . HOH L 5 . ? -7.939  -10.322 9.498  1.00 44.53 ? 2001 HOH C O     1 
HETATM 453 O  O     . HOH L 5 . ? -6.404  -5.331  8.566  1.00 20.32 ? 2002 HOH C O     1 
HETATM 454 O  O     . HOH L 5 . ? -4.404  -5.215  10.647 1.00 23.79 ? 2003 HOH C O     1 
HETATM 455 O  O     . HOH L 5 . ? 1.689   -1.276  0.126  1.00 36.22 ? 2004 HOH C O     1 
HETATM 456 O  O     . HOH L 5 . ? 5.903   -1.148  7.733  1.00 35.29 ? 2005 HOH C O     1 
HETATM 457 O  O     . HOH L 5 . ? -1.796  -2.621  8.944  1.00 33.06 ? 2006 HOH C O     1 
HETATM 458 O  O     . HOH L 5 . ? 4.032   2.794   9.109  1.00 31.96 ? 2007 HOH C O     1 
HETATM 459 O  O     . HOH L 5 . ? 7.191   2.009   4.332  1.00 31.02 ? 2008 HOH C O     1 
HETATM 460 O  O     . HOH L 5 . ? -8.859  -5.303  7.770  1.00 35.87 ? 2009 HOH C O     1 
HETATM 461 O  O     . HOH L 5 . ? -0.172  -3.693  11.229 1.00 31.83 ? 2010 HOH C O     1 
HETATM 462 O  O     . HOH L 5 . ? 7.464   2.973   7.084  1.00 53.77 ? 2011 HOH C O     1 
HETATM 463 O  O     . HOH L 5 . ? 8.468   3.770   3.038  1.00 39.06 ? 2012 HOH C O     1 
HETATM 464 O  O     . HOH L 5 . ? 12.523  13.324  -2.373 1.00 39.45 ? 2013 HOH C O     1 
HETATM 465 O  O     . HOH L 5 . ? 7.304   13.495  6.190  0.50 29.54 ? 2014 HOH C O     1 
HETATM 466 O  O     . HOH M 5 . ? 1.021   4.823   8.978  1.00 21.43 ? 2001 HOH D O     1 
HETATM 467 O  O     . HOH M 5 . ? -3.755  5.412   -2.606 1.00 29.82 ? 2002 HOH D O     1 
HETATM 468 O  O     . HOH M 5 . ? -6.158  7.813   -0.704 1.00 35.92 ? 2003 HOH D O     1 
HETATM 469 O  O     . HOH M 5 . ? -0.595  14.172  -4.923 1.00 35.79 ? 2004 HOH D O     1 
HETATM 470 O  O     . HOH M 5 . ? -1.776  5.717   -4.211 1.00 44.32 ? 2005 HOH D O     1 
HETATM 471 O  O     . HOH N 5 . ? -4.621  -3.001  8.664  1.00 22.97 ? 2001 HOH E O     1 
HETATM 472 O  O     . HOH N 5 . ? 4.096   -5.636  -0.034 1.00 29.60 ? 2002 HOH E O     1 
HETATM 473 O  O     . HOH N 5 . ? 5.605   -7.642  3.125  1.00 29.52 ? 2003 HOH E O     1 
HETATM 474 O  O     . HOH N 5 . ? 6.425   -5.530  -0.277 0.50 36.29 ? 2004 HOH E O     1 
HETATM 475 O  O     . HOH N 5 . ? 0.598   -12.715 -3.728 0.50 38.25 ? 2005 HOH E O     1 
HETATM 476 O  O     . HOH N 5 . ? 3.015   -6.132  -2.441 1.00 35.74 ? 2006 HOH E O     1 
HETATM 477 O  O     . HOH N 5 . ? -9.009  -15.064 5.465  1.00 39.40 ? 2007 HOH E O     1 
# 
loop_
_atom_site_anisotrop.id 
_atom_site_anisotrop.type_symbol 
_atom_site_anisotrop.pdbx_label_atom_id 
_atom_site_anisotrop.pdbx_label_alt_id 
_atom_site_anisotrop.pdbx_label_comp_id 
_atom_site_anisotrop.pdbx_label_asym_id 
_atom_site_anisotrop.pdbx_label_seq_id 
_atom_site_anisotrop.pdbx_PDB_ins_code 
_atom_site_anisotrop.U[1][1] 
_atom_site_anisotrop.U[2][2] 
_atom_site_anisotrop.U[3][3] 
_atom_site_anisotrop.U[1][2] 
_atom_site_anisotrop.U[1][3] 
_atom_site_anisotrop.U[2][3] 
_atom_site_anisotrop.pdbx_auth_seq_id 
_atom_site_anisotrop.pdbx_auth_comp_id 
_atom_site_anisotrop.pdbx_auth_asym_id 
_atom_site_anisotrop.pdbx_auth_atom_id 
1   O  "O5'" A DC  A 1 ? 0.4713 0.3517 0.3475 -0.1520 0.0931  -0.0667 2    DC  A "O5'" 
2   O  "O5'" B DC  A 1 ? 0.4800 0.4172 0.3814 -0.2019 0.1173  -0.1319 2    DC  A "O5'" 
3   C  "C5'" A DC  A 1 ? 0.4084 0.3626 0.3185 -0.1112 0.0570  -0.0669 2    DC  A "C5'" 
4   C  "C5'" B DC  A 1 ? 0.4410 0.3573 0.3299 -0.1193 0.0747  -0.0724 2    DC  A "C5'" 
5   C  "C4'" A DC  A 1 ? 0.4080 0.3519 0.3023 -0.1201 0.0472  -0.0665 2    DC  A "C4'" 
6   C  "C4'" B DC  A 1 ? 0.4121 0.3543 0.3058 -0.1204 0.0451  -0.0709 2    DC  A "C4'" 
7   O  "O4'" A DC  A 1 ? 0.4067 0.3125 0.2692 -0.1146 0.0229  -0.0466 2    DC  A "O4'" 
8   O  "O4'" B DC  A 1 ? 0.3990 0.3174 0.2765 -0.1133 0.0221  -0.0538 2    DC  A "O4'" 
9   C  "C3'" A DC  A 1 ? 0.4251 0.3552 0.3239 -0.1319 0.0706  -0.0589 2    DC  A "C3'" 
10  C  "C3'" B DC  A 1 ? 0.4173 0.3557 0.3230 -0.1294 0.0691  -0.0646 2    DC  A "C3'" 
11  O  "O3'" A DC  A 1 ? 0.4296 0.3946 0.3754 -0.1472 0.0844  -0.0646 2    DC  A "O3'" 
12  O  "O3'" B DC  A 1 ? 0.4306 0.3932 0.3771 -0.1455 0.0924  -0.0727 2    DC  A "O3'" 
13  C  "C2'" A DC  A 1 ? 0.4279 0.3224 0.2934 -0.1414 0.0740  -0.0525 2    DC  A "C2'" 
14  C  "C2'" B DC  A 1 ? 0.4250 0.3316 0.2942 -0.1436 0.0677  -0.0560 2    DC  A "C2'" 
15  C  "C1'" A DC  A 1 ? 0.4192 0.2997 0.2483 -0.1250 0.0428  -0.0374 2    DC  A "C1'" 
16  C  "C1'" B DC  A 1 ? 0.4219 0.3008 0.2509 -0.1237 0.0399  -0.0386 2    DC  A "C1'" 
17  N  N1    . DC  A 1 ? 0.4291 0.2247 0.1917 -0.1277 0.0504  0.0018  2    DC  A N1    
18  C  C2    . DC  A 1 ? 0.4208 0.1528 0.1758 -0.1076 0.0327  0.0238  2    DC  A C2    
19  O  O2    . DC  A 1 ? 0.3646 0.2112 0.1990 -0.1381 0.0407  -0.0416 2    DC  A O2    
20  N  N3    . DC  A 1 ? 0.4267 0.1560 0.1779 -0.1013 0.0239  -0.0048 2    DC  A N3    
21  C  C4    . DC  A 1 ? 0.4258 0.1981 0.1601 -0.0949 0.0335  0.0335  2    DC  A C4    
22  N  N4    . DC  A 1 ? 0.4359 0.2863 0.2093 -0.0568 0.0087  -0.0144 2    DC  A N4    
23  C  C5    . DC  A 1 ? 0.4363 0.2527 0.1970 -0.1253 0.0493  -0.0344 2    DC  A C5    
24  C  C6    . DC  A 1 ? 0.4313 0.2548 0.2025 -0.1327 0.0573  -0.0340 2    DC  A C6    
25  P  P     A DG  A 2 ? 0.4004 0.3831 0.3937 -0.1134 0.0812  -0.0400 3    DG  A P     
26  P  P     B DG  A 2 ? 0.3749 0.4249 0.3765 -0.1417 0.0682  -0.0486 3    DG  A P     
27  O  OP1   A DG  A 2 ? 0.4423 0.3942 0.4875 -0.0756 0.0502  -0.0686 3    DG  A OP1   
28  O  OP1   B DG  A 2 ? 0.4083 0.4617 0.3981 -0.1478 0.1013  -0.0770 3    DG  A OP1   
29  O  OP2   A DG  A 2 ? 0.4275 0.3573 0.3735 -0.1353 0.1017  -0.0326 3    DG  A OP2   
30  O  OP2   B DG  A 2 ? 0.4183 0.4979 0.4305 -0.1218 0.0104  -0.0724 3    DG  A OP2   
31  O  "O5'" A DG  A 2 ? 0.3809 0.3877 0.3789 -0.1140 0.0629  -0.0353 3    DG  A "O5'" 
32  O  "O5'" B DG  A 2 ? 0.3866 0.3886 0.3456 -0.1096 0.0447  -0.0198 3    DG  A "O5'" 
33  C  "C5'" A DG  A 2 ? 0.3737 0.3818 0.3525 -0.1199 0.0540  -0.0211 3    DG  A "C5'" 
34  C  "C5'" B DG  A 2 ? 0.3693 0.3420 0.3484 -0.1067 0.0466  0.0023  3    DG  A "C5'" 
35  C  "C4'" A DG  A 2 ? 0.3331 0.3134 0.3045 -0.1002 0.0145  0.0369  3    DG  A "C4'" 
36  C  "C4'" B DG  A 2 ? 0.3211 0.3118 0.3009 -0.0943 0.0137  0.0443  3    DG  A "C4'" 
37  O  "O4'" A DG  A 2 ? 0.3211 0.2839 0.2611 -0.0937 -0.0128 0.0591  3    DG  A "O4'" 
38  O  "O4'" B DG  A 2 ? 0.3197 0.2828 0.2547 -0.0959 -0.0205 0.0610  3    DG  A "O4'" 
39  C  "C3'" A DG  A 2 ? 0.3314 0.3134 0.3142 -0.1176 0.0166  0.0354  3    DG  A "C3'" 
40  C  "C3'" B DG  A 2 ? 0.3289 0.3167 0.3078 -0.1195 0.0117  0.0371  3    DG  A "C3'" 
41  O  "O3'" A DG  A 2 ? 0.3305 0.3387 0.3411 -0.1157 -0.0048 0.0141  3    DG  A "O3'" 
42  O  "O3'" B DG  A 2 ? 0.3310 0.3373 0.3452 -0.1145 -0.0029 0.0114  3    DG  A "O3'" 
43  C  "C2'" A DG  A 2 ? 0.3360 0.2786 0.2777 -0.1215 0.0158  0.0530  3    DG  A "C2'" 
44  C  "C2'" B DG  A 2 ? 0.3367 0.2786 0.2823 -0.1201 0.0178  0.0524  3    DG  A "C2'" 
45  C  "C1'" A DG  A 2 ? 0.3212 0.2675 0.2307 -0.1035 -0.0156 0.0654  3    DG  A "C1'" 
46  C  "C1'" B DG  A 2 ? 0.3219 0.2689 0.2289 -0.1065 -0.0144 0.0637  3    DG  A "C1'" 
47  N  N9    . DG  A 2 ? 0.3216 0.2397 0.1832 -0.0996 -0.0023 0.0667  3    DG  A N9    
48  C  C8    . DG  A 2 ? 0.3363 0.2429 0.1848 -0.0967 0.0069  0.0521  3    DG  A C8    
49  N  N7    . DG  A 2 ? 0.3479 0.2146 0.1620 -0.1076 0.0070  0.0048  3    DG  A N7    
50  C  C5    . DG  A 2 ? 0.3204 0.1884 0.1582 -0.0786 0.0039  0.0004  3    DG  A C5    
51  C  C6    . DG  A 2 ? 0.3160 0.1610 0.1339 -0.0649 -0.0035 -0.0072 3    DG  A C6    
52  O  O6    . DG  A 2 ? 0.3252 0.2221 0.1494 -0.0761 -0.0146 -0.0267 3    DG  A O6    
53  N  N1    . DG  A 2 ? 0.3199 0.1751 0.1321 -0.0560 0.0001  -0.0075 3    DG  A N1    
54  C  C2    . DG  A 2 ? 0.3253 0.1814 0.1332 -0.0882 0.0023  -0.0152 3    DG  A C2    
55  N  N2    . DG  A 2 ? 0.3514 0.1746 0.1355 -0.1079 -0.0012 0.0012  3    DG  A N2    
56  N  N3    . DG  A 2 ? 0.3187 0.1774 0.1601 -0.0716 0.0053  0.0088  3    DG  A N3    
57  C  C4    . DG  A 2 ? 0.3078 0.1871 0.1658 -0.0696 0.0017  0.0221  3    DG  A C4    
58  P  P     . DT  A 3 ? 0.3453 0.3502 0.4330 -0.1244 -0.0149 -0.0281 4    DT  A P     
59  O  OP1   . DT  A 3 ? 0.3422 0.3758 0.6205 -0.0878 -0.0846 -0.0963 4    DT  A OP1   
60  O  OP2   . DT  A 3 ? 0.4479 0.3850 0.5486 -0.1910 0.1479  -0.0662 4    DT  A OP2   
61  O  "O5'" . DT  A 3 ? 0.3597 0.3192 0.4427 -0.1512 -0.0078 -0.0309 4    DT  A "O5'" 
62  C  "C5'" . DT  A 3 ? 0.4109 0.2728 0.4181 -0.1222 -0.0088 -0.0069 4    DT  A "C5'" 
63  C  "C4'" . DT  A 3 ? 0.4572 0.2358 0.3908 -0.1211 -0.0030 0.0241  4    DT  A "C4'" 
64  O  "O4'" . DT  A 3 ? 0.4543 0.2151 0.3592 -0.1235 0.0039  0.0167  4    DT  A "O4'" 
65  C  "C3'" . DT  A 3 ? 0.4670 0.2550 0.4089 -0.1311 -0.0160 0.0108  4    DT  A "C3'" 
66  O  "O3'" . DT  A 3 ? 0.5366 0.2688 0.4108 -0.1210 -0.0381 0.0059  4    DT  A "O3'" 
67  C  "C2'" . DT  A 3 ? 0.4502 0.2266 0.3878 -0.1294 0.0122  -0.0043 4    DT  A "C2'" 
68  C  "C1'" . DT  A 3 ? 0.4458 0.1981 0.3191 -0.1281 0.0253  -0.0153 4    DT  A "C1'" 
69  N  N1    . DT  A 3 ? 0.4569 0.1795 0.3028 -0.1187 0.0383  -0.0165 4    DT  A N1    
70  C  C2    . DT  A 3 ? 0.4638 0.1791 0.2556 -0.1073 0.0377  0.0164  4    DT  A C2    
71  O  O2    . DT  A 3 ? 0.4521 0.2047 0.2325 -0.0907 0.0097  0.0212  4    DT  A O2    
72  N  N3    . DT  A 3 ? 0.4852 0.1775 0.2308 -0.0975 0.0548  0.0489  4    DT  A N3    
73  C  C4    . DT  A 3 ? 0.5042 0.1842 0.2453 -0.0833 0.0764  0.0704  4    DT  A C4    
74  O  O4    . DT  A 3 ? 0.5202 0.2259 0.2324 -0.0844 0.0770  0.0207  4    DT  A O4    
75  C  C5    . DT  A 3 ? 0.4992 0.1791 0.2882 -0.0948 0.0860  0.0659  4    DT  A C5    
76  C  C7    . DT  A 3 ? 0.5218 0.2337 0.2934 -0.0414 0.0990  0.1077  4    DT  A C7    
77  C  C6    . DT  A 3 ? 0.4705 0.1946 0.3090 -0.1176 0.0685  0.0280  4    DT  A C6    
78  P  P     . DA  A 4 ? 0.5438 0.3276 0.4732 -0.1190 -0.0350 -0.0663 5    DA  A P     
79  O  OP1   . DA  A 4 ? 0.5235 0.5030 0.5000 -0.0346 -0.1424 -0.0378 5    DA  A OP1   
80  O  OP2   . DA  A 4 ? 0.5314 0.4481 0.6104 -0.1698 0.0161  -0.1986 5    DA  A OP2   
81  O  "O5'" . DA  A 4 ? 0.5688 0.2831 0.4407 -0.1427 0.0116  -0.0321 5    DA  A "O5'" 
82  C  "C5'" . DA  A 4 ? 0.5816 0.2078 0.3225 -0.1240 -0.0037 0.0395  5    DA  A "C5'" 
83  C  "C4'" . DA  A 4 ? 0.6063 0.2172 0.2635 -0.1212 -0.0035 0.0493  5    DA  A "C4'" 
84  O  "O4'" . DA  A 4 ? 0.5919 0.1795 0.2456 -0.1190 0.0354  0.0184  5    DA  A "O4'" 
85  C  "C3'" . DA  A 4 ? 0.6109 0.2122 0.2563 -0.1240 -0.0287 0.0372  5    DA  A "C3'" 
86  O  "O3'" . DA  A 4 ? 0.6576 0.2758 0.2581 -0.1289 -0.0631 0.0132  5    DA  A "O3'" 
87  C  "C2'" . DA  A 4 ? 0.5715 0.1881 0.2387 -0.1276 -0.0149 0.0177  5    DA  A "C2'" 
88  C  "C1'" . DA  A 4 ? 0.5422 0.1822 0.2180 -0.1187 0.0287  0.0099  5    DA  A "C1'" 
89  N  N9    . DA  A 4 ? 0.4644 0.1782 0.2208 -0.0922 0.0473  -0.0212 5    DA  A N9    
90  C  C8    . DA  A 4 ? 0.4525 0.1687 0.2385 -0.0833 0.0558  -0.0318 5    DA  A C8    
91  N  N7    . DA  A 4 ? 0.4488 0.1579 0.2336 -0.0668 0.0363  -0.0059 5    DA  A N7    
92  C  C5    . DA  A 4 ? 0.4527 0.1645 0.2261 -0.1039 0.0532  -0.0290 5    DA  A C5    
93  C  C6    . DA  A 4 ? 0.4623 0.1758 0.2506 -0.1058 0.0553  -0.0677 5    DA  A C6    
94  N  N6    . DA  A 4 ? 0.4596 0.1998 0.2262 -0.0507 0.0644  -0.0430 5    DA  A N6    
95  N  N1    . DA  A 4 ? 0.4649 0.1762 0.2312 -0.0942 0.0610  -0.0351 5    DA  A N1    
96  C  C2    . DA  A 4 ? 0.4658 0.1868 0.2284 -0.0701 0.0504  -0.0118 5    DA  A C2    
97  N  N3    . DA  A 4 ? 0.4560 0.2023 0.2242 -0.0741 0.0470  -0.0111 5    DA  A N3    
98  C  C4    . DA  A 4 ? 0.4482 0.1883 0.2336 -0.0787 0.0413  -0.0118 5    DA  A C4    
99  P  P     . DC  A 5 ? 0.6562 0.2857 0.3024 -0.1232 -0.0747 -0.0017 6    DC  A P     
100 O  OP1   . DC  A 5 ? 0.6714 0.5011 0.2609 -0.1959 -0.0925 -0.0430 6    DC  A OP1   
101 O  OP2   . DC  A 5 ? 0.6596 0.3184 0.4618 -0.0991 -0.1072 0.0219  6    DC  A OP2   
102 O  "O5'" . DC  A 5 ? 0.5906 0.2888 0.2929 -0.1390 -0.0735 -0.0064 6    DC  A "O5'" 
103 C  "C5'" . DC  A 5 ? 0.5525 0.2728 0.2484 -0.1106 -0.0573 -0.0355 6    DC  A "C5'" 
104 C  "C4'" . DC  A 5 ? 0.5017 0.2714 0.2193 -0.1124 -0.0287 -0.0427 6    DC  A "C4'" 
105 O  "O4'" . DC  A 5 ? 0.4664 0.2583 0.2043 -0.1122 0.0014  -0.0453 6    DC  A "O4'" 
106 C  "C3'" . DC  A 5 ? 0.4811 0.2663 0.2475 -0.0997 -0.0472 -0.0396 6    DC  A "C3'" 
107 O  "O3'" . DC  A 5 ? 0.5230 0.2237 0.2719 -0.0840 -0.0822 -0.0348 6    DC  A "O3'" 
108 C  "C2'" . DC  A 5 ? 0.4196 0.2673 0.2386 -0.1068 -0.0307 -0.0418 6    DC  A "C2'" 
109 C  "C1'" . DC  A 5 ? 0.4254 0.2450 0.2136 -0.1061 -0.0036 -0.0541 6    DC  A "C1'" 
110 N  N1    . DC  A 5 ? 0.3722 0.2033 0.2237 -0.0785 0.0035  -0.0429 6    DC  A N1    
111 C  C2    . DC  A 5 ? 0.3403 0.1463 0.2017 -0.0792 0.0254  -0.0282 6    DC  A C2    
112 O  O2    . DC  A 5 ? 0.3547 0.1923 0.1915 -0.0709 0.0475  -0.0175 6    DC  A O2    
113 N  N3    . DC  A 5 ? 0.3182 0.1685 0.2087 -0.0723 0.0329  -0.0368 6    DC  A N3    
114 C  C4    . DC  A 5 ? 0.3154 0.1895 0.2191 -0.0623 0.0206  -0.0462 6    DC  A C4    
115 N  N4    . DC  A 5 ? 0.3260 0.1889 0.2310 -0.0707 0.0371  -0.0911 6    DC  A N4    
116 C  C5    . DC  A 5 ? 0.3349 0.2339 0.2521 -0.0514 -0.0056 -0.0563 6    DC  A C5    
117 C  C6    . DC  A 5 ? 0.3599 0.2352 0.2472 -0.0538 -0.0208 -0.0568 6    DC  A C6    
118 P  P     . DG  A 6 ? 0.4956 0.2680 0.2951 -0.0820 -0.0926 -0.0448 7    DG  A P     
119 O  OP1   . DG  A 6 ? 0.5840 0.3011 0.3439 -0.1643 -0.1532 0.0448  7    DG  A OP1   
120 O  OP2   . DG  A 6 ? 0.5169 0.3316 0.4016 -0.0790 -0.0283 -0.0969 7    DG  A OP2   
121 O  "O5'" . DG  A 6 ? 0.4351 0.2492 0.2647 -0.1145 -0.0774 -0.0331 7    DG  A "O5'" 
122 C  "C5'" . DG  A 6 ? 0.5022 0.2237 0.2482 -0.1184 -0.0427 -0.0112 7    DG  A "C5'" 
123 C  "C4'" . DG  A 6 ? 0.4944 0.2223 0.2037 -0.1128 -0.0091 -0.0172 7    DG  A "C4'" 
124 O  "O4'" . DG  A 6 ? 0.4917 0.2039 0.2023 -0.1135 -0.0079 -0.0117 7    DG  A "O4'" 
125 C  "C3'" . DG  A 6 ? 0.4740 0.2251 0.1844 -0.1087 0.0030  -0.0296 7    DG  A "C3'" 
126 O  "O3'" . DG  A 6 ? 0.4718 0.2549 0.1948 -0.1162 -0.0026 -0.0366 7    DG  A "O3'" 
127 C  "C2'" . DG  A 6 ? 0.4511 0.1994 0.1922 -0.1151 0.0083  -0.0358 7    DG  A "C2'" 
128 C  "C1'" . DG  A 6 ? 0.4533 0.1876 0.1734 -0.1140 0.0254  -0.0372 7    DG  A "C1'" 
129 N  N9    . DG  A 6 ? 0.4012 0.2214 0.1927 -0.0996 0.0346  -0.0556 7    DG  A N9    
130 C  C8    . DG  A 6 ? 0.3853 0.2622 0.2054 -0.0717 0.0036  -0.0442 7    DG  A C8    
131 N  N7    . DG  A 6 ? 0.3580 0.2667 0.2029 -0.0698 0.0214  -0.0371 7    DG  A N7    
132 C  C5    . DG  A 6 ? 0.3493 0.2173 0.1827 -0.0701 0.0403  -0.0471 7    DG  A C5    
133 C  C6    . DG  A 6 ? 0.3644 0.1930 0.2051 -0.0828 0.0561  -0.0821 7    DG  A C6    
134 O  O6    . DG  A 6 ? 0.3666 0.1986 0.1791 -0.0630 0.0464  -0.0483 7    DG  A O6    
135 N  N1    . DG  A 6 ? 0.3644 0.1614 0.1640 -0.0681 0.0450  -0.0542 7    DG  A N1    
136 C  C2    . DG  A 6 ? 0.3710 0.1645 0.1798 -0.0780 0.0569  -0.0629 7    DG  A C2    
137 N  N2    . DG  A 6 ? 0.3638 0.1330 0.1786 -0.0400 0.0479  -0.0612 7    DG  A N2    
138 N  N3    . DG  A 6 ? 0.3739 0.2027 0.1693 -0.1011 0.0729  -0.0648 7    DG  A N3    
139 C  C4    . DG  A 6 ? 0.3729 0.2107 0.1826 -0.0844 0.0489  -0.0610 7    DG  A C4    
140 O  "O5'" A DC  B 1 ? 0.5352 0.3508 0.3741 -0.0585 -0.0317 -0.0193 102  DC  C "O5'" 
141 O  "O5'" B DC  B 1 ? 0.6684 0.2861 0.3475 -0.0798 0.0385  -0.0856 102  DC  C "O5'" 
142 C  "C5'" A DC  B 1 ? 0.4762 0.3473 0.3032 -0.0936 -0.0409 -0.0206 102  DC  C "C5'" 
143 C  "C5'" B DC  B 1 ? 0.4922 0.3336 0.2928 -0.0851 -0.0484 -0.0098 102  DC  C "C5'" 
144 C  "C4'" A DC  B 1 ? 0.4741 0.3558 0.3027 -0.1028 -0.0236 -0.0200 102  DC  C "C4'" 
145 C  "C4'" B DC  B 1 ? 0.4781 0.3514 0.2965 -0.0935 -0.0270 -0.0154 102  DC  C "C4'" 
146 O  "O4'" A DC  B 1 ? 0.4711 0.3285 0.2819 -0.0991 -0.0184 -0.0051 102  DC  C "O4'" 
147 O  "O4'" B DC  B 1 ? 0.4563 0.3255 0.2908 -0.0962 -0.0157 -0.0079 102  DC  C "O4'" 
148 C  "C3'" A DC  B 1 ? 0.4748 0.3556 0.3128 -0.1114 -0.0174 -0.0139 102  DC  C "C3'" 
149 C  "C3'" B DC  B 1 ? 0.4661 0.3517 0.3039 -0.1092 -0.0238 -0.0171 102  DC  C "C3'" 
150 O  "O3'" A DC  B 1 ? 0.4806 0.3613 0.3927 -0.0813 0.0263  0.0032  102  DC  C "O3'" 
151 O  "O3'" B DC  B 1 ? 0.4662 0.3948 0.3360 -0.1130 -0.0272 -0.0249 102  DC  C "O3'" 
152 C  "C2'" A DC  B 1 ? 0.4621 0.3356 0.2901 -0.1238 -0.0120 -0.0209 102  DC  C "C2'" 
153 C  "C2'" B DC  B 1 ? 0.4673 0.3385 0.2906 -0.1202 -0.0089 -0.0181 102  DC  C "C2'" 
154 C  "C1'" A DC  B 1 ? 0.4729 0.3077 0.2735 -0.1113 0.0010  -0.0144 102  DC  C "C1'" 
155 C  "C1'" B DC  B 1 ? 0.4706 0.3110 0.2744 -0.1131 0.0029  -0.0142 102  DC  C "C1'" 
156 N  N1    . DC  B 1 ? 0.4721 0.2176 0.2245 -0.1194 0.0188  -0.0185 102  DC  C N1    
157 C  C2    . DC  B 1 ? 0.4485 0.1261 0.2096 -0.1156 0.0409  0.0027  102  DC  C C2    
158 O  O2    . DC  B 1 ? 0.4219 0.2041 0.2213 -0.1499 0.0379  -0.0259 102  DC  C O2    
159 N  N3    . DC  B 1 ? 0.4465 0.1814 0.2073 -0.0965 0.0467  -0.0573 102  DC  C N3    
160 C  C4    . DC  B 1 ? 0.4537 0.2309 0.1923 -0.0950 0.0369  -0.0663 102  DC  C C4    
161 N  N4    . DC  B 1 ? 0.4499 0.3235 0.2147 -0.0860 0.0458  -0.0764 102  DC  C N4    
162 C  C5    . DC  B 1 ? 0.4861 0.2841 0.2031 -0.1108 0.0225  -0.0742 102  DC  C C5    
163 C  C6    . DC  B 1 ? 0.4875 0.2781 0.2081 -0.1259 0.0069  -0.0733 102  DC  C C6    
164 P  P     A DG  B 2 ? 0.4898 0.3725 0.4058 -0.0635 0.0130  -0.0178 103  DG  C P     
165 P  P     B DG  B 2 ? 0.4554 0.4161 0.3375 -0.1154 -0.0457 -0.0249 103  DG  C P     
166 O  OP1   A DG  B 2 ? 0.5097 0.3746 0.3734 -0.0202 -0.0979 -0.0522 103  DG  C OP1   
167 O  OP1   B DG  B 2 ? 0.4599 0.4524 0.3909 -0.0754 -0.0695 -0.0510 103  DG  C OP1   
168 O  OP2   A DG  B 2 ? 0.5101 0.3970 0.4041 -0.0536 0.0104  -0.0105 103  DG  C OP2   
169 O  OP2   B DG  B 2 ? 0.5677 0.4130 0.3671 -0.1360 0.0200  -0.0554 103  DG  C OP2   
170 O  "O5'" A DG  B 2 ? 0.4663 0.3569 0.4012 -0.0510 0.0038  -0.0334 103  DG  C "O5'" 
171 O  "O5'" B DG  B 2 ? 0.4166 0.3987 0.3773 -0.1127 -0.0365 -0.0405 103  DG  C "O5'" 
172 C  "C5'" A DG  B 2 ? 0.3798 0.3850 0.3721 -0.0807 -0.0146 -0.0613 103  DG  C "C5'" 
173 C  "C5'" B DG  B 2 ? 0.3780 0.3880 0.3782 -0.0938 -0.0214 -0.0724 103  DG  C "C5'" 
174 C  "C4'" A DG  B 2 ? 0.3458 0.3366 0.3674 -0.0926 -0.0079 -0.0846 103  DG  C "C4'" 
175 C  "C4'" B DG  B 2 ? 0.3505 0.3408 0.3761 -0.0963 -0.0110 -0.0880 103  DG  C "C4'" 
176 O  "O4'" A DG  B 2 ? 0.3422 0.3019 0.3553 -0.0989 0.0073  -0.0927 103  DG  C "O4'" 
177 O  "O4'" B DG  B 2 ? 0.3424 0.2997 0.3580 -0.0993 0.0092  -0.0947 103  DG  C "O4'" 
178 C  "C3'" A DG  B 2 ? 0.3409 0.3468 0.3939 -0.1209 -0.0006 -0.0991 103  DG  C "C3'" 
179 C  "C3'" B DG  B 2 ? 0.3434 0.3379 0.3964 -0.1222 -0.0039 -0.1009 103  DG  C "C3'" 
180 O  "O3'" A DG  B 2 ? 0.3583 0.3542 0.4439 -0.1102 0.0225  -0.0691 103  DG  C "O3'" 
181 O  "O3'" B DG  B 2 ? 0.3569 0.3606 0.4430 -0.1119 0.0249  -0.0732 103  DG  C "O3'" 
182 C  "C2'" A DG  B 2 ? 0.3488 0.3099 0.3749 -0.1190 0.0014  -0.1063 103  DG  C "C2'" 
183 C  "C2'" B DG  B 2 ? 0.3489 0.2960 0.3712 -0.1190 0.0061  -0.0965 103  DG  C "C2'" 
184 C  "C1'" A DG  B 2 ? 0.3348 0.2951 0.3420 -0.1066 0.0105  -0.0953 103  DG  C "C1'" 
185 C  "C1'" B DG  B 2 ? 0.3349 0.2957 0.3391 -0.1077 0.0105  -0.0954 103  DG  C "C1'" 
186 N  N9    . DG  B 2 ? 0.3385 0.2659 0.2955 -0.1060 0.0237  -0.0964 103  DG  C N9    
187 C  C8    . DG  B 2 ? 0.3560 0.2388 0.2641 -0.1059 0.0110  -0.0782 103  DG  C C8    
188 N  N7    . DG  B 2 ? 0.3463 0.1862 0.2158 -0.0974 0.0155  -0.0418 103  DG  C N7    
189 C  C5    . DG  B 2 ? 0.3263 0.1558 0.1949 -0.0773 0.0191  -0.0100 103  DG  C C5    
190 C  C6    . DG  B 2 ? 0.3247 0.1580 0.1719 -0.0900 0.0347  -0.0104 103  DG  C C6    
191 O  O6    . DG  B 2 ? 0.3195 0.1939 0.1772 -0.0807 0.0317  -0.0126 103  DG  C O6    
192 N  N1    . DG  B 2 ? 0.3402 0.1587 0.1877 -0.0944 0.0503  -0.0243 103  DG  C N1    
193 C  C2    . DG  B 2 ? 0.3506 0.1482 0.2122 -0.1241 0.0704  -0.0267 103  DG  C C2    
194 N  N2    . DG  B 2 ? 0.3518 0.1732 0.2403 -0.1142 0.0809  -0.0575 103  DG  C N2    
195 N  N3    . DG  B 2 ? 0.3486 0.1725 0.2316 -0.1153 0.0573  -0.0232 103  DG  C N3    
196 C  C4    . DG  B 2 ? 0.3216 0.1827 0.2233 -0.0816 0.0222  -0.0203 103  DG  C C4    
197 P  P     . DT  B 3 ? 0.3574 0.3471 0.5163 -0.1102 0.0305  -0.0461 104  DT  C P     
198 O  OP1   . DT  B 3 ? 0.3637 0.4676 0.6600 -0.0480 0.0723  0.0573  104  DT  C OP1   
199 O  OP2   . DT  B 3 ? 0.5299 0.3903 0.4777 -0.1804 -0.0493 -0.0595 104  DT  C OP2   
200 O  "O5'" . DT  B 3 ? 0.4154 0.3148 0.5329 -0.1375 0.0685  -0.0622 104  DT  C "O5'" 
201 C  "C5'" . DT  B 3 ? 0.4457 0.2370 0.5177 -0.1070 0.0651  -0.0390 104  DT  C "C5'" 
202 C  "C4'" . DT  B 3 ? 0.4615 0.1935 0.5339 -0.0986 0.0747  -0.0448 104  DT  C "C4'" 
203 O  "O4'" . DT  B 3 ? 0.4454 0.2077 0.5221 -0.1154 0.0431  -0.0649 104  DT  C "O4'" 
204 C  "C3'" . DT  B 3 ? 0.4332 0.2227 0.5703 -0.1032 0.0827  -0.0372 104  DT  C "C3'" 
205 O  "O3'" . DT  B 3 ? 0.5185 0.2085 0.6174 -0.0667 0.1435  0.0021  104  DT  C "O3'" 
206 C  "C2'" . DT  B 3 ? 0.4346 0.1872 0.4825 -0.1104 0.0418  -0.0132 104  DT  C "C2'" 
207 C  "C1'" . DT  B 3 ? 0.4327 0.1930 0.4338 -0.1106 0.0447  -0.0024 104  DT  C "C1'" 
208 N  N1    . DT  B 3 ? 0.4394 0.1743 0.3895 -0.1187 0.0358  -0.0075 104  DT  C N1    
209 C  C2    . DT  B 3 ? 0.4404 0.1476 0.3400 -0.1041 0.0549  0.0016  104  DT  C C2    
210 O  O2    . DT  B 3 ? 0.4425 0.1606 0.3325 -0.1136 0.0720  -0.0125 104  DT  C O2    
211 N  N3    . DT  B 3 ? 0.4622 0.1404 0.3184 -0.0886 0.0525  -0.0261 104  DT  C N3    
212 C  C4    . DT  B 3 ? 0.4889 0.1554 0.3266 -0.0657 0.0253  -0.0628 104  DT  C C4    
213 O  O4    . DT  B 3 ? 0.5079 0.1931 0.2858 -0.0625 0.0376  -0.0071 104  DT  C O4    
214 C  C5    . DT  B 3 ? 0.5038 0.1357 0.3640 -0.0699 0.0000  -0.0540 104  DT  C C5    
215 C  C7    . DT  B 3 ? 0.5936 0.1477 0.3645 0.0035  -0.0257 -0.0643 104  DT  C C7    
216 C  C6    . DT  B 3 ? 0.4611 0.1701 0.3901 -0.1059 0.0033  -0.0306 104  DT  C C6    
217 P  P     . DA  B 4 ? 0.5046 0.2778 0.6319 -0.0734 0.1370  0.0403  105  DA  C P     
218 O  OP1   . DA  B 4 ? 0.5768 0.3298 0.7157 0.0217  0.2308  0.0651  105  DA  C OP1   
219 O  OP2   . DA  B 4 ? 0.4959 0.5083 0.6990 -0.1517 0.0635  0.1057  105  DA  C OP2   
220 O  "O5'" . DA  B 4 ? 0.4941 0.2282 0.5792 -0.0944 0.1467  0.0051  105  DA  C "O5'" 
221 C  "C5'" . DA  B 4 ? 0.5387 0.1685 0.5017 -0.0659 0.1801  -0.0169 105  DA  C "C5'" 
222 C  "C4'" . DA  B 4 ? 0.5372 0.1760 0.4346 -0.0626 0.1748  -0.0455 105  DA  C "C4'" 
223 O  "O4'" . DA  B 4 ? 0.4984 0.1783 0.3436 -0.0713 0.1158  -0.0164 105  DA  C "O4'" 
224 C  "C3'" . DA  B 4 ? 0.5308 0.1745 0.4028 -0.0670 0.1985  -0.0448 105  DA  C "C3'" 
225 O  "O3'" . DA  B 4 ? 0.5769 0.2249 0.4213 -0.0846 0.2364  -0.0549 105  DA  C "O3'" 
226 C  "C2'" . DA  B 4 ? 0.4915 0.1795 0.3646 -0.0703 0.1640  -0.0428 105  DA  C "C2'" 
227 C  "C1'" . DA  B 4 ? 0.4837 0.1793 0.2720 -0.0697 0.1062  -0.0215 105  DA  C "C1'" 
228 N  N9    . DA  B 4 ? 0.4106 0.2014 0.2267 -0.0701 0.0398  -0.0073 105  DA  C N9    
229 C  C8    . DA  B 4 ? 0.4111 0.2040 0.2278 -0.0472 0.0287  -0.0170 105  DA  C C8    
230 N  N7    . DA  B 4 ? 0.4052 0.1537 0.2299 -0.0517 0.0329  0.0175  105  DA  C N7    
231 C  C5    . DA  B 4 ? 0.4087 0.1841 0.2274 -0.0662 0.0318  -0.0019 105  DA  C C5    
232 C  C6    . DA  B 4 ? 0.4063 0.1890 0.2308 -0.0573 0.0314  0.0190  105  DA  C C6    
233 N  N6    . DA  B 4 ? 0.4135 0.2106 0.2269 -0.0158 0.0345  0.0014  105  DA  C N6    
234 N  N1    . DA  B 4 ? 0.4092 0.1957 0.2337 -0.0749 0.0279  -0.0066 105  DA  C N1    
235 C  C2    . DA  B 4 ? 0.4037 0.2180 0.2374 -0.0815 0.0262  -0.0036 105  DA  C C2    
236 N  N3    . DA  B 4 ? 0.4086 0.1810 0.2382 -0.0752 0.0307  -0.0074 105  DA  C N3    
237 C  C4    . DA  B 4 ? 0.4055 0.1767 0.2358 -0.0643 0.0293  -0.0161 105  DA  C C4    
238 P  P     . DC  B 5 ? 0.5581 0.2704 0.3905 -0.0886 0.2121  -0.0234 106  DC  C P     
239 O  OP1   . DC  B 5 ? 0.6608 0.3523 0.3926 -0.1732 0.2460  -0.0824 106  DC  C OP1   
240 O  OP2   . DC  B 5 ? 0.5761 0.3154 0.5394 -0.0444 0.1820  0.0416  106  DC  C OP2   
241 O  "O5'" . DC  B 5 ? 0.4503 0.2707 0.3695 -0.1136 0.1785  -0.0352 106  DC  C "O5'" 
242 C  "C5'" . DC  B 5 ? 0.4046 0.2661 0.2952 -0.0845 0.1041  0.0197  106  DC  C "C5'" 
243 C  "C4'" . DC  B 5 ? 0.3624 0.2685 0.2401 -0.0942 0.0754  0.0115  106  DC  C "C4'" 
244 O  "O4'" . DC  B 5 ? 0.3650 0.2616 0.2094 -0.1093 0.0634  -0.0057 106  DC  C "O4'" 
245 C  "C3'" . DC  B 5 ? 0.3648 0.2690 0.2721 -0.0957 0.0898  0.0072  106  DC  C "C3'" 
246 O  "O3'" . DC  B 5 ? 0.3763 0.2648 0.3161 -0.0690 0.1134  0.0659  106  DC  C "O3'" 
247 C  "C2'" . DC  B 5 ? 0.3480 0.2628 0.2382 -0.0958 0.0622  0.0223  106  DC  C "C2'" 
248 C  "C1'" . DC  B 5 ? 0.3414 0.2509 0.1898 -0.0906 0.0381  0.0269  106  DC  C "C1'" 
249 N  N1    . DC  B 5 ? 0.3208 0.1966 0.1853 -0.0766 0.0169  0.0322  106  DC  C N1    
250 C  C2    . DC  B 5 ? 0.3157 0.1819 0.1814 -0.0845 0.0128  0.0092  106  DC  C C2    
251 O  O2    . DC  B 5 ? 0.3211 0.1964 0.1699 -0.0676 0.0187  0.0073  106  DC  C O2    
252 N  N3    . DC  B 5 ? 0.3125 0.1860 0.1787 -0.0766 0.0060  0.0264  106  DC  C N3    
253 C  C4    . DC  B 5 ? 0.3233 0.2342 0.1808 -0.0697 0.0012  0.0096  106  DC  C C4    
254 N  N4    . DC  B 5 ? 0.3840 0.1870 0.1743 -0.0484 0.0088  0.0250  106  DC  C N4    
255 C  C5    . DC  B 5 ? 0.3122 0.2785 0.2019 -0.0751 -0.0062 0.0077  106  DC  C C5    
256 C  C6    . DC  B 5 ? 0.3149 0.2314 0.2081 -0.0637 0.0124  0.0240  106  DC  C C6    
257 P  P     . DG  B 6 ? 0.3621 0.2788 0.3889 -0.0640 0.1222  0.0582  107  DG  C P     
258 O  OP1   . DG  B 6 ? 0.4269 0.2783 0.5304 -0.0729 0.2252  0.0246  107  DG  C OP1   
259 O  OP2   . DG  B 6 ? 0.3023 0.4098 0.4417 -0.0754 0.0567  0.1426  107  DG  C OP2   
260 O  "O5'" . DG  B 6 ? 0.2982 0.2734 0.3319 -0.0793 0.0794  0.0428  107  DG  C "O5'" 
261 C  "C5'" . DG  B 6 ? 0.3224 0.2615 0.2984 -0.0877 0.1020  0.0006  107  DG  C "C5'" 
262 C  "C4'" . DG  B 6 ? 0.3157 0.2401 0.2023 -0.1055 0.0716  0.0012  107  DG  C "C4'" 
263 O  "O4'" . DG  B 6 ? 0.3388 0.2288 0.2125 -0.1009 0.0941  -0.0336 107  DG  C "O4'" 
264 C  "C3'" . DG  B 6 ? 0.3141 0.2651 0.2173 -0.1035 0.0465  -0.0107 107  DG  C "C3'" 
265 O  "O3'" . DG  B 6 ? 0.3522 0.2893 0.3066 -0.1592 0.1147  -0.0489 107  DG  C "O3'" 
266 C  "C2'" . DG  B 6 ? 0.3363 0.2147 0.1975 -0.0981 0.0592  0.0234  107  DG  C "C2'" 
267 C  "C1'" . DG  B 6 ? 0.3294 0.1940 0.1772 -0.0911 0.0557  0.0071  107  DG  C "C1'" 
268 N  N9    . DG  B 6 ? 0.3364 0.2002 0.1680 -0.1023 0.0433  -0.0032 107  DG  C N9    
269 C  C8    . DG  B 6 ? 0.3272 0.2723 0.1905 -0.0967 0.0377  -0.0271 107  DG  C C8    
270 N  N7    . DG  B 6 ? 0.3296 0.2734 0.1825 -0.0830 0.0226  -0.0129 107  DG  C N7    
271 C  C5    . DG  B 6 ? 0.3339 0.2165 0.1625 -0.0812 0.0228  0.0269  107  DG  C C5    
272 C  C6    . DG  B 6 ? 0.3334 0.1810 0.1562 -0.0819 0.0074  0.0497  107  DG  C C6    
273 O  O6    . DG  B 6 ? 0.3543 0.2392 0.1444 -0.0872 0.0101  0.0097  107  DG  C O6    
274 N  N1    . DG  B 6 ? 0.3291 0.1765 0.1594 -0.0769 0.0110  0.0100  107  DG  C N1    
275 C  C2    . DG  B 6 ? 0.3147 0.1752 0.1644 -0.0763 0.0127  0.0277  107  DG  C C2    
276 N  N2    . DG  B 6 ? 0.3022 0.1809 0.1646 -0.0423 0.0120  0.0264  107  DG  C N2    
277 N  N3    . DG  B 6 ? 0.3355 0.1989 0.1686 -0.1056 0.0231  0.0121  107  DG  C N3    
278 C  C4    . DG  B 6 ? 0.3309 0.1937 0.1575 -0.1018 0.0299  0.0177  107  DG  C C4    
279 N  N     . DSN C 1 ? 0.3636 0.1621 0.1681 -0.1125 0.0165  0.0034  1    DSN D N     
280 C  CA    . DSN C 1 ? 0.3893 0.1938 0.1798 -0.1203 0.0019  -0.0082 1    DSN D CA    
281 C  C     . DSN C 1 ? 0.3792 0.1918 0.1333 -0.1343 -0.0007 0.0130  1    DSN D C     
282 O  O     . DSN C 1 ? 0.4148 0.2712 0.1596 -0.1243 -0.0257 0.0032  1    DSN D O     
283 C  CB    . DSN C 1 ? 0.4641 0.1750 0.1706 -0.1390 0.0203  -0.0036 1    DSN D CB    
284 O  OG    . DSN C 1 ? 0.4322 0.2134 0.1861 -0.1420 0.0192  -0.0186 1    DSN D OG    
285 N  N     . ALA C 2 ? 0.3753 0.2014 0.1942 -0.1238 0.0068  -0.0159 2    ALA D N     
286 C  CA    . ALA C 2 ? 0.3697 0.2047 0.2061 -0.1231 0.0153  -0.0023 2    ALA D CA    
287 C  C     . ALA C 2 ? 0.3334 0.2475 0.1657 -0.1310 -0.0290 0.0070  2    ALA D C     
288 O  O     . ALA C 2 ? 0.3397 0.2236 0.1816 -0.1320 -0.0209 0.0226  2    ALA D O     
289 C  CB    . ALA C 2 ? 0.3362 0.1962 0.2007 -0.1289 0.0204  0.0058  2    ALA D CB    
290 N  N     . N2C C 3 ? 0.3369 0.2533 0.1886 -0.1254 -0.0319 0.0122  3    N2C D N     
291 C  CA    . N2C C 3 ? 0.3839 0.2571 0.1742 -0.1321 -0.0229 0.0151  3    N2C D CA    
292 C  CB    . N2C C 3 ? 0.3873 0.3137 0.1872 -0.1594 -0.0193 0.0059  3    N2C D CB    
293 S  SG    . N2C C 3 ? 0.4187 0.3392 0.1711 -0.1947 -0.0282 0.0061  3    N2C D SG    
294 C  CD    . N2C C 3 ? 0.4261 0.4261 0.1682 -0.2349 -0.0278 0.0223  3    N2C D CD    
295 C  CN    . N2C C 3 ? 0.3419 0.2910 0.2420 -0.1068 -0.0445 0.0045  3    N2C D CN    
296 C  C     . N2C C 3 ? 0.3734 0.2565 0.2083 -0.1145 -0.0386 0.0363  3    N2C D C     
297 O  O     . N2C C 3 ? 0.4111 0.3035 0.2473 -0.1315 -0.0636 0.0747  3    N2C D O     
298 N  N     . MVA C 4 ? 0.3496 0.2114 0.2253 -0.1064 -0.0286 0.0338  4    MVA D N     
299 C  CN    . MVA C 4 ? 0.3298 0.2516 0.1894 -0.1062 -0.0108 0.0361  4    MVA D CN    
300 C  CA    . MVA C 4 ? 0.4144 0.2145 0.3026 -0.0948 0.0084  0.0368  4    MVA D CA    
301 C  CB    . MVA C 4 ? 0.4364 0.2191 0.3358 -0.0759 0.0273  -0.0028 4    MVA D CB    
302 C  CG1   . MVA C 4 ? 0.4806 0.2183 0.4283 -0.0701 -0.0108 -0.0046 4    MVA D CG1   
303 C  CG2   . MVA C 4 ? 0.5160 0.2555 0.3938 -0.0669 0.1210  -0.0296 4    MVA D CG2   
304 C  C     . MVA C 4 ? 0.4224 0.2027 0.3185 -0.0996 0.0019  0.0498  4    MVA D C     
305 O  O     . MVA C 4 ? 0.4360 0.2503 0.4867 -0.0722 0.0403  0.1373  4    MVA D O     
306 N  N     . DSN C 5 ? 0.4142 0.1894 0.1832 -0.1154 0.0168  0.0129  5    DSN D N     
307 C  CA    . DSN C 5 ? 0.4340 0.2069 0.1884 -0.1016 0.0084  0.0309  5    DSN D CA    
308 C  C     . DSN C 5 ? 0.3881 0.2155 0.1551 -0.1160 -0.0097 0.0329  5    DSN D C     
309 O  O     . DSN C 5 ? 0.4298 0.2813 0.1689 -0.1322 -0.0419 0.0415  5    DSN D O     
310 C  CB    . DSN C 5 ? 0.4359 0.1973 0.2125 -0.1082 0.0002  0.0384  5    DSN D CB    
311 O  OG    . DSN C 5 ? 0.4233 0.1909 0.2098 -0.1033 -0.0082 0.0390  5    DSN D OG    
312 N  N     . ALA C 6 ? 0.3867 0.1982 0.1507 -0.1170 -0.0080 0.0205  6    ALA D N     
313 C  CA    . ALA C 6 ? 0.4147 0.2034 0.1469 -0.1399 0.0120  0.0054  6    ALA D CA    
314 C  C     . ALA C 6 ? 0.4084 0.2197 0.1123 -0.1361 0.0093  -0.0038 6    ALA D C     
315 O  O     . ALA C 6 ? 0.4221 0.2002 0.1568 -0.1158 0.0327  -0.0121 6    ALA D O     
316 C  CB    . ALA C 6 ? 0.3978 0.2154 0.2105 -0.0895 0.0367  -0.0474 6    ALA D CB    
317 N  N     . NCY C 7 ? 0.4046 0.2286 0.1444 -0.1385 0.0055  -0.0224 7    NCY D N     
318 C  CA    . NCY C 7 ? 0.4012 0.2338 0.1325 -0.1393 -0.0187 0.0200  7    NCY D CA    
319 C  CB    . NCY C 7 ? 0.4279 0.2691 0.1403 -0.1364 -0.0347 0.0159  7    NCY D CB    
320 S  SG    . NCY C 7 ? 0.3917 0.2735 0.1548 -0.1386 -0.0312 0.0403  7    NCY D SG    
321 C  CN    . NCY C 7 ? 0.4503 0.2722 0.1741 -0.1909 0.0371  -0.0860 7    NCY D CN    
322 C  C     . NCY C 7 ? 0.3996 0.2274 0.1434 -0.1353 -0.0186 -0.0126 7    NCY D C     
323 O  O     . NCY C 7 ? 0.5486 0.2666 0.1643 -0.1788 -0.0361 -0.0276 7    NCY D O     
324 N  N     . MVA C 8 ? 0.4145 0.1907 0.1417 -0.1284 -0.0012 -0.0059 8    MVA D N     
325 C  CN    . MVA C 8 ? 0.4249 0.2073 0.1337 -0.1027 -0.0227 -0.0046 8    MVA D CN    
326 C  CA    . MVA C 8 ? 0.4422 0.1985 0.1983 -0.1124 0.0308  -0.0077 8    MVA D CA    
327 C  CB    . MVA C 8 ? 0.4492 0.2021 0.2240 -0.0985 0.0271  -0.0129 8    MVA D CB    
328 C  CG1   . MVA C 8 ? 0.4712 0.2173 0.2402 -0.0936 0.0269  -0.0374 8    MVA D CG1   
329 C  CG2   . MVA C 8 ? 0.4489 0.2114 0.2660 -0.0618 0.0939  -0.0072 8    MVA D CG2   
330 C  C     . MVA C 8 ? 0.4587 0.1852 0.1936 -0.1046 0.0249  0.0084  8    MVA D C     
331 O  O     . MVA C 8 ? 0.5441 0.2098 0.1675 -0.0909 -0.0036 -0.0022 8    MVA D O     
332 N  N     . DSN D 1 ? 0.3562 0.1644 0.2618 -0.1018 0.1008  -0.0381 1    DSN E N     
333 C  CA    . DSN D 1 ? 0.3742 0.1985 0.3004 -0.1161 0.1243  -0.0427 1    DSN E CA    
334 C  C     . DSN D 1 ? 0.3389 0.2079 0.3058 -0.1133 0.1229  -0.0598 1    DSN E C     
335 O  O     . DSN D 1 ? 0.3724 0.2831 0.3641 -0.1191 0.1634  -0.1129 1    DSN E O     
336 C  CB    . DSN D 1 ? 0.4389 0.1947 0.3067 -0.1393 0.1523  -0.0382 1    DSN E CB    
337 O  OG    . DSN D 1 ? 0.4576 0.2111 0.2896 -0.1217 0.1352  -0.0377 1    DSN E OG    
338 N  N     . ALA D 2 ? 0.3457 0.1936 0.3010 -0.1183 0.0801  -0.0525 2    ALA E N     
339 C  CA    . ALA D 2 ? 0.3329 0.2013 0.3283 -0.1080 0.1198  -0.0631 2    ALA E CA    
340 C  C     . ALA D 2 ? 0.3160 0.2078 0.3409 -0.1448 0.1506  -0.0750 2    ALA E C     
341 O  O     . ALA D 2 ? 0.3381 0.1925 0.3328 -0.1155 0.1408  -0.1100 2    ALA E O     
342 C  CB    . ALA D 2 ? 0.4584 0.1860 0.3349 -0.0936 0.1110  -0.0428 2    ALA E CB    
343 N  N     . N2C D 3 ? 0.3104 0.2450 0.2879 -0.1255 0.1017  -0.0838 3    N2C E N     
344 C  CA    . N2C D 3 ? 0.3349 0.2658 0.2848 -0.1298 0.1062  -0.0950 3    N2C E CA    
345 C  CB    . N2C D 3 ? 0.3424 0.3219 0.3025 -0.1644 0.1180  -0.1383 3    N2C E CB    
346 S  SG    . N2C D 3 ? 0.3375 0.3132 0.2873 -0.1581 0.1303  -0.1071 3    N2C E SG    
347 C  CD    . N2C D 3 ? 0.3640 0.3510 0.3289 -0.1570 0.1568  -0.1290 3    N2C E CD    
348 C  CN    . N2C D 3 ? 0.2684 0.3596 0.3898 -0.1292 0.0672  -0.1111 3    N2C E CN    
349 C  C     . N2C D 3 ? 0.3750 0.2435 0.3733 -0.1058 0.1305  -0.1173 3    N2C E C     
350 O  O     . N2C D 3 ? 0.3760 0.3021 0.5056 -0.0944 0.1520  -0.1766 3    N2C E O     
351 N  N     . MVA D 4 ? 0.3848 0.2107 0.3552 -0.1003 0.1055  -0.0863 4    MVA E N     
352 C  CN    . MVA D 4 ? 0.3654 0.2083 0.2568 -0.1179 0.0853  -0.1157 4    MVA E CN    
353 C  CA    . MVA D 4 ? 0.4434 0.2234 0.4118 -0.0803 0.0863  -0.0761 4    MVA E CA    
354 C  CB    . MVA D 4 ? 0.4439 0.2328 0.4125 -0.0738 0.0651  -0.0320 4    MVA E CB    
355 C  CG1   . MVA D 4 ? 0.4962 0.2369 0.6255 -0.0638 0.2173  -0.0005 4    MVA E CG1   
356 C  CG2   . MVA D 4 ? 0.4243 0.3478 0.4075 -0.0795 0.0588  -0.0597 4    MVA E CG2   
357 C  C     . MVA D 4 ? 0.4374 0.1911 0.4309 -0.0845 0.0913  -0.0725 4    MVA E C     
358 O  O     . MVA D 4 ? 0.4147 0.2214 0.6791 -0.0607 -0.0046 -0.1447 4    MVA E O     
359 N  N     . DSN D 5 ? 0.4070 0.1696 0.1919 -0.0882 0.0649  -0.0603 5    DSN E N     
360 C  CA    . DSN D 5 ? 0.4741 0.1723 0.2579 -0.0739 0.1366  -0.0630 5    DSN E CA    
361 C  C     . DSN D 5 ? 0.4112 0.1932 0.2318 -0.0886 0.1137  -0.0602 5    DSN E C     
362 O  O     . DSN D 5 ? 0.3797 0.2312 0.3067 -0.1204 0.1357  -0.0672 5    DSN E O     
363 C  CB    . DSN D 5 ? 0.4715 0.1464 0.2742 -0.0782 0.1473  -0.0462 5    DSN E CB    
364 O  OG    . DSN D 5 ? 0.4700 0.1640 0.3042 -0.0820 0.1266  -0.0536 5    DSN E OG    
365 N  N     . ALA D 6 ? 0.4092 0.1821 0.2282 -0.0930 0.1023  -0.0513 6    ALA E N     
366 C  CA    . ALA D 6 ? 0.4314 0.1963 0.2360 -0.0981 0.1274  -0.0416 6    ALA E CA    
367 C  C     . ALA D 6 ? 0.4210 0.2204 0.2216 -0.1126 0.1355  -0.0242 6    ALA E C     
368 O  O     . ALA D 6 ? 0.4843 0.1890 0.2097 -0.1321 0.1392  -0.0574 6    ALA E O     
369 C  CB    . ALA D 6 ? 0.4384 0.2293 0.2469 -0.0769 0.0947  0.0033  6    ALA E CB    
370 N  N     . NCY D 7 ? 0.4639 0.2114 0.2433 -0.1141 0.1471  -0.0177 7    NCY E N     
371 C  CA    . NCY D 7 ? 0.4620 0.2002 0.2964 -0.1200 0.1878  -0.0596 7    NCY E CA    
372 C  CB    . NCY D 7 ? 0.4591 0.2547 0.2867 -0.1086 0.1682  -0.1082 7    NCY E CB    
373 S  SG    . NCY D 7 ? 0.3733 0.2640 0.2754 -0.1294 0.1173  -0.1172 7    NCY E SG    
374 C  CN    . NCY D 7 ? 0.5669 0.2385 0.2316 -0.1243 0.1636  -0.0106 7    NCY E CN    
375 C  C     . NCY D 7 ? 0.4914 0.2066 0.2907 -0.1101 0.1953  -0.0282 7    NCY E C     
376 O  O     . NCY D 7 ? 0.5858 0.2470 0.2863 -0.1372 0.2214  -0.0350 7    NCY E O     
377 N  N     . MVA D 8 ? 0.4852 0.1847 0.2623 -0.0978 0.1671  -0.0114 8    MVA E N     
378 C  CN    . MVA D 8 ? 0.5119 0.1877 0.2352 -0.1454 0.1668  -0.0574 8    MVA E CN    
379 C  CA    . MVA D 8 ? 0.5171 0.1900 0.2617 -0.0950 0.1134  -0.0236 8    MVA E CA    
380 C  CB    . MVA D 8 ? 0.5262 0.2061 0.2593 -0.0881 0.1050  -0.0140 8    MVA E CB    
381 C  CG1   . MVA D 8 ? 0.5446 0.2529 0.2708 -0.0912 0.1120  0.0305  8    MVA E CG1   
382 C  CG2   . MVA D 8 ? 0.6258 0.2305 0.2074 -0.0413 0.0099  0.0072  8    MVA E CG2   
383 C  C     . MVA D 8 ? 0.4945 0.2026 0.2684 -0.0925 0.1217  -0.0353 8    MVA E C     
384 O  O     . MVA D 8 ? 0.5004 0.2325 0.2703 -0.0824 0.1410  -0.0441 8    MVA E O     
385 MG MG    . MG  E . ? 0.3154 0.2700 0.1609 -0.0905 0.0268  -0.0186 201  MG  A MG    
386 MG MG    . MG  F . ? 0.3879 0.3202 0.1807 -0.1349 0.0389  -0.0281 211  MG  C MG    
387 N  N1    . QUI G . ? 0.3340 0.1611 0.1881 -0.0913 0.0477  -0.0250 0    QUI D N1    
388 C  C2    . QUI G . ? 0.3247 0.1380 0.1706 -0.0723 0.0351  -0.0021 0    QUI D C2    
389 C  C3    . QUI G . ? 0.3317 0.1660 0.1717 -0.0739 0.0275  -0.0111 0    QUI D C3    
390 N  N4    . QUI G . ? 0.3202 0.1399 0.1667 -0.0750 0.0358  -0.0111 0    QUI D N4    
391 C  C5    . QUI G . ? 0.3219 0.1668 0.1905 -0.0593 0.0578  0.0046  0    QUI D C5    
392 C  C6    . QUI G . ? 0.3331 0.1858 0.2002 -0.0565 0.0722  -0.0041 0    QUI D C6    
393 C  C7    . QUI G . ? 0.3252 0.1929 0.1965 -0.0718 0.0710  -0.0107 0    QUI D C7    
394 C  C8    . QUI G . ? 0.3334 0.1659 0.2016 -0.0761 0.0670  -0.0142 0    QUI D C8    
395 C  C9    . QUI G . ? 0.3300 0.1446 0.1816 -0.0962 0.0546  -0.0203 0    QUI D C9    
396 C  C10   . QUI G . ? 0.3339 0.1633 0.1840 -0.0773 0.0511  -0.0133 0    QUI D C10   
397 C  C     . QUI G . ? 0.3329 0.1353 0.1711 -0.0823 0.0275  0.0057  0    QUI D C     
398 O  O1    . QUI G . ? 0.3342 0.2116 0.1890 -0.1258 0.0214  0.0095  0    QUI D O1    
399 N  N1    . QUI H . ? 0.5238 0.1967 0.1711 -0.1160 0.0605  -0.0010 9    QUI D N1    
400 C  C2    . QUI H . ? 0.5009 0.1744 0.1725 -0.1289 0.0370  -0.0096 9    QUI D C2    
401 C  C3    . QUI H . ? 0.5265 0.1520 0.1707 -0.0807 0.0094  0.0079  9    QUI D C3    
402 N  N4    . QUI H . ? 0.5549 0.1864 0.1702 -0.0732 0.0158  0.0033  9    QUI D N4    
403 C  C5    . QUI H . ? 0.5933 0.1929 0.1813 -0.0687 0.0386  -0.0054 9    QUI D C5    
404 C  C6    . QUI H . ? 0.6100 0.2327 0.1918 -0.0924 0.0533  -0.0226 9    QUI D C6    
405 C  C7    . QUI H . ? 0.5948 0.2732 0.1856 -0.1148 0.0739  -0.0422 9    QUI D C7    
406 C  C8    . QUI H . ? 0.5742 0.2415 0.1768 -0.1195 0.0787  -0.0195 9    QUI D C8    
407 C  C9    . QUI H . ? 0.5527 0.2092 0.1760 -0.1025 0.0566  -0.0066 9    QUI D C9    
408 C  C10   . QUI H . ? 0.5689 0.1633 0.1812 -0.0730 0.0313  0.0086  9    QUI D C10   
409 C  C     . QUI H . ? 0.4325 0.1744 0.1766 -0.1480 0.0367  -0.0088 9    QUI D C     
410 O  O1    . QUI H . ? 0.4083 0.2168 0.1877 -0.1117 0.0280  0.0312  9    QUI D O1    
411 N  N1    . QUI I . ? 0.3605 0.1430 0.1922 -0.0987 0.0664  -0.0010 0    QUI E N1    
412 C  C2    . QUI I . ? 0.3438 0.1374 0.1928 -0.0886 0.0694  -0.0002 0    QUI E C2    
413 C  C3    . QUI I . ? 0.3387 0.1569 0.1936 -0.0912 0.0600  -0.0127 0    QUI E C3    
414 N  N4    . QUI I . ? 0.3331 0.1460 0.1943 -0.0643 0.0505  -0.0159 0    QUI E N4    
415 C  C5    . QUI I . ? 0.3472 0.1979 0.2059 -0.0583 0.0309  -0.0262 0    QUI E C5    
416 C  C6    . QUI I . ? 0.3677 0.1533 0.1997 -0.0480 0.0193  -0.0116 0    QUI E C6    
417 C  C7    . QUI I . ? 0.3720 0.1793 0.2125 -0.0712 0.0295  -0.0328 0    QUI E C7    
418 C  C8    . QUI I . ? 0.3755 0.1870 0.2043 -0.0882 0.0424  -0.0189 0    QUI E C8    
419 C  C9    . QUI I . ? 0.3591 0.1293 0.1812 -0.0801 0.0497  0.0111  0    QUI E C9    
420 C  C10   . QUI I . ? 0.3464 0.1686 0.1934 -0.0703 0.0454  -0.0089 0    QUI E C10   
421 C  C     . QUI I . ? 0.3465 0.1518 0.2192 -0.0651 0.0664  -0.0027 0    QUI E C     
422 O  O1    . QUI I . ? 0.3223 0.1943 0.2597 -0.0848 0.0859  -0.0494 0    QUI E O1    
423 N  N1    . QUI J . ? 0.4049 0.1800 0.1884 -0.0631 0.0575  -0.0248 9    QUI E N1    
424 C  C2    . QUI J . ? 0.3935 0.1992 0.2041 -0.0740 0.0601  -0.0448 9    QUI E C2    
425 C  C3    . QUI J . ? 0.3942 0.1809 0.2089 -0.0461 0.0642  -0.0048 9    QUI E C3    
426 N  N4    . QUI J . ? 0.4160 0.1676 0.2155 -0.0499 0.0753  -0.0082 9    QUI E N4    
427 C  C5    . QUI J . ? 0.4510 0.2095 0.2149 -0.0708 0.0889  -0.0338 9    QUI E C5    
428 C  C6    . QUI J . ? 0.4615 0.2074 0.1952 -0.0754 0.0884  -0.0004 9    QUI E C6    
429 C  C7    . QUI J . ? 0.4610 0.2543 0.1931 -0.0985 0.0826  -0.0399 9    QUI E C7    
430 C  C8    . QUI J . ? 0.4468 0.2363 0.1894 -0.1098 0.0753  -0.0492 9    QUI E C8    
431 C  C9    . QUI J . ? 0.4299 0.1983 0.1979 -0.0845 0.0707  -0.0368 9    QUI E C9    
432 C  C10   . QUI J . ? 0.4286 0.1632 0.2012 -0.0577 0.0760  0.0057  9    QUI E C10   
433 C  C     . QUI J . ? 0.3973 0.1854 0.1934 -0.0766 0.0571  -0.0296 9    QUI E C     
434 O  O1    . QUI J . ? 0.4013 0.1863 0.2000 -0.0886 0.0553  -0.0299 9    QUI E O1    
435 O  O     . HOH K . ? 0.3499 0.5933 0.4396 -0.1054 -0.0993 0.0492  2001 HOH A O     
436 O  O     . HOH K . ? 0.5206 0.5834 0.6204 -0.0006 -0.1637 -0.1645 2002 HOH A O     
437 O  O     . HOH K . ? 0.3871 0.5486 0.2301 -0.1538 0.0432  0.1238  2003 HOH A O     
438 O  O     . HOH K . ? 0.6360 0.3977 0.3941 0.0368  -0.0802 -0.0542 2004 HOH A O     
439 O  O     . HOH K . ? 0.3051 0.3582 0.1855 -0.0929 0.0431  -0.0443 2005 HOH A O     
440 O  O     . HOH K . ? 0.3640 0.2541 0.2410 0.0047  0.0792  0.0046  2006 HOH A O     
441 O  O     . HOH K . ? 0.4409 0.3851 0.5035 -0.1013 0.0951  0.0458  2007 HOH A O     
442 O  O     . HOH K . ? 0.4479 0.5022 0.3824 -0.1094 0.1037  -0.2043 2008 HOH A O     
443 O  O     . HOH K . ? 0.4796 0.3049 0.6705 -0.0122 0.1325  0.0148  2009 HOH A O     
444 O  O     . HOH K . ? 0.4198 0.6186 0.3478 0.0622  -0.0369 -0.1281 2010 HOH A O     
445 O  O     . HOH K . ? 0.9522 0.5945 0.1900 -0.0818 0.1152  -0.0162 2011 HOH A O     
446 O  O     . HOH K . ? 0.4171 0.4039 0.3104 -0.0418 -0.0195 -0.0660 2012 HOH A O     
447 O  O     . HOH K . ? 0.5473 0.4587 0.6777 0.0340  -0.0663 -0.0778 2013 HOH A O     
448 O  O     . HOH K . ? 0.5300 0.7650 0.5494 -0.0542 -0.1116 0.0714  2014 HOH A O     
449 O  O     . HOH K . ? 0.3360 0.7521 0.6060 -0.1083 -0.0242 -0.3169 2015 HOH A O     
450 O  O     . HOH K . ? 0.5352 0.6771 0.3118 -0.2104 -0.0173 -0.0430 2016 HOH A O     
451 O  O     . HOH K . ? 0.7525 0.3626 0.4497 0.1034  0.1301  -0.0249 2017 HOH A O     
452 O  O     . HOH L . ? 0.3919 0.7688 0.5314 -0.0895 0.0518  -0.1417 2001 HOH C O     
453 O  O     . HOH L . ? 0.3287 0.2572 0.1863 -0.0843 0.0144  -0.0190 2002 HOH C O     
454 O  O     . HOH L . ? 0.2839 0.4005 0.2196 0.0148  -0.0223 0.0068  2003 HOH C O     
455 O  O     . HOH L . ? 0.5096 0.4156 0.4508 -0.1950 0.0193  0.0934  2004 HOH C O     
456 O  O     . HOH L . ? 0.4157 0.4225 0.5029 -0.0929 -0.0766 -0.0291 2005 HOH C O     
457 O  O     . HOH L . ? 0.4481 0.4800 0.3282 -0.0749 -0.0040 0.0917  2006 HOH C O     
458 O  O     . HOH L . ? 0.4926 0.4690 0.2527 0.0414  0.0346  -0.0206 2007 HOH C O     
459 O  O     . HOH L . ? 0.4161 0.4122 0.3505 -0.1660 0.0318  0.0422  2008 HOH C O     
460 O  O     . HOH L . ? 0.3363 0.6710 0.3557 -0.0714 0.0594  -0.1831 2009 HOH C O     
461 O  O     . HOH L . ? 0.3546 0.5867 0.2681 -0.1127 0.0257  -0.1915 2010 HOH C O     
462 O  O     . HOH L . ? 0.7103 0.6401 0.6927 0.0097  -0.0441 -0.1041 2011 HOH C O     
463 O  O     . HOH L . ? 0.4525 0.5110 0.5206 -0.1227 0.0667  0.1237  2012 HOH C O     
464 O  O     . HOH L . ? 0.4063 0.6092 0.4837 -0.1232 0.0709  -0.0421 2013 HOH C O     
465 O  O     . HOH L . ? 0.3320 0.5057 0.2849 -0.0552 -0.0660 -0.0525 2014 HOH C O     
466 O  O     . HOH M . ? 0.3216 0.3419 0.1506 -0.0898 -0.0003 -0.0085 2001 HOH D O     
467 O  O     . HOH M . ? 0.4920 0.3755 0.2656 -0.2111 -0.0331 -0.0216 2002 HOH D O     
468 O  O     . HOH M . ? 0.5308 0.4563 0.3777 -0.0505 0.0122  0.1047  2003 HOH D O     
469 O  O     . HOH M . ? 0.5822 0.3944 0.3835 -0.1577 -0.0231 -0.0734 2004 HOH D O     
470 O  O     . HOH M . ? 0.4680 0.7782 0.4379 -0.1361 -0.0472 -0.0203 2005 HOH D O     
471 O  O     . HOH N . ? 0.3169 0.3319 0.2238 -0.0960 0.0732  -0.0870 2001 HOH E O     
472 O  O     . HOH N . ? 0.4595 0.2887 0.3766 -0.1413 0.1618  -0.0355 2002 HOH E O     
473 O  O     . HOH N . ? 0.3722 0.3514 0.3978 -0.0982 0.0493  -0.0744 2003 HOH E O     
474 O  O     . HOH N . ? 0.3703 0.5531 0.4553 -0.0702 0.0482  -0.0921 2004 HOH E O     
475 O  O     . HOH N . ? 0.5567 0.5459 0.3508 -0.0351 0.0777  -0.0512 2005 HOH E O     
476 O  O     . HOH N . ? 0.4716 0.5397 0.3466 -0.1654 0.0629  0.0202  2006 HOH E O     
477 O  O     . HOH N . ? 0.5979 0.4486 0.4505 -0.0943 0.1157  -0.1055 2007 HOH E O     
# 
